data_8GRJ
#
_entry.id   8GRJ
#
_cell.length_a   111.235
_cell.length_b   111.235
_cell.length_c   527.106
_cell.angle_alpha   90.000
_cell.angle_beta   90.000
_cell.angle_gamma   120.000
#
_symmetry.space_group_name_H-M   'P 65 2 2'
#
loop_
_entity.id
_entity.type
_entity.pdbx_description
1 polymer 'twin-arginine translocation pathway signal'
2 polymer 'Glucose dehydrogenase'
3 non-polymer 'FLAVIN-ADENINE DINUCLEOTIDE'
4 non-polymer 'FE3-S4 CLUSTER'
5 non-polymer D-glucono-1,5-lactone
6 water water
#
loop_
_entity_poly.entity_id
_entity_poly.type
_entity_poly.pdbx_seq_one_letter_code
_entity_poly.pdbx_strand_id
1 'polypeptide(L)'
;MHNDNTPHSRRHGDAAASGITRRQWLQGALALTAAGLTGSLTLRALADNPGTAPLDTFMTLSESLTGKKGLSRVIGERLL
QALQKGSFKTADSLPQLAGALASGSLTPEQESLALTILEAWYLGIVDNVVITYEEALMFGVVSDTLVIRSYCPNKPGFWA
DKPIERQA
;
A,C
2 'polypeptide(L)'
;MADTDTQKADVVVVGSGVAGAIVAHQLAMAGKAVILLEAGPRMPRWEIVERFRNQPDKMDFMAPYPSSPWAPHPEYGPPN
DYLILKGEHKFNSQYIRAVGGTTWHWAASAWRFIPNDFKMKSVYGVGRDWPIQYDDLEPYYQRAEEELGVWGPGPEEDLY
SPRKQPYPMPPLPLSFNEQTIKTALNNYDPKFHVVTEPVARNSRPYDGRPTCCGNNNCMPICPIGAMYNGIVHVEKAERA
GAKLIENAVVYKLETGPDKRIVAALYKDKTGAEHRVEGKYFVLAANGIETPKILLMSANRDFPNGVANSSDMVGRNLMDH
PGTGVSFYASEKLWPGRGPQEMTSLIGFRDGPFRATEAAKKIHLSNLSRIDQETQKIFKAGKLMKPDELDAQIRDRSARY
VQFDCFHEILPQPENRIVPSKTATDAIGIPRPEITYAIDDYVKRGAAHTREVYATAAKVLGGTDVVFNDEFAPNNHITGS
TIMGADARDSVVDKDCRTFDHPNLFISSSATMPTVGTVNVTLTIAALALRMSDTLKKEVHHHHHH
;
B,D
#
# COMPACT_ATOMS: atom_id res chain seq x y z
N THR A 52 3.95 -18.26 53.66
CA THR A 52 3.53 -17.27 52.62
C THR A 52 4.01 -15.88 53.07
N ALA A 53 5.21 -15.48 52.62
CA ALA A 53 5.82 -14.14 52.75
C ALA A 53 4.91 -13.14 52.03
N PRO A 54 5.24 -11.82 51.98
CA PRO A 54 4.41 -10.89 51.20
C PRO A 54 4.46 -11.34 49.72
N LEU A 55 5.64 -11.77 49.25
CA LEU A 55 5.86 -12.13 47.82
C LEU A 55 4.92 -13.26 47.40
N ASP A 56 4.84 -14.34 48.16
CA ASP A 56 3.97 -15.50 47.82
C ASP A 56 2.56 -15.01 47.51
N THR A 57 1.97 -14.25 48.43
CA THR A 57 0.57 -13.77 48.38
C THR A 57 0.44 -12.80 47.19
N PHE A 58 1.40 -11.87 47.05
CA PHE A 58 1.43 -10.87 45.95
C PHE A 58 1.33 -11.65 44.66
N MET A 59 2.22 -12.61 44.52
CA MET A 59 2.41 -13.32 43.24
C MET A 59 1.16 -14.13 42.86
N THR A 60 0.39 -14.66 43.82
CA THR A 60 -0.82 -15.47 43.54
C THR A 60 -1.98 -14.51 43.25
N LEU A 61 -2.10 -13.42 44.01
CA LEU A 61 -3.04 -12.29 43.72
C LEU A 61 -2.90 -11.89 42.26
N SER A 62 -1.66 -11.66 41.86
CA SER A 62 -1.28 -11.19 40.51
C SER A 62 -1.71 -12.24 39.47
N GLU A 63 -1.46 -13.53 39.71
CA GLU A 63 -1.90 -14.62 38.80
C GLU A 63 -3.44 -14.61 38.68
N SER A 64 -4.18 -14.17 39.69
CA SER A 64 -5.67 -14.11 39.65
C SER A 64 -6.10 -12.90 38.84
N LEU A 65 -5.63 -11.73 39.29
CA LEU A 65 -5.98 -10.39 38.75
C LEU A 65 -5.58 -10.28 37.27
N THR A 66 -4.37 -10.72 36.88
CA THR A 66 -3.86 -10.63 35.49
C THR A 66 -4.31 -11.82 34.62
N GLY A 67 -4.51 -12.98 35.23
CA GLY A 67 -4.86 -14.22 34.52
C GLY A 67 -3.66 -14.87 33.85
N LYS A 68 -2.47 -14.27 33.88
CA LYS A 68 -1.27 -14.83 33.20
C LYS A 68 -0.53 -15.77 34.14
N LYS A 69 -0.18 -16.96 33.65
CA LYS A 69 0.59 -17.97 34.41
C LYS A 69 2.05 -17.83 34.01
N GLY A 70 2.96 -17.76 34.97
CA GLY A 70 4.41 -17.71 34.72
C GLY A 70 4.95 -16.30 34.77
N LEU A 71 4.31 -15.41 35.53
CA LEU A 71 4.80 -14.03 35.75
C LEU A 71 6.12 -14.14 36.50
N SER A 72 7.12 -13.38 36.08
CA SER A 72 8.45 -13.34 36.72
C SER A 72 8.30 -13.00 38.21
N ARG A 73 9.03 -13.72 39.06
CA ARG A 73 9.15 -13.35 40.48
C ARG A 73 10.30 -12.36 40.63
N VAL A 74 11.24 -12.33 39.68
CA VAL A 74 12.34 -11.32 39.70
C VAL A 74 11.72 -9.93 39.49
N ILE A 75 10.71 -9.81 38.61
CA ILE A 75 9.94 -8.56 38.37
C ILE A 75 8.90 -8.42 39.47
N GLY A 76 8.21 -9.51 39.84
CA GLY A 76 7.22 -9.49 40.93
C GLY A 76 7.75 -8.89 42.23
N GLU A 77 8.92 -9.36 42.69
CA GLU A 77 9.63 -8.80 43.87
C GLU A 77 9.82 -7.28 43.66
N ARG A 78 10.29 -6.83 42.49
CA ARG A 78 10.57 -5.39 42.20
C ARG A 78 9.28 -4.57 42.28
N LEU A 79 8.18 -5.09 41.76
CA LEU A 79 6.87 -4.37 41.81
C LEU A 79 6.37 -4.32 43.26
N LEU A 80 6.46 -5.43 44.01
CA LEU A 80 6.10 -5.49 45.44
C LEU A 80 6.85 -4.38 46.19
N GLN A 81 8.19 -4.38 46.13
CA GLN A 81 9.07 -3.45 46.87
C GLN A 81 8.73 -2.01 46.51
N ALA A 82 8.51 -1.71 45.23
CA ALA A 82 8.14 -0.37 44.74
C ALA A 82 6.79 0.04 45.33
N LEU A 83 5.81 -0.85 45.26
CA LEU A 83 4.43 -0.60 45.76
C LEU A 83 4.43 -0.38 47.28
N GLN A 84 5.36 -1.02 48.03
CA GLN A 84 5.46 -1.01 49.52
C GLN A 84 6.01 0.33 50.03
N LYS A 85 6.39 1.22 49.11
CA LYS A 85 6.59 2.67 49.36
C LYS A 85 5.25 3.33 49.71
N GLY A 86 4.16 2.99 49.02
CA GLY A 86 2.88 3.74 49.09
C GLY A 86 1.67 2.88 49.44
N SER A 87 1.75 1.58 49.22
CA SER A 87 0.63 0.62 49.46
C SER A 87 1.13 -0.47 50.41
N PHE A 88 0.22 -1.35 50.87
CA PHE A 88 0.52 -2.54 51.72
C PHE A 88 1.31 -2.14 52.96
N LYS A 89 0.85 -1.11 53.69
CA LYS A 89 1.52 -0.59 54.90
C LYS A 89 1.24 -1.57 56.05
N THR A 90 0.00 -2.08 56.15
CA THR A 90 -0.42 -3.24 57.00
C THR A 90 0.22 -4.51 56.42
N ALA A 91 0.34 -5.58 57.22
CA ALA A 91 0.72 -6.93 56.76
C ALA A 91 -0.56 -7.76 56.57
N ASP A 92 -1.72 -7.11 56.71
CA ASP A 92 -3.07 -7.73 56.63
C ASP A 92 -3.73 -7.43 55.28
N SER A 93 -3.35 -6.31 54.65
CA SER A 93 -4.03 -5.74 53.44
C SER A 93 -3.97 -6.73 52.27
N LEU A 94 -2.87 -7.47 52.13
CA LEU A 94 -2.63 -8.36 50.95
C LEU A 94 -3.36 -9.67 51.14
N PRO A 95 -3.12 -10.43 52.22
CA PRO A 95 -3.94 -11.61 52.53
C PRO A 95 -5.44 -11.28 52.50
N GLN A 96 -5.84 -10.11 53.00
CA GLN A 96 -7.27 -9.70 53.04
C GLN A 96 -7.76 -9.52 51.59
N LEU A 97 -7.03 -8.76 50.77
CA LEU A 97 -7.40 -8.53 49.34
C LEU A 97 -7.47 -9.87 48.59
N ALA A 98 -6.54 -10.78 48.82
CA ALA A 98 -6.58 -12.15 48.23
C ALA A 98 -7.89 -12.86 48.58
N GLY A 99 -8.34 -12.75 49.83
CA GLY A 99 -9.58 -13.38 50.32
C GLY A 99 -10.80 -12.81 49.62
N ALA A 100 -11.02 -11.50 49.73
CA ALA A 100 -12.20 -10.79 49.18
C ALA A 100 -12.26 -11.01 47.67
N LEU A 101 -11.11 -10.93 47.00
CA LEU A 101 -10.98 -11.09 45.51
C LEU A 101 -11.40 -12.51 45.15
N ALA A 102 -10.93 -13.52 45.91
CA ALA A 102 -11.49 -14.89 45.88
C ALA A 102 -13.02 -14.75 46.01
N SER A 103 -13.75 -15.76 46.50
CA SER A 103 -15.23 -15.67 46.58
C SER A 103 -15.64 -14.32 47.20
N GLY A 104 -16.72 -13.73 46.67
CA GLY A 104 -17.37 -12.55 47.24
C GLY A 104 -17.07 -11.28 46.46
N SER A 105 -17.11 -10.15 47.14
CA SER A 105 -16.99 -8.79 46.58
C SER A 105 -15.88 -8.01 47.29
N LEU A 106 -15.58 -6.84 46.77
CA LEU A 106 -14.50 -5.94 47.23
C LEU A 106 -15.13 -4.62 47.68
N THR A 107 -14.49 -3.94 48.62
CA THR A 107 -14.81 -2.53 48.98
C THR A 107 -14.24 -1.66 47.87
N PRO A 108 -14.82 -0.50 47.52
CA PRO A 108 -14.20 0.41 46.56
C PRO A 108 -12.71 0.66 46.82
N GLU A 109 -12.25 0.43 48.05
CA GLU A 109 -10.83 0.59 48.49
C GLU A 109 -10.03 -0.68 48.21
N GLN A 110 -10.64 -1.88 48.35
CA GLN A 110 -10.02 -3.18 47.93
C GLN A 110 -9.90 -3.28 46.41
N GLU A 111 -10.94 -2.89 45.67
CA GLU A 111 -10.95 -2.86 44.18
C GLU A 111 -9.95 -1.79 43.73
N SER A 112 -9.78 -0.72 44.50
CA SER A 112 -8.79 0.33 44.20
C SER A 112 -7.39 -0.26 44.29
N LEU A 113 -7.18 -1.20 45.22
CA LEU A 113 -5.85 -1.84 45.43
C LEU A 113 -5.61 -2.87 44.32
N ALA A 114 -6.56 -3.76 44.07
CA ALA A 114 -6.52 -4.68 42.90
C ALA A 114 -6.02 -3.90 41.69
N LEU A 115 -6.65 -2.76 41.41
CA LEU A 115 -6.35 -1.95 40.20
C LEU A 115 -4.89 -1.50 40.25
N THR A 116 -4.46 -0.95 41.40
CA THR A 116 -3.06 -0.55 41.70
C THR A 116 -2.11 -1.69 41.34
N ILE A 117 -2.49 -2.93 41.65
CA ILE A 117 -1.64 -4.13 41.38
C ILE A 117 -1.66 -4.41 39.87
N LEU A 118 -2.83 -4.43 39.23
CA LEU A 118 -2.94 -4.71 37.78
C LEU A 118 -2.13 -3.69 36.99
N GLU A 119 -2.42 -2.42 37.28
CA GLU A 119 -1.77 -1.20 36.73
C GLU A 119 -0.24 -1.35 36.72
N ALA A 120 0.34 -1.91 37.79
CA ALA A 120 1.81 -2.03 37.95
C ALA A 120 2.36 -3.09 37.01
N TRP A 121 1.62 -4.17 36.80
CA TRP A 121 2.04 -5.27 35.88
C TRP A 121 1.85 -4.83 34.43
N TYR A 122 0.76 -4.13 34.13
CA TYR A 122 0.41 -3.70 32.74
C TYR A 122 1.34 -2.57 32.27
N LEU A 123 1.46 -1.47 33.02
CA LEU A 123 2.23 -0.26 32.59
C LEU A 123 3.72 -0.50 32.87
N GLY A 124 4.01 -1.22 33.96
CA GLY A 124 5.39 -1.49 34.41
C GLY A 124 5.99 -0.32 35.19
N ILE A 125 5.18 0.69 35.55
CA ILE A 125 5.66 1.91 36.26
C ILE A 125 4.95 1.99 37.63
N VAL A 126 5.71 2.23 38.70
CA VAL A 126 5.12 2.59 40.02
C VAL A 126 5.75 3.90 40.44
N ASP A 127 4.93 4.88 40.85
CA ASP A 127 5.33 6.23 41.34
C ASP A 127 6.30 6.89 40.33
N ASN A 128 5.89 6.97 39.05
CA ASN A 128 6.69 7.53 37.93
C ASN A 128 8.13 7.01 37.97
N VAL A 129 8.32 5.70 38.14
CA VAL A 129 9.62 4.97 37.99
C VAL A 129 9.38 3.67 37.22
N VAL A 130 10.04 3.52 36.08
CA VAL A 130 10.04 2.26 35.28
C VAL A 130 10.65 1.15 36.14
N ILE A 131 9.87 0.10 36.41
CA ILE A 131 10.32 -1.15 37.11
C ILE A 131 10.80 -2.12 36.03
N THR A 132 10.01 -2.21 34.97
CA THR A 132 10.28 -3.03 33.76
C THR A 132 9.72 -2.28 32.54
N TYR A 133 10.47 -2.28 31.44
CA TYR A 133 9.94 -1.79 30.14
C TYR A 133 9.52 -2.99 29.30
N GLU A 134 10.43 -3.90 28.99
CA GLU A 134 10.16 -4.95 27.97
C GLU A 134 9.10 -5.96 28.46
N GLU A 135 9.00 -6.20 29.76
CA GLU A 135 8.17 -7.32 30.33
C GLU A 135 6.83 -6.81 30.86
N ALA A 136 6.52 -5.53 30.63
CA ALA A 136 5.19 -4.92 30.89
C ALA A 136 4.11 -5.68 30.12
N LEU A 137 2.99 -5.98 30.76
CA LEU A 137 2.02 -6.99 30.23
C LEU A 137 1.21 -6.42 29.05
N MET A 138 0.98 -5.11 29.02
CA MET A 138 0.12 -4.48 27.99
C MET A 138 0.72 -4.78 26.62
N PHE A 139 2.06 -4.77 26.51
CA PHE A 139 2.80 -5.05 25.25
C PHE A 139 2.50 -6.47 24.79
N GLY A 140 2.42 -7.39 25.75
CA GLY A 140 2.20 -8.82 25.50
C GLY A 140 0.81 -9.09 24.94
N VAL A 141 -0.15 -8.22 25.24
CA VAL A 141 -1.57 -8.33 24.83
C VAL A 141 -1.74 -8.05 23.34
N VAL A 142 -0.82 -7.31 22.72
CA VAL A 142 -0.93 -6.92 21.28
C VAL A 142 0.35 -7.30 20.53
N SER A 143 1.17 -8.20 21.08
CA SER A 143 2.49 -8.66 20.57
C SER A 143 2.40 -9.13 19.10
N ASP A 144 1.28 -9.78 18.74
CA ASP A 144 0.98 -10.32 17.38
C ASP A 144 1.05 -9.20 16.33
N THR A 145 0.59 -7.99 16.65
CA THR A 145 0.46 -6.87 15.66
C THR A 145 1.45 -5.72 15.98
N LEU A 146 1.51 -5.21 17.22
CA LEU A 146 2.32 -4.02 17.60
C LEU A 146 3.67 -4.42 18.24
N VAL A 147 4.72 -3.66 17.94
CA VAL A 147 6.04 -3.80 18.62
C VAL A 147 6.10 -2.86 19.81
N ILE A 148 7.13 -3.08 20.61
CA ILE A 148 7.56 -2.22 21.73
C ILE A 148 8.52 -1.19 21.14
N ARG A 149 8.23 0.10 21.27
CA ARG A 149 9.03 1.16 20.62
C ARG A 149 10.49 1.04 21.07
N SER A 150 11.40 0.86 20.11
CA SER A 150 12.87 0.82 20.23
C SER A 150 13.37 -0.62 20.10
N TYR A 151 12.46 -1.59 19.98
CA TYR A 151 12.77 -3.01 19.68
C TYR A 151 12.16 -3.39 18.32
N CYS A 152 12.99 -3.72 17.32
CA CYS A 152 12.53 -4.17 15.97
C CYS A 152 11.71 -5.44 16.13
N PRO A 153 10.77 -5.78 15.21
CA PRO A 153 10.42 -7.19 14.98
C PRO A 153 11.60 -7.82 14.22
N ASN A 154 11.88 -9.13 14.41
CA ASN A 154 13.00 -9.83 13.72
C ASN A 154 12.65 -10.04 12.23
N LYS A 155 11.41 -9.73 11.83
CA LYS A 155 10.88 -9.79 10.44
C LYS A 155 11.19 -8.48 9.71
N PRO A 156 10.87 -8.33 8.40
CA PRO A 156 10.93 -7.02 7.72
C PRO A 156 9.99 -5.96 8.30
N GLY A 157 9.32 -6.27 9.42
CA GLY A 157 8.27 -5.44 10.04
C GLY A 157 6.93 -5.74 9.38
N PHE A 158 6.87 -5.53 8.06
CA PHE A 158 5.68 -5.57 7.17
C PHE A 158 4.41 -5.06 7.86
N TRP A 159 4.15 -3.76 7.67
CA TRP A 159 3.07 -3.01 8.36
C TRP A 159 1.92 -2.66 7.41
N ALA A 160 2.03 -3.07 6.14
CA ALA A 160 1.09 -2.73 5.05
C ALA A 160 -0.17 -3.60 5.15
N ASP A 161 -0.02 -4.82 5.66
CA ASP A 161 -1.09 -5.81 5.96
C ASP A 161 -2.08 -5.24 6.99
N LYS A 162 -3.35 -5.62 6.93
CA LYS A 162 -4.31 -5.37 8.03
C LYS A 162 -4.18 -6.49 9.06
N PRO A 163 -3.87 -6.21 10.34
CA PRO A 163 -3.84 -7.25 11.37
C PRO A 163 -5.11 -8.11 11.39
N ILE A 164 -4.95 -9.42 11.62
CA ILE A 164 -6.05 -10.43 11.64
C ILE A 164 -6.41 -10.69 13.10
N GLU A 165 -7.71 -10.62 13.45
CA GLU A 165 -8.27 -10.58 14.84
C GLU A 165 -7.73 -9.33 15.55
N ALA B 9 42.86 27.71 13.38
CA ALA B 9 42.85 27.24 11.97
C ALA B 9 41.97 28.16 11.09
N ASP B 10 41.66 27.74 9.85
CA ASP B 10 41.05 28.57 8.77
C ASP B 10 39.59 28.92 9.09
N VAL B 11 38.77 27.91 9.39
CA VAL B 11 37.30 28.07 9.61
C VAL B 11 36.97 27.59 11.03
N VAL B 12 36.20 28.39 11.78
CA VAL B 12 35.64 28.03 13.11
C VAL B 12 34.13 27.87 12.95
N VAL B 13 33.61 26.69 13.30
CA VAL B 13 32.14 26.39 13.26
C VAL B 13 31.65 26.13 14.68
N VAL B 14 30.63 26.90 15.08
CA VAL B 14 29.94 26.85 16.40
C VAL B 14 28.58 26.18 16.18
N GLY B 15 28.50 24.91 16.62
CA GLY B 15 27.27 24.10 16.60
C GLY B 15 27.45 22.85 15.76
N SER B 16 27.61 21.69 16.41
CA SER B 16 27.73 20.35 15.81
C SER B 16 26.35 19.78 15.46
N GLY B 17 25.33 20.63 15.33
CA GLY B 17 24.03 20.25 14.76
C GLY B 17 24.23 19.80 13.33
N VAL B 18 23.14 19.61 12.59
CA VAL B 18 23.21 19.25 11.15
C VAL B 18 23.86 20.43 10.40
N ALA B 19 23.34 21.65 10.60
CA ALA B 19 23.78 22.89 9.91
C ALA B 19 25.30 23.04 10.04
N GLY B 20 25.83 22.87 11.23
CA GLY B 20 27.26 23.06 11.49
C GLY B 20 28.10 21.96 10.86
N ALA B 21 27.62 20.71 10.89
CA ALA B 21 28.41 19.51 10.53
C ALA B 21 28.52 19.40 9.00
N ILE B 22 27.46 19.77 8.26
CA ILE B 22 27.42 19.81 6.77
C ILE B 22 28.53 20.76 6.31
N VAL B 23 28.50 22.01 6.77
CA VAL B 23 29.57 23.03 6.52
C VAL B 23 30.94 22.42 6.88
N ALA B 24 31.17 22.05 8.14
CA ALA B 24 32.43 21.49 8.67
C ALA B 24 32.98 20.37 7.78
N HIS B 25 32.09 19.51 7.25
CA HIS B 25 32.39 18.36 6.36
C HIS B 25 32.86 18.88 5.01
N GLN B 26 32.03 19.70 4.35
CA GLN B 26 32.31 20.28 3.01
C GLN B 26 33.73 20.89 3.00
N LEU B 27 34.02 21.80 3.94
CA LEU B 27 35.26 22.62 3.98
C LEU B 27 36.46 21.77 4.43
N ALA B 28 36.27 20.79 5.31
CA ALA B 28 37.32 19.84 5.76
C ALA B 28 37.65 18.87 4.62
N MET B 29 36.71 18.64 3.71
CA MET B 29 36.92 17.70 2.57
C MET B 29 37.78 18.40 1.53
N ALA B 30 37.51 19.70 1.31
CA ALA B 30 38.33 20.64 0.50
C ALA B 30 39.72 20.88 1.15
N GLY B 31 40.19 19.99 2.03
CA GLY B 31 41.54 20.02 2.63
C GLY B 31 41.74 21.17 3.63
N LYS B 32 40.89 22.20 3.61
CA LYS B 32 40.98 23.41 4.48
C LYS B 32 40.77 22.98 5.94
N ALA B 33 41.45 23.64 6.89
CA ALA B 33 41.51 23.27 8.33
C ALA B 33 40.30 23.85 9.08
N VAL B 34 39.68 23.04 9.95
CA VAL B 34 38.37 23.37 10.59
C VAL B 34 38.41 23.03 12.09
N ILE B 35 37.79 23.89 12.90
CA ILE B 35 37.50 23.67 14.35
C ILE B 35 35.98 23.73 14.53
N LEU B 36 35.40 22.61 14.99
CA LEU B 36 33.96 22.48 15.34
C LEU B 36 33.85 22.54 16.86
N LEU B 37 33.16 23.56 17.36
CA LEU B 37 32.93 23.79 18.80
C LEU B 37 31.48 23.45 19.14
N GLU B 38 31.29 22.51 20.08
CA GLU B 38 29.98 22.04 20.61
C GLU B 38 29.82 22.46 22.07
N ALA B 39 28.74 23.16 22.40
CA ALA B 39 28.36 23.50 23.80
C ALA B 39 28.34 22.21 24.64
N GLY B 40 27.48 21.25 24.27
CA GLY B 40 27.14 20.06 25.07
C GLY B 40 28.15 18.94 24.90
N PRO B 41 27.90 17.76 25.53
CA PRO B 41 28.81 16.63 25.46
C PRO B 41 28.59 15.72 24.24
N ARG B 42 29.57 14.86 24.01
CA ARG B 42 29.47 13.75 23.04
C ARG B 42 28.78 12.62 23.80
N MET B 43 27.51 12.35 23.50
CA MET B 43 26.76 11.17 24.03
C MET B 43 26.39 10.25 22.86
N PRO B 44 26.73 8.95 22.91
CA PRO B 44 26.35 7.98 21.87
C PRO B 44 24.88 7.58 21.91
N ARG B 45 24.41 6.78 20.95
CA ARG B 45 22.96 6.50 20.80
C ARG B 45 22.53 5.42 21.79
N TRP B 46 23.37 4.38 22.02
CA TRP B 46 23.08 3.28 22.98
C TRP B 46 22.70 3.87 24.35
N GLU B 47 23.27 5.02 24.71
CA GLU B 47 23.01 5.77 25.98
C GLU B 47 21.62 6.41 25.91
N ILE B 48 21.31 7.08 24.80
CA ILE B 48 20.01 7.79 24.63
C ILE B 48 18.93 6.71 24.72
N VAL B 49 19.15 5.60 24.03
CA VAL B 49 18.21 4.43 23.95
C VAL B 49 17.93 3.94 25.37
N GLU B 50 18.97 3.79 26.18
CA GLU B 50 18.86 3.21 27.55
C GLU B 50 18.08 4.20 28.41
N ARG B 51 18.43 5.48 28.35
CA ARG B 51 17.73 6.57 29.05
C ARG B 51 16.29 6.62 28.55
N PHE B 52 16.08 6.24 27.29
CA PHE B 52 14.71 6.20 26.72
C PHE B 52 13.90 5.10 27.40
N ARG B 53 14.47 3.90 27.48
CA ARG B 53 13.73 2.73 28.01
C ARG B 53 13.40 2.98 29.47
N ASN B 54 14.30 3.68 30.16
CA ASN B 54 14.21 3.88 31.61
C ASN B 54 13.34 5.09 31.98
N GLN B 55 12.79 5.84 31.02
CA GLN B 55 12.04 7.09 31.33
C GLN B 55 10.57 6.77 31.47
N PRO B 56 9.87 7.29 32.50
CA PRO B 56 8.46 6.99 32.74
C PRO B 56 7.45 7.53 31.71
N ASP B 57 7.67 8.74 31.16
CA ASP B 57 6.81 9.30 30.08
C ASP B 57 7.51 9.18 28.71
N LYS B 58 7.03 8.25 27.86
CA LYS B 58 7.59 7.97 26.51
C LYS B 58 7.02 8.92 25.46
N MET B 59 6.18 9.88 25.85
CA MET B 59 5.79 11.00 24.96
C MET B 59 6.75 12.20 25.14
N ASP B 60 7.45 12.30 26.28
CA ASP B 60 8.41 13.41 26.52
C ASP B 60 9.63 13.13 25.66
N PHE B 61 9.85 13.93 24.61
CA PHE B 61 10.92 13.67 23.61
C PHE B 61 12.20 14.39 24.03
N MET B 62 12.15 15.29 25.02
CA MET B 62 13.37 15.97 25.55
C MET B 62 13.98 15.18 26.72
N ALA B 63 13.21 14.26 27.30
CA ALA B 63 13.49 13.62 28.60
C ALA B 63 14.70 12.70 28.55
N PRO B 64 15.05 12.01 27.43
CA PRO B 64 16.26 11.16 27.40
C PRO B 64 17.55 11.90 27.04
N TYR B 65 17.51 13.22 26.88
CA TYR B 65 18.71 14.04 26.60
C TYR B 65 18.95 14.93 27.83
N PRO B 66 19.92 14.56 28.71
CA PRO B 66 20.25 15.35 29.89
C PRO B 66 20.60 16.80 29.56
N SER B 67 19.93 17.72 30.25
CA SER B 67 20.19 19.18 30.34
C SER B 67 21.42 19.43 31.20
N SER B 68 22.62 19.22 30.63
CA SER B 68 23.96 19.58 31.19
C SER B 68 23.93 20.97 31.84
N PRO B 69 24.52 21.10 33.06
CA PRO B 69 24.55 22.40 33.75
C PRO B 69 25.26 23.53 32.98
N TRP B 70 26.32 23.20 32.22
CA TRP B 70 27.14 24.18 31.47
C TRP B 70 26.52 24.55 30.13
N ALA B 71 25.76 23.62 29.55
CA ALA B 71 25.03 23.78 28.29
C ALA B 71 23.61 23.24 28.46
N PRO B 72 22.77 23.93 29.26
CA PRO B 72 21.39 23.51 29.51
C PRO B 72 20.57 23.48 28.22
N HIS B 73 19.37 22.89 28.26
CA HIS B 73 18.37 22.95 27.17
C HIS B 73 16.98 22.71 27.74
N PRO B 74 15.94 23.22 27.06
CA PRO B 74 14.60 23.20 27.64
C PRO B 74 14.13 21.78 27.98
N GLU B 75 13.66 21.57 29.23
CA GLU B 75 12.90 20.38 29.71
C GLU B 75 11.54 20.87 30.22
N TYR B 76 10.49 20.04 30.17
CA TYR B 76 9.10 20.42 30.57
C TYR B 76 8.40 19.34 31.41
N GLY B 77 9.00 18.17 31.63
CA GLY B 77 8.54 17.15 32.60
C GLY B 77 9.67 16.77 33.57
N PRO B 78 9.80 17.41 34.74
CA PRO B 78 9.12 18.68 35.03
C PRO B 78 9.84 19.84 34.33
N PRO B 79 9.27 21.07 34.32
CA PRO B 79 10.03 22.25 33.85
C PRO B 79 11.37 22.42 34.57
N ASN B 80 12.46 22.67 33.82
CA ASN B 80 13.79 23.10 34.30
C ASN B 80 13.95 24.63 34.14
N ASP B 81 12.96 25.31 33.54
CA ASP B 81 12.79 26.79 33.55
C ASP B 81 13.97 27.52 32.90
N TYR B 82 14.86 26.80 32.20
CA TYR B 82 16.02 27.33 31.45
C TYR B 82 15.62 28.52 30.56
N LEU B 83 14.52 28.44 29.83
CA LEU B 83 14.00 29.58 29.04
C LEU B 83 13.16 30.48 29.96
N ILE B 84 13.26 31.80 29.78
CA ILE B 84 12.32 32.78 30.38
C ILE B 84 11.26 33.15 29.32
N LEU B 85 10.04 32.61 29.43
CA LEU B 85 8.98 32.86 28.43
C LEU B 85 8.02 33.90 28.99
N LYS B 86 8.29 35.17 28.72
CA LYS B 86 7.29 36.26 28.85
C LYS B 86 6.59 36.43 27.49
N GLY B 87 5.53 37.22 27.47
CA GLY B 87 4.76 37.56 26.26
C GLY B 87 3.29 37.31 26.48
N GLU B 88 2.59 36.80 25.47
CA GLU B 88 1.17 36.39 25.55
C GLU B 88 1.06 34.89 25.19
N HIS B 89 2.16 34.26 24.73
CA HIS B 89 2.21 32.81 24.45
C HIS B 89 3.62 32.23 24.75
N LYS B 90 3.64 31.00 25.27
CA LYS B 90 4.90 30.30 25.66
C LYS B 90 5.59 29.88 24.37
N PHE B 91 6.82 30.33 24.15
CA PHE B 91 7.76 29.76 23.15
C PHE B 91 8.51 28.59 23.81
N ASN B 92 7.74 27.57 24.22
CA ASN B 92 8.21 26.35 24.95
C ASN B 92 8.65 25.30 23.92
N SER B 93 9.50 25.68 22.96
CA SER B 93 10.01 24.76 21.89
C SER B 93 11.19 23.99 22.46
N GLN B 94 11.59 22.93 21.79
CA GLN B 94 12.62 22.00 22.28
C GLN B 94 13.85 22.06 21.37
N TYR B 95 15.01 21.84 21.95
CA TYR B 95 16.28 21.69 21.21
C TYR B 95 17.27 20.96 22.09
N ILE B 96 18.17 20.24 21.46
CA ILE B 96 19.20 19.44 22.18
C ILE B 96 20.53 20.19 22.08
N ARG B 97 21.32 20.02 23.12
CA ARG B 97 22.62 20.66 23.29
C ARG B 97 23.56 19.52 23.60
N ALA B 98 23.96 18.81 22.55
CA ALA B 98 25.00 17.76 22.57
C ALA B 98 25.52 17.60 21.15
N VAL B 99 26.64 16.91 20.99
CA VAL B 99 27.23 16.63 19.65
C VAL B 99 26.13 15.98 18.79
N GLY B 100 25.86 16.53 17.61
CA GLY B 100 24.79 16.04 16.71
C GLY B 100 23.50 16.82 16.91
N GLY B 101 23.31 17.41 18.08
CA GLY B 101 22.22 18.37 18.31
C GLY B 101 20.83 17.75 18.11
N THR B 102 19.84 18.58 17.79
CA THR B 102 18.39 18.27 17.88
C THR B 102 17.90 17.26 16.82
N THR B 103 18.72 16.86 15.83
CA THR B 103 18.29 15.86 14.79
C THR B 103 18.53 14.44 15.34
N TRP B 104 19.00 14.35 16.57
CA TRP B 104 18.94 13.10 17.39
C TRP B 104 17.49 12.69 17.59
N HIS B 105 16.57 13.63 17.73
CA HIS B 105 15.22 13.34 18.27
C HIS B 105 14.09 13.75 17.31
N TRP B 106 14.40 14.24 16.11
CA TRP B 106 13.37 14.68 15.11
C TRP B 106 12.65 13.47 14.51
N ALA B 107 11.51 13.73 13.82
CA ALA B 107 10.66 12.75 13.08
C ALA B 107 11.20 12.54 11.66
N ALA B 108 12.30 13.21 11.34
CA ALA B 108 13.04 13.14 10.06
C ALA B 108 12.11 13.43 8.86
N SER B 109 11.13 14.33 8.98
CA SER B 109 10.33 14.82 7.84
C SER B 109 11.17 15.82 7.06
N ALA B 110 11.35 15.60 5.76
CA ALA B 110 12.33 16.31 4.91
C ALA B 110 11.61 16.94 3.70
N TRP B 111 10.89 18.04 3.93
CA TRP B 111 10.19 18.80 2.87
C TRP B 111 11.08 19.92 2.33
N ARG B 112 10.80 20.30 1.09
CA ARG B 112 11.20 21.55 0.42
C ARG B 112 10.05 22.54 0.56
N PHE B 113 10.37 23.84 0.59
CA PHE B 113 9.38 24.96 0.48
C PHE B 113 8.90 25.04 -0.97
N ILE B 114 7.73 25.64 -1.18
CA ILE B 114 7.13 25.85 -2.52
C ILE B 114 7.56 27.22 -3.07
N PRO B 115 7.20 27.60 -4.32
CA PRO B 115 7.71 28.84 -4.92
C PRO B 115 7.25 30.16 -4.25
N ASN B 116 5.96 30.27 -3.87
CA ASN B 116 5.38 31.47 -3.21
C ASN B 116 6.10 31.72 -1.88
N ASP B 117 6.34 30.67 -1.11
CA ASP B 117 6.96 30.75 0.24
C ASP B 117 8.13 31.76 0.29
N PHE B 118 8.82 31.99 -0.83
CA PHE B 118 10.02 32.86 -0.85
C PHE B 118 9.64 34.31 -1.16
N LYS B 119 8.45 34.52 -1.74
CA LYS B 119 7.96 35.84 -2.22
C LYS B 119 6.60 36.09 -1.59
N MET B 120 6.50 35.83 -0.29
CA MET B 120 5.24 35.92 0.50
C MET B 120 4.61 37.29 0.32
N LYS B 121 5.41 38.35 0.47
CA LYS B 121 4.94 39.77 0.57
C LYS B 121 4.43 40.26 -0.78
N SER B 122 5.26 40.13 -1.83
CA SER B 122 4.92 40.41 -3.25
C SER B 122 3.62 39.69 -3.67
N VAL B 123 3.53 38.38 -3.38
CA VAL B 123 2.43 37.50 -3.86
C VAL B 123 1.17 37.75 -3.02
N TYR B 124 1.32 38.02 -1.73
CA TYR B 124 0.22 38.00 -0.73
C TYR B 124 0.11 39.31 0.05
N GLY B 125 1.22 40.07 0.15
CA GLY B 125 1.23 41.44 0.68
C GLY B 125 1.66 41.45 2.13
N VAL B 126 1.32 40.34 2.81
CA VAL B 126 1.74 39.93 4.19
C VAL B 126 3.23 39.55 4.21
N GLY B 127 3.78 39.33 5.39
CA GLY B 127 5.08 38.67 5.57
C GLY B 127 6.20 39.48 5.00
N ARG B 128 7.06 38.85 4.22
CA ARG B 128 8.39 39.44 3.87
C ARG B 128 9.20 38.46 3.02
N ASP B 129 9.59 38.86 1.79
CA ASP B 129 10.26 38.02 0.76
C ASP B 129 11.68 37.66 1.18
N TRP B 130 12.25 36.67 0.51
CA TRP B 130 13.69 36.28 0.59
C TRP B 130 14.43 37.03 -0.52
N PRO B 131 15.77 37.17 -0.40
CA PRO B 131 16.60 37.60 -1.53
C PRO B 131 16.52 36.56 -2.65
N ILE B 132 16.90 35.31 -2.33
CA ILE B 132 16.91 34.14 -3.24
C ILE B 132 15.47 33.67 -3.49
N GLN B 133 15.26 32.98 -4.61
CA GLN B 133 13.97 32.41 -5.07
C GLN B 133 14.09 30.88 -5.03
N TYR B 134 13.00 30.15 -5.25
CA TYR B 134 12.94 28.67 -5.15
C TYR B 134 14.11 28.02 -5.92
N ASP B 135 14.41 28.59 -7.09
CA ASP B 135 15.20 27.91 -8.14
C ASP B 135 16.69 28.08 -7.86
N ASP B 136 17.08 28.98 -6.97
CA ASP B 136 18.50 29.11 -6.52
C ASP B 136 18.77 27.99 -5.52
N LEU B 137 17.71 27.50 -4.88
CA LEU B 137 17.80 26.53 -3.76
C LEU B 137 17.66 25.12 -4.33
N GLU B 138 16.71 24.91 -5.26
CA GLU B 138 16.34 23.59 -5.86
C GLU B 138 17.56 22.67 -5.99
N PRO B 139 18.61 22.98 -6.79
CA PRO B 139 19.79 22.11 -6.90
C PRO B 139 20.44 21.74 -5.55
N TYR B 140 20.25 22.61 -4.54
CA TYR B 140 20.82 22.52 -3.17
C TYR B 140 19.92 21.63 -2.29
N TYR B 141 18.59 21.77 -2.43
CA TYR B 141 17.57 20.85 -1.89
C TYR B 141 17.96 19.41 -2.32
N GLN B 142 18.10 19.18 -3.62
CA GLN B 142 18.42 17.86 -4.21
C GLN B 142 19.68 17.25 -3.55
N ARG B 143 20.74 18.01 -3.25
CA ARG B 143 21.98 17.41 -2.69
C ARG B 143 21.75 17.14 -1.20
N ALA B 144 21.03 18.04 -0.53
CA ALA B 144 20.47 17.83 0.83
C ALA B 144 19.79 16.46 0.90
N GLU B 145 18.83 16.23 0.01
CA GLU B 145 18.03 14.98 -0.10
C GLU B 145 18.98 13.78 -0.24
N GLU B 146 20.06 13.91 -0.99
CA GLU B 146 21.04 12.81 -1.21
C GLU B 146 21.89 12.64 0.05
N GLU B 147 22.25 13.76 0.70
CA GLU B 147 23.23 13.77 1.82
C GLU B 147 22.55 13.19 3.07
N LEU B 148 21.30 13.60 3.35
CA LEU B 148 20.50 13.08 4.50
C LEU B 148 20.06 11.64 4.21
N GLY B 149 19.66 11.38 2.97
CA GLY B 149 19.12 10.08 2.55
C GLY B 149 17.63 10.15 2.69
N VAL B 150 17.02 10.92 1.80
CA VAL B 150 15.58 11.23 1.80
C VAL B 150 14.87 10.27 0.84
N TRP B 151 13.81 9.64 1.35
CA TRP B 151 12.84 8.87 0.56
C TRP B 151 11.64 9.78 0.32
N GLY B 152 11.00 9.63 -0.82
CA GLY B 152 9.73 10.32 -1.07
C GLY B 152 9.10 9.72 -2.31
N PRO B 153 7.85 10.09 -2.63
CA PRO B 153 7.13 9.51 -3.75
C PRO B 153 7.63 10.02 -5.11
N GLY B 154 7.46 9.20 -6.15
CA GLY B 154 7.69 9.59 -7.55
C GLY B 154 6.48 10.32 -8.12
N PRO B 155 6.43 10.53 -9.45
CA PRO B 155 5.47 11.45 -10.08
C PRO B 155 3.98 11.18 -9.94
N GLU B 156 3.57 10.17 -9.18
CA GLU B 156 2.14 9.81 -9.02
C GLU B 156 1.48 10.77 -8.02
N GLU B 157 2.26 11.56 -7.28
CA GLU B 157 1.80 12.53 -6.24
C GLU B 157 2.53 13.87 -6.38
N ASP B 158 1.84 14.94 -6.76
CA ASP B 158 2.51 16.26 -6.83
C ASP B 158 2.60 16.82 -5.41
N LEU B 159 3.83 17.17 -5.01
CA LEU B 159 4.21 17.82 -3.72
C LEU B 159 4.33 19.32 -3.93
N TYR B 160 4.33 19.76 -5.20
CA TYR B 160 4.24 21.17 -5.65
C TYR B 160 5.60 21.86 -5.55
N SER B 161 6.68 21.13 -5.35
CA SER B 161 8.07 21.67 -5.45
C SER B 161 8.75 21.05 -6.67
N PRO B 162 8.58 21.64 -7.88
CA PRO B 162 9.35 21.30 -9.09
C PRO B 162 10.71 20.59 -8.95
N ARG B 163 10.75 19.29 -9.32
CA ARG B 163 11.93 18.40 -9.12
C ARG B 163 12.67 18.25 -10.45
N LYS B 164 14.01 18.13 -10.40
CA LYS B 164 14.86 17.90 -11.59
C LYS B 164 15.30 16.43 -11.59
N GLN B 165 15.92 15.96 -10.51
CA GLN B 165 16.14 14.50 -10.30
C GLN B 165 14.99 13.96 -9.44
N PRO B 166 14.75 12.62 -9.44
CA PRO B 166 13.79 12.01 -8.50
C PRO B 166 14.39 11.77 -7.11
N TYR B 167 13.55 11.42 -6.13
CA TYR B 167 13.94 11.18 -4.72
C TYR B 167 14.94 10.03 -4.66
N PRO B 168 16.09 10.20 -3.95
CA PRO B 168 17.13 9.17 -3.93
C PRO B 168 16.58 7.77 -3.62
N MET B 169 15.57 7.67 -2.74
CA MET B 169 14.92 6.40 -2.37
C MET B 169 13.40 6.48 -2.53
N PRO B 170 12.75 5.34 -2.75
CA PRO B 170 11.30 5.29 -2.77
C PRO B 170 10.80 5.17 -1.33
N PRO B 171 9.52 5.50 -1.05
CA PRO B 171 8.96 5.23 0.26
C PRO B 171 8.82 3.71 0.43
N LEU B 172 8.83 3.24 1.67
CA LEU B 172 8.32 1.89 2.01
C LEU B 172 6.80 2.00 2.02
N PRO B 173 6.11 0.85 1.96
CA PRO B 173 4.66 0.84 1.90
C PRO B 173 4.10 1.59 3.10
N LEU B 174 3.06 2.39 2.88
CA LEU B 174 2.29 2.98 4.00
C LEU B 174 1.76 1.85 4.90
N SER B 175 1.48 2.18 6.15
CA SER B 175 0.86 1.28 7.14
C SER B 175 -0.59 1.12 6.73
N PHE B 176 -1.22 0.00 7.02
CA PHE B 176 -2.68 -0.12 6.80
C PHE B 176 -3.38 1.16 7.30
N ASN B 177 -2.89 1.71 8.40
CA ASN B 177 -3.47 2.91 9.08
C ASN B 177 -3.48 4.09 8.11
N GLU B 178 -2.30 4.41 7.60
CA GLU B 178 -2.02 5.66 6.87
C GLU B 178 -2.57 5.53 5.46
N GLN B 179 -2.49 4.35 4.85
CA GLN B 179 -3.01 4.09 3.49
C GLN B 179 -4.55 4.14 3.51
N THR B 180 -5.21 3.40 4.41
CA THR B 180 -6.69 3.37 4.50
C THR B 180 -7.19 4.81 4.61
N ILE B 181 -6.55 5.63 5.45
CA ILE B 181 -7.01 7.02 5.74
C ILE B 181 -6.78 7.88 4.49
N LYS B 182 -5.57 7.87 3.92
CA LYS B 182 -5.22 8.54 2.62
C LYS B 182 -6.31 8.28 1.57
N THR B 183 -6.70 7.02 1.39
CA THR B 183 -7.76 6.60 0.43
C THR B 183 -9.10 7.25 0.81
N ALA B 184 -9.47 7.26 2.10
CA ALA B 184 -10.84 7.64 2.56
C ALA B 184 -10.98 9.15 2.47
N LEU B 185 -9.88 9.85 2.74
CA LEU B 185 -9.84 11.32 2.90
C LEU B 185 -9.87 11.93 1.49
N ASN B 186 -8.89 11.57 0.64
CA ASN B 186 -8.85 11.86 -0.82
C ASN B 186 -10.15 11.42 -1.52
N ASN B 187 -10.86 10.40 -1.04
CA ASN B 187 -12.16 10.02 -1.67
C ASN B 187 -13.27 10.98 -1.24
N TYR B 188 -13.16 11.65 -0.09
CA TYR B 188 -14.24 12.57 0.39
C TYR B 188 -14.06 13.92 -0.29
N ASP B 189 -12.80 14.26 -0.58
CA ASP B 189 -12.40 15.57 -1.14
C ASP B 189 -10.95 15.50 -1.60
N PRO B 190 -10.68 15.44 -2.92
CA PRO B 190 -9.31 15.30 -3.41
C PRO B 190 -8.46 16.58 -3.27
N LYS B 191 -9.10 17.71 -2.91
CA LYS B 191 -8.46 19.02 -2.60
C LYS B 191 -7.52 18.85 -1.40
N PHE B 192 -7.93 18.02 -0.44
CA PHE B 192 -7.16 17.70 0.79
C PHE B 192 -5.74 17.31 0.38
N HIS B 193 -5.61 16.45 -0.63
CA HIS B 193 -4.32 16.03 -1.25
C HIS B 193 -3.41 15.42 -0.17
N VAL B 194 -3.85 14.31 0.44
CA VAL B 194 -3.01 13.47 1.35
C VAL B 194 -1.96 12.79 0.48
N VAL B 195 -0.68 12.94 0.86
CA VAL B 195 0.48 12.37 0.14
C VAL B 195 1.36 11.56 1.10
N THR B 196 2.26 10.76 0.54
CA THR B 196 3.39 10.16 1.28
C THR B 196 4.37 11.28 1.64
N GLU B 197 4.83 11.31 2.89
CA GLU B 197 5.69 12.40 3.43
C GLU B 197 7.12 12.05 3.06
N PRO B 198 7.89 12.97 2.43
CA PRO B 198 9.33 12.77 2.21
C PRO B 198 10.09 12.79 3.55
N VAL B 199 11.04 11.87 3.74
CA VAL B 199 11.64 11.62 5.08
C VAL B 199 13.10 11.20 4.94
N ALA B 200 13.97 11.68 5.83
CA ALA B 200 15.42 11.34 5.91
C ALA B 200 15.59 9.98 6.62
N ARG B 201 15.14 8.90 5.94
CA ARG B 201 14.87 7.54 6.48
C ARG B 201 15.00 6.53 5.34
N ASN B 202 15.55 5.35 5.61
CA ASN B 202 16.00 4.38 4.57
C ASN B 202 14.92 3.34 4.24
N SER B 203 14.67 3.14 2.95
CA SER B 203 13.88 2.00 2.39
C SER B 203 14.84 0.92 1.91
N ARG B 204 16.14 1.13 2.09
CA ARG B 204 17.20 0.15 1.77
C ARG B 204 18.53 0.57 2.40
N PRO B 205 19.47 -0.37 2.63
CA PRO B 205 20.79 0.02 3.10
C PRO B 205 21.29 1.22 2.27
N TYR B 206 21.78 2.27 2.94
CA TYR B 206 22.09 3.59 2.33
C TYR B 206 23.10 4.36 3.18
N ASP B 207 24.07 4.99 2.49
CA ASP B 207 25.21 5.74 3.07
C ASP B 207 25.65 5.06 4.37
N GLY B 208 25.80 3.74 4.35
CA GLY B 208 26.35 2.94 5.47
C GLY B 208 25.32 2.59 6.53
N ARG B 209 24.20 3.31 6.60
CA ARG B 209 23.12 3.08 7.60
C ARG B 209 22.19 1.97 7.11
N PRO B 210 21.53 1.20 8.02
CA PRO B 210 20.56 0.17 7.63
C PRO B 210 19.20 0.70 7.18
N THR B 211 18.35 -0.23 6.71
CA THR B 211 16.95 0.05 6.32
C THR B 211 16.08 0.05 7.59
N CYS B 212 15.02 0.86 7.55
CA CYS B 212 14.02 1.06 8.63
C CYS B 212 13.25 -0.22 8.94
N CYS B 213 13.26 -0.70 10.19
CA CYS B 213 12.70 -1.99 10.67
C CYS B 213 11.33 -1.79 11.36
N GLY B 214 10.88 -0.55 11.53
CA GLY B 214 9.58 -0.22 12.14
C GLY B 214 9.60 -0.19 13.67
N ASN B 215 10.65 0.40 14.24
CA ASN B 215 10.88 0.64 15.69
C ASN B 215 9.78 1.52 16.28
N ASN B 216 9.12 2.32 15.44
CA ASN B 216 8.06 3.30 15.81
C ASN B 216 8.58 4.32 16.82
N ASN B 217 9.90 4.52 16.92
CA ASN B 217 10.50 5.33 18.01
C ASN B 217 11.15 6.63 17.49
N CYS B 218 10.93 6.95 16.20
CA CYS B 218 11.63 7.99 15.39
C CYS B 218 11.96 9.21 16.26
N MET B 219 10.95 9.75 16.94
CA MET B 219 11.22 10.60 18.12
C MET B 219 10.81 9.85 19.39
N PRO B 220 11.72 9.73 20.38
CA PRO B 220 12.97 10.49 20.43
C PRO B 220 14.30 9.83 20.02
N ILE B 221 14.40 8.55 19.65
CA ILE B 221 15.61 7.98 18.98
C ILE B 221 15.27 6.74 18.16
N CYS B 222 16.03 6.55 17.08
CA CYS B 222 16.30 5.24 16.46
C CYS B 222 17.44 4.57 17.20
N PRO B 223 17.23 3.29 17.60
CA PRO B 223 18.32 2.40 17.97
C PRO B 223 19.35 2.07 16.87
N ILE B 224 18.97 2.08 15.59
CA ILE B 224 19.79 1.53 14.45
C ILE B 224 20.29 2.64 13.52
N GLY B 225 19.79 3.87 13.66
CA GLY B 225 20.12 5.00 12.79
C GLY B 225 19.67 4.77 11.36
N ALA B 226 18.54 4.08 11.16
CA ALA B 226 17.86 3.89 9.86
C ALA B 226 17.45 5.26 9.30
N MET B 227 17.08 6.18 10.20
CA MET B 227 16.75 7.57 9.83
C MET B 227 17.98 8.45 10.11
N TYR B 228 18.07 9.59 9.42
CA TYR B 228 19.25 10.50 9.44
C TYR B 228 19.29 11.20 10.80
N ASN B 229 20.46 11.25 11.44
CA ASN B 229 20.74 12.17 12.59
C ASN B 229 22.02 12.96 12.24
N GLY B 230 22.06 14.25 12.57
CA GLY B 230 23.23 15.14 12.41
C GLY B 230 24.55 14.46 12.78
N ILE B 231 24.54 13.54 13.76
CA ILE B 231 25.77 12.81 14.17
C ILE B 231 26.41 12.15 12.95
N VAL B 232 25.67 11.94 11.88
CA VAL B 232 26.18 11.28 10.64
C VAL B 232 27.29 12.16 10.06
N HIS B 233 26.99 13.46 9.87
CA HIS B 233 27.90 14.47 9.27
C HIS B 233 28.97 14.93 10.28
N VAL B 234 28.80 14.66 11.57
CA VAL B 234 29.87 14.98 12.57
C VAL B 234 30.99 13.96 12.38
N GLU B 235 30.64 12.67 12.41
CA GLU B 235 31.58 11.53 12.23
C GLU B 235 32.21 11.62 10.84
N LYS B 236 31.50 12.18 9.85
CA LYS B 236 32.02 12.46 8.48
C LYS B 236 33.06 13.59 8.55
N ALA B 237 32.60 14.78 8.94
CA ALA B 237 33.43 16.01 9.04
C ALA B 237 34.70 15.68 9.81
N GLU B 238 34.60 14.85 10.85
CA GLU B 238 35.74 14.39 11.69
C GLU B 238 36.72 13.55 10.86
N ARG B 239 36.21 12.67 9.99
CA ARG B 239 37.05 11.76 9.16
C ARG B 239 37.71 12.59 8.04
N ALA B 240 37.11 13.73 7.67
CA ALA B 240 37.62 14.71 6.67
C ALA B 240 38.81 15.52 7.24
N GLY B 241 38.88 15.68 8.57
CA GLY B 241 39.98 16.34 9.31
C GLY B 241 39.54 17.54 10.16
N ALA B 242 38.24 17.78 10.37
CA ALA B 242 37.74 18.79 11.33
C ALA B 242 38.11 18.33 12.74
N LYS B 243 38.42 19.28 13.64
CA LYS B 243 38.72 19.03 15.08
C LYS B 243 37.46 19.27 15.90
N LEU B 244 36.99 18.22 16.57
CA LEU B 244 35.82 18.29 17.48
C LEU B 244 36.37 18.58 18.88
N ILE B 245 36.02 19.75 19.42
CA ILE B 245 36.13 20.06 20.87
C ILE B 245 34.69 20.23 21.35
N GLU B 246 34.19 19.26 22.12
CA GLU B 246 32.88 19.35 22.80
C GLU B 246 33.07 20.03 24.16
N ASN B 247 31.98 20.35 24.85
CA ASN B 247 32.01 21.03 26.17
C ASN B 247 32.79 22.33 25.97
N ALA B 248 32.40 23.05 24.93
CA ALA B 248 32.93 24.38 24.52
C ALA B 248 31.74 25.26 24.20
N VAL B 249 31.13 25.85 25.22
CA VAL B 249 29.92 26.71 25.06
C VAL B 249 30.45 28.13 24.80
N VAL B 250 30.34 28.56 23.55
CA VAL B 250 30.81 29.87 23.01
C VAL B 250 29.86 30.94 23.54
N TYR B 251 30.41 31.98 24.19
CA TYR B 251 29.66 33.14 24.74
C TYR B 251 30.05 34.44 24.03
N LYS B 252 31.10 34.44 23.19
CA LYS B 252 31.60 35.69 22.57
C LYS B 252 32.35 35.45 21.25
N LEU B 253 31.99 36.28 20.25
CA LEU B 253 32.73 36.57 19.01
C LEU B 253 33.42 37.93 19.13
N GLU B 254 34.75 37.96 19.14
CA GLU B 254 35.58 39.21 19.26
C GLU B 254 35.78 39.82 17.86
N THR B 255 35.48 41.12 17.71
CA THR B 255 35.72 41.90 16.47
C THR B 255 37.14 42.47 16.52
N GLY B 256 37.71 42.73 15.34
CA GLY B 256 39.08 43.24 15.14
C GLY B 256 39.07 44.58 14.40
N PRO B 257 40.25 45.12 14.01
CA PRO B 257 40.34 46.47 13.45
C PRO B 257 39.81 46.65 12.02
N ASP B 258 39.23 45.61 11.39
CA ASP B 258 38.75 45.67 9.98
C ASP B 258 37.22 45.46 9.90
N LYS B 259 36.52 45.52 11.04
CA LYS B 259 35.05 45.25 11.20
C LYS B 259 34.77 43.75 10.98
N ARG B 260 35.81 42.91 11.12
CA ARG B 260 35.79 41.44 10.88
C ARG B 260 35.86 40.72 12.22
N ILE B 261 35.36 39.49 12.31
CA ILE B 261 35.53 38.63 13.51
C ILE B 261 36.99 38.20 13.52
N VAL B 262 37.55 37.82 14.67
CA VAL B 262 38.99 37.42 14.79
C VAL B 262 39.13 36.23 15.75
N ALA B 263 38.24 36.06 16.72
CA ALA B 263 38.19 34.84 17.58
C ALA B 263 36.75 34.61 18.07
N ALA B 264 36.49 33.38 18.52
CA ALA B 264 35.31 33.04 19.35
C ALA B 264 35.86 32.63 20.71
N LEU B 265 35.37 33.26 21.78
CA LEU B 265 35.64 32.87 23.19
C LEU B 265 34.55 31.90 23.64
N TYR B 266 34.96 30.84 24.36
CA TYR B 266 34.09 29.76 24.86
C TYR B 266 34.56 29.29 26.24
N LYS B 267 33.61 28.91 27.10
CA LYS B 267 33.85 28.35 28.46
C LYS B 267 33.73 26.82 28.39
N ASP B 268 34.50 26.10 29.21
CA ASP B 268 34.39 24.61 29.35
C ASP B 268 33.35 24.27 30.43
N LYS B 269 33.21 23.00 30.79
CA LYS B 269 32.26 22.49 31.82
C LYS B 269 32.60 23.04 33.20
N THR B 270 33.80 23.62 33.36
CA THR B 270 34.33 24.22 34.62
C THR B 270 33.91 25.69 34.71
N GLY B 271 33.64 26.33 33.57
CA GLY B 271 33.42 27.79 33.46
C GLY B 271 34.72 28.53 33.17
N ALA B 272 35.83 27.81 32.98
CA ALA B 272 37.16 28.35 32.61
C ALA B 272 37.15 28.81 31.14
N GLU B 273 37.36 30.13 30.92
CA GLU B 273 37.32 30.82 29.60
C GLU B 273 38.49 30.35 28.72
N HIS B 274 38.22 30.08 27.43
CA HIS B 274 39.23 29.71 26.40
C HIS B 274 38.98 30.57 25.15
N ARG B 275 39.97 30.64 24.25
CA ARG B 275 39.95 31.46 23.01
C ARG B 275 40.41 30.62 21.81
N VAL B 276 39.77 30.84 20.66
CA VAL B 276 40.09 30.17 19.38
C VAL B 276 39.96 31.22 18.26
N GLU B 277 41.05 31.41 17.51
CA GLU B 277 41.17 32.38 16.41
C GLU B 277 40.96 31.63 15.08
N GLY B 278 40.34 32.27 14.09
CA GLY B 278 40.15 31.70 12.75
C GLY B 278 39.99 32.76 11.67
N LYS B 279 40.10 32.36 10.41
CA LYS B 279 39.98 33.27 9.23
C LYS B 279 38.49 33.49 8.92
N TYR B 280 37.67 32.44 9.01
CA TYR B 280 36.20 32.51 8.77
C TYR B 280 35.43 31.83 9.92
N PHE B 281 34.19 32.29 10.16
CA PHE B 281 33.35 31.94 11.33
C PHE B 281 31.90 31.63 10.91
N VAL B 282 31.49 30.37 11.07
CA VAL B 282 30.10 29.91 10.83
C VAL B 282 29.42 29.72 12.18
N LEU B 283 28.22 30.27 12.31
CA LEU B 283 27.40 30.21 13.54
C LEU B 283 26.17 29.38 13.25
N ALA B 284 26.19 28.14 13.75
CA ALA B 284 25.10 27.15 13.63
C ALA B 284 24.73 26.68 15.03
N ALA B 285 23.94 27.45 15.78
CA ALA B 285 23.66 27.17 17.20
C ALA B 285 22.15 27.15 17.52
N ASN B 286 21.32 26.73 16.55
CA ASN B 286 19.84 26.82 16.60
C ASN B 286 19.43 28.29 16.67
N GLY B 287 18.14 28.58 16.48
CA GLY B 287 17.61 29.95 16.28
C GLY B 287 17.34 30.67 17.59
N ILE B 288 18.09 30.35 18.63
CA ILE B 288 18.00 30.95 19.99
C ILE B 288 19.44 31.17 20.47
N GLU B 289 20.19 30.09 20.72
CA GLU B 289 21.59 30.21 21.25
C GLU B 289 22.46 31.03 20.28
N THR B 290 22.04 31.20 19.02
CA THR B 290 22.77 31.93 17.96
C THR B 290 22.61 33.44 18.18
N PRO B 291 21.38 34.05 18.11
CA PRO B 291 21.19 35.44 18.52
C PRO B 291 21.83 35.71 19.88
N LYS B 292 21.75 34.73 20.78
CA LYS B 292 22.19 34.85 22.19
C LYS B 292 23.70 34.97 22.26
N ILE B 293 24.44 34.59 21.22
CA ILE B 293 25.91 34.83 21.15
C ILE B 293 26.13 36.21 20.50
N LEU B 294 25.20 36.62 19.65
CA LEU B 294 25.29 37.90 18.88
C LEU B 294 25.12 39.08 19.85
N LEU B 295 23.98 39.14 20.54
CA LEU B 295 23.60 40.26 21.43
C LEU B 295 24.54 40.31 22.66
N MET B 296 25.22 39.20 22.96
CA MET B 296 26.10 39.01 24.13
C MET B 296 27.56 39.36 23.81
N SER B 297 27.84 39.68 22.54
CA SER B 297 29.19 39.96 21.98
C SER B 297 29.35 41.48 21.71
N ALA B 298 28.33 42.28 22.07
CA ALA B 298 28.43 43.76 22.17
C ALA B 298 29.82 44.13 22.70
N ASN B 299 30.40 45.22 22.16
CA ASN B 299 31.76 45.74 22.54
C ASN B 299 31.90 47.17 22.02
N ARG B 300 33.15 47.65 21.84
CA ARG B 300 33.53 49.08 21.63
C ARG B 300 32.93 49.61 20.32
N ASP B 301 33.43 49.14 19.16
CA ASP B 301 33.02 49.59 17.78
C ASP B 301 31.66 48.98 17.41
N PHE B 302 31.24 47.94 18.15
CA PHE B 302 29.94 47.24 18.00
C PHE B 302 29.18 47.29 19.32
N PRO B 303 28.60 48.45 19.66
CA PRO B 303 27.79 48.58 20.87
C PRO B 303 26.62 47.59 20.86
N ASN B 304 25.66 47.81 19.96
CA ASN B 304 24.30 47.19 19.97
C ASN B 304 24.36 45.65 19.82
N GLY B 305 25.51 45.02 20.06
CA GLY B 305 25.71 43.56 19.92
C GLY B 305 26.11 43.17 18.50
N VAL B 306 27.22 42.43 18.36
CA VAL B 306 27.82 41.90 17.09
C VAL B 306 26.73 41.62 16.03
N ALA B 307 26.97 42.04 14.79
CA ALA B 307 26.20 41.73 13.56
C ALA B 307 24.77 42.28 13.64
N ASN B 308 24.48 43.20 14.56
CA ASN B 308 23.08 43.60 14.88
C ASN B 308 22.88 45.11 14.71
N SER B 309 23.40 45.71 13.64
CA SER B 309 23.25 47.17 13.37
C SER B 309 21.92 47.44 12.66
N SER B 310 21.02 46.44 12.65
CA SER B 310 19.65 46.51 12.09
C SER B 310 18.63 46.54 13.21
N ASP B 311 19.08 46.22 14.44
CA ASP B 311 18.24 45.98 15.64
C ASP B 311 17.45 44.67 15.45
N MET B 312 17.87 43.77 14.55
CA MET B 312 17.01 42.66 14.05
C MET B 312 17.44 41.31 14.66
N VAL B 313 18.70 41.15 15.07
CA VAL B 313 19.19 39.95 15.80
C VAL B 313 18.20 39.61 16.92
N GLY B 314 17.63 38.41 16.85
CA GLY B 314 16.73 37.83 17.86
C GLY B 314 15.27 38.12 17.56
N ARG B 315 15.00 38.98 16.58
CA ARG B 315 13.62 39.45 16.29
C ARG B 315 13.04 38.65 15.12
N ASN B 316 11.77 38.91 14.80
CA ASN B 316 11.00 38.20 13.74
C ASN B 316 11.19 36.70 13.93
N LEU B 317 11.20 36.23 15.20
CA LEU B 317 11.37 34.82 15.59
C LEU B 317 10.01 34.13 15.46
N MET B 318 10.02 32.93 14.86
CA MET B 318 8.81 32.17 14.41
C MET B 318 8.99 30.67 14.69
N ASP B 319 7.85 29.99 14.70
CA ASP B 319 7.67 28.51 14.69
C ASP B 319 6.26 28.24 14.14
N HIS B 320 5.87 26.98 13.93
CA HIS B 320 4.52 26.63 13.44
C HIS B 320 3.54 26.34 14.59
N PRO B 321 2.77 27.32 15.08
CA PRO B 321 1.63 27.03 15.97
C PRO B 321 0.81 25.80 15.58
N GLY B 322 0.73 24.80 16.48
CA GLY B 322 0.08 23.48 16.26
C GLY B 322 -1.32 23.39 16.86
N THR B 323 -2.23 22.68 16.18
CA THR B 323 -3.65 22.45 16.57
C THR B 323 -4.02 21.03 16.16
N GLY B 324 -4.74 20.28 16.99
CA GLY B 324 -4.95 18.84 16.71
C GLY B 324 -6.39 18.40 16.94
N VAL B 325 -6.72 17.15 16.59
CA VAL B 325 -7.95 16.43 17.01
C VAL B 325 -7.57 14.98 17.30
N SER B 326 -8.35 14.32 18.16
CA SER B 326 -8.25 12.88 18.48
C SER B 326 -9.66 12.30 18.43
N PHE B 327 -9.77 11.00 18.13
CA PHE B 327 -11.05 10.26 18.17
C PHE B 327 -10.71 8.77 18.03
N TYR B 328 -11.65 7.91 18.43
CA TYR B 328 -11.68 6.47 18.05
C TYR B 328 -12.46 6.37 16.75
N ALA B 329 -11.82 5.93 15.66
CA ALA B 329 -12.47 5.59 14.38
C ALA B 329 -13.51 4.50 14.63
N SER B 330 -14.37 4.21 13.67
CA SER B 330 -15.23 3.00 13.71
C SER B 330 -14.46 1.76 13.23
N GLU B 331 -13.48 1.91 12.33
CA GLU B 331 -12.70 0.78 11.75
C GLU B 331 -11.35 0.61 12.48
N LYS B 332 -10.97 -0.63 12.83
CA LYS B 332 -9.63 -0.95 13.38
C LYS B 332 -8.53 -0.48 12.41
N LEU B 333 -7.56 0.30 12.89
CA LEU B 333 -6.52 0.93 12.03
C LEU B 333 -5.09 0.59 12.49
N TRP B 334 -4.86 0.44 13.80
CA TRP B 334 -3.58 -0.03 14.40
C TRP B 334 -2.45 0.95 14.07
N PRO B 335 -2.52 2.16 14.67
CA PRO B 335 -1.37 3.06 14.68
C PRO B 335 -0.20 2.37 15.39
N GLY B 336 1.02 2.80 15.10
CA GLY B 336 2.24 2.27 15.72
C GLY B 336 2.85 1.14 14.92
N ARG B 337 2.43 0.92 13.67
CA ARG B 337 3.09 -0.08 12.79
C ARG B 337 3.85 0.69 11.72
N GLY B 338 5.18 0.68 11.80
CA GLY B 338 6.07 1.36 10.84
C GLY B 338 6.55 2.68 11.44
N PRO B 339 7.06 3.63 10.62
CA PRO B 339 7.44 4.97 11.11
C PRO B 339 6.27 5.77 11.67
N GLN B 340 6.59 6.70 12.59
CA GLN B 340 5.60 7.43 13.41
C GLN B 340 4.77 8.34 12.51
N GLU B 341 5.39 8.97 11.52
CA GLU B 341 4.71 9.77 10.46
C GLU B 341 5.19 9.26 9.10
N MET B 342 4.25 8.91 8.23
CA MET B 342 4.57 8.49 6.83
C MET B 342 3.75 9.26 5.81
N THR B 343 2.78 10.07 6.26
CA THR B 343 1.63 10.60 5.47
C THR B 343 1.34 12.03 5.93
N SER B 344 1.07 12.96 5.01
CA SER B 344 0.68 14.36 5.34
C SER B 344 -0.36 14.89 4.34
N LEU B 345 -1.24 15.75 4.81
CA LEU B 345 -2.36 16.37 4.05
C LEU B 345 -1.95 17.79 3.64
N ILE B 346 -1.65 18.03 2.35
CA ILE B 346 -0.94 19.28 1.92
C ILE B 346 -1.87 20.19 1.12
N GLY B 347 -3.16 19.88 1.07
CA GLY B 347 -4.17 20.65 0.32
C GLY B 347 -4.21 22.14 0.65
N PHE B 348 -3.67 22.59 1.78
CA PHE B 348 -3.81 24.00 2.23
C PHE B 348 -2.42 24.65 2.33
N ARG B 349 -1.40 23.93 1.91
CA ARG B 349 -0.01 24.47 1.93
C ARG B 349 0.08 25.84 1.21
N ASP B 350 -0.83 26.15 0.26
CA ASP B 350 -0.79 27.36 -0.62
C ASP B 350 -2.18 27.79 -1.14
N GLY B 351 -2.25 29.01 -1.67
CA GLY B 351 -3.46 29.50 -2.38
C GLY B 351 -3.73 31.00 -2.24
N PRO B 352 -4.91 31.46 -2.74
CA PRO B 352 -5.36 32.84 -2.56
C PRO B 352 -5.29 33.31 -1.10
N PHE B 353 -5.97 32.58 -0.19
CA PHE B 353 -6.32 32.96 1.20
C PHE B 353 -5.10 33.43 2.01
N ARG B 354 -3.86 33.09 1.65
CA ARG B 354 -2.66 33.34 2.48
C ARG B 354 -2.38 34.85 2.66
N ALA B 355 -3.28 35.71 2.17
CA ALA B 355 -3.28 37.18 2.42
C ALA B 355 -4.22 37.50 3.60
N THR B 356 -5.20 36.62 3.87
CA THR B 356 -6.10 36.65 5.07
C THR B 356 -5.53 35.77 6.20
N GLU B 357 -5.29 34.48 5.92
CA GLU B 357 -5.06 33.43 6.94
C GLU B 357 -3.61 32.96 6.86
N ALA B 358 -3.28 32.06 7.79
CA ALA B 358 -2.13 31.14 7.71
C ALA B 358 -2.56 29.88 6.95
N ALA B 359 -1.68 29.48 6.03
CA ALA B 359 -1.63 28.13 5.44
C ALA B 359 -1.27 27.13 6.54
N LYS B 360 -1.53 25.84 6.29
CA LYS B 360 -1.10 24.72 7.15
C LYS B 360 -0.71 23.51 6.29
N LYS B 361 0.12 22.62 6.87
CA LYS B 361 0.17 21.16 6.57
C LYS B 361 -0.40 20.36 7.77
N ILE B 362 -1.49 19.61 7.56
CA ILE B 362 -2.05 18.62 8.54
C ILE B 362 -1.32 17.28 8.37
N HIS B 363 -1.11 16.51 9.46
CA HIS B 363 -0.50 15.16 9.39
C HIS B 363 -1.12 14.20 10.41
N LEU B 364 -1.48 13.01 9.94
CA LEU B 364 -1.94 11.83 10.73
C LEU B 364 -0.73 11.26 11.48
N SER B 365 -0.91 10.97 12.76
CA SER B 365 0.06 10.22 13.62
C SER B 365 -0.05 8.74 13.30
N ASN B 366 1.09 8.07 13.24
CA ASN B 366 1.13 6.58 13.17
C ASN B 366 1.85 6.09 14.44
N LEU B 367 1.64 6.76 15.58
CA LEU B 367 2.40 6.48 16.82
C LEU B 367 1.65 5.43 17.65
N SER B 368 2.38 4.46 18.20
CA SER B 368 1.84 3.39 19.08
C SER B 368 1.04 4.02 20.24
N ARG B 369 -0.17 3.53 20.50
CA ARG B 369 -1.05 4.16 21.50
C ARG B 369 -1.38 3.20 22.65
N ILE B 370 -0.64 2.09 22.81
CA ILE B 370 -0.96 1.06 23.84
C ILE B 370 -0.84 1.71 25.21
N ASP B 371 0.32 2.29 25.51
CA ASP B 371 0.57 2.95 26.80
C ASP B 371 -0.59 3.91 27.12
N GLN B 372 -0.91 4.82 26.19
CA GLN B 372 -1.92 5.89 26.39
C GLN B 372 -3.29 5.26 26.66
N GLU B 373 -3.62 4.18 25.95
CA GLU B 373 -4.99 3.61 25.93
C GLU B 373 -5.17 2.69 27.12
N THR B 374 -4.08 2.07 27.60
CA THR B 374 -4.02 1.19 28.81
C THR B 374 -4.12 2.09 30.05
N GLN B 375 -3.32 3.17 30.10
CA GLN B 375 -3.41 4.19 31.18
C GLN B 375 -4.84 4.68 31.30
N LYS B 376 -5.39 5.12 30.18
CA LYS B 376 -6.77 5.64 30.12
C LYS B 376 -7.69 4.61 30.79
N ILE B 377 -7.60 3.33 30.45
CA ILE B 377 -8.55 2.32 30.98
C ILE B 377 -8.46 2.26 32.51
N PHE B 378 -7.24 2.30 33.08
CA PHE B 378 -7.00 2.18 34.54
C PHE B 378 -7.55 3.41 35.30
N LYS B 379 -7.71 4.57 34.65
CA LYS B 379 -8.28 5.81 35.25
C LYS B 379 -9.80 5.68 35.46
N ALA B 380 -10.47 4.81 34.69
CA ALA B 380 -11.90 4.49 34.88
C ALA B 380 -12.12 3.80 36.23
N GLY B 381 -11.05 3.45 36.95
CA GLY B 381 -11.14 2.94 38.33
C GLY B 381 -12.16 1.82 38.42
N LYS B 382 -12.23 0.97 37.42
CA LYS B 382 -13.14 -0.19 37.38
C LYS B 382 -12.29 -1.45 37.18
N LEU B 383 -12.29 -2.39 38.13
CA LEU B 383 -11.57 -3.68 37.98
C LEU B 383 -12.36 -4.53 36.98
N MET B 384 -11.73 -5.02 35.90
CA MET B 384 -12.37 -5.96 34.95
C MET B 384 -11.58 -7.27 34.95
N LYS B 385 -12.24 -8.36 34.59
CA LYS B 385 -11.62 -9.71 34.40
C LYS B 385 -10.52 -9.54 33.35
N PRO B 386 -9.39 -10.27 33.45
CA PRO B 386 -8.27 -10.07 32.54
C PRO B 386 -8.66 -10.01 31.05
N ASP B 387 -9.80 -10.62 30.69
CA ASP B 387 -10.20 -10.87 29.28
C ASP B 387 -10.88 -9.63 28.70
N GLU B 388 -11.75 -8.98 29.46
CA GLU B 388 -12.35 -7.68 29.07
C GLU B 388 -11.23 -6.62 28.96
N LEU B 389 -10.37 -6.53 29.98
CA LEU B 389 -9.22 -5.58 30.02
C LEU B 389 -8.44 -5.68 28.72
N ASP B 390 -8.01 -6.89 28.35
CA ASP B 390 -7.15 -7.16 27.17
C ASP B 390 -7.92 -6.80 25.89
N ALA B 391 -9.20 -7.21 25.81
CA ALA B 391 -10.12 -6.85 24.70
C ALA B 391 -10.14 -5.34 24.49
N GLN B 392 -10.49 -4.60 25.56
CA GLN B 392 -10.62 -3.13 25.52
C GLN B 392 -9.26 -2.49 25.19
N ILE B 393 -8.14 -3.01 25.70
CA ILE B 393 -6.79 -2.48 25.31
C ILE B 393 -6.66 -2.57 23.79
N ARG B 394 -6.95 -3.73 23.20
CA ARG B 394 -6.71 -3.99 21.75
C ARG B 394 -7.64 -3.11 20.92
N ASP B 395 -8.88 -2.95 21.35
CA ASP B 395 -9.94 -2.20 20.63
C ASP B 395 -9.54 -0.73 20.59
N ARG B 396 -9.22 -0.15 21.74
CA ARG B 396 -8.95 1.30 21.87
C ARG B 396 -7.65 1.61 21.14
N SER B 397 -6.59 0.84 21.35
CA SER B 397 -5.27 1.15 20.75
C SER B 397 -5.30 0.79 19.27
N ALA B 398 -6.43 0.27 18.78
CA ALA B 398 -6.61 -0.14 17.36
C ALA B 398 -7.36 0.95 16.58
N ARG B 399 -8.28 1.67 17.22
CA ARG B 399 -9.20 2.64 16.58
C ARG B 399 -8.73 4.10 16.79
N TYR B 400 -7.87 4.38 17.76
CA TYR B 400 -7.37 5.74 18.00
C TYR B 400 -6.72 6.27 16.72
N VAL B 401 -7.17 7.45 16.30
CA VAL B 401 -6.56 8.27 15.22
C VAL B 401 -6.34 9.65 15.82
N GLN B 402 -5.20 10.26 15.53
CA GLN B 402 -4.89 11.63 15.96
C GLN B 402 -4.34 12.42 14.77
N PHE B 403 -4.79 13.66 14.62
CA PHE B 403 -4.31 14.62 13.59
C PHE B 403 -3.63 15.80 14.29
N ASP B 404 -2.70 16.42 13.58
CA ASP B 404 -1.86 17.53 14.08
C ASP B 404 -1.50 18.39 12.87
N CYS B 405 -1.27 19.69 13.04
CA CYS B 405 -0.82 20.54 11.91
C CYS B 405 0.28 21.52 12.32
N PHE B 406 0.91 22.14 11.31
CA PHE B 406 1.78 23.34 11.40
C PHE B 406 1.10 24.50 10.69
N HIS B 407 0.60 25.51 11.40
CA HIS B 407 0.19 26.82 10.83
C HIS B 407 1.44 27.66 10.57
N GLU B 408 1.41 28.54 9.57
CA GLU B 408 2.46 29.58 9.37
C GLU B 408 2.22 30.73 10.35
N ILE B 409 3.30 31.32 10.85
CA ILE B 409 3.31 32.64 11.55
C ILE B 409 4.34 33.53 10.82
N LEU B 410 3.99 34.82 10.67
CA LEU B 410 4.77 35.79 9.84
C LEU B 410 5.81 36.47 10.71
N PRO B 411 6.87 37.06 10.12
CA PRO B 411 8.04 37.52 10.87
C PRO B 411 7.77 38.91 11.47
N GLN B 412 7.41 38.95 12.76
CA GLN B 412 7.04 40.19 13.51
C GLN B 412 8.19 40.52 14.46
N PRO B 413 8.70 41.79 14.51
CA PRO B 413 9.93 42.10 15.23
C PRO B 413 9.72 42.20 16.76
N GLU B 414 8.46 42.29 17.20
CA GLU B 414 8.03 42.23 18.62
C GLU B 414 8.40 40.85 19.20
N ASN B 415 7.90 39.77 18.57
CA ASN B 415 8.29 38.35 18.81
C ASN B 415 9.82 38.27 18.75
N ARG B 416 10.52 37.98 19.85
CA ARG B 416 12.01 38.03 19.85
C ARG B 416 12.62 37.33 21.05
N ILE B 417 13.93 37.10 20.96
CA ILE B 417 14.78 36.47 22.00
C ILE B 417 15.90 37.46 22.32
N VAL B 418 16.18 37.65 23.61
CA VAL B 418 17.25 38.55 24.13
C VAL B 418 17.96 37.81 25.25
N PRO B 419 19.25 38.08 25.53
CA PRO B 419 19.92 37.48 26.69
C PRO B 419 19.41 38.21 27.94
N SER B 420 19.36 37.53 29.08
CA SER B 420 18.75 38.10 30.31
C SER B 420 19.75 39.00 31.02
N LYS B 421 19.33 40.22 31.34
CA LYS B 421 20.09 41.14 32.21
C LYS B 421 20.27 40.46 33.57
N THR B 422 19.23 39.72 34.01
CA THR B 422 19.06 39.18 35.38
C THR B 422 19.48 37.69 35.41
N ALA B 423 18.84 36.84 34.61
CA ALA B 423 18.93 35.36 34.69
C ALA B 423 20.25 34.87 34.08
N THR B 424 20.80 33.80 34.66
CA THR B 424 22.15 33.25 34.37
C THR B 424 22.13 31.73 34.60
N ASP B 425 22.81 30.93 33.78
CA ASP B 425 23.01 29.47 34.00
C ASP B 425 24.19 29.26 34.97
N ALA B 426 24.50 28.01 35.30
CA ALA B 426 25.50 27.64 36.33
C ALA B 426 26.92 28.12 35.96
N ILE B 427 27.13 28.84 34.84
CA ILE B 427 28.50 29.31 34.43
C ILE B 427 28.49 30.75 33.90
N GLY B 428 27.50 31.56 34.25
CA GLY B 428 27.58 33.02 34.07
C GLY B 428 26.89 33.51 32.82
N ILE B 429 26.61 32.63 31.85
CA ILE B 429 26.05 33.06 30.54
C ILE B 429 24.59 33.44 30.74
N PRO B 430 24.18 34.70 30.47
CA PRO B 430 22.77 35.08 30.52
C PRO B 430 21.86 34.03 29.86
N ARG B 431 20.55 34.13 30.02
CA ARG B 431 19.63 33.06 29.59
C ARG B 431 18.60 33.60 28.62
N PRO B 432 18.05 32.73 27.76
CA PRO B 432 17.10 33.17 26.74
C PRO B 432 15.85 33.79 27.38
N GLU B 433 15.49 35.00 26.98
CA GLU B 433 14.24 35.66 27.41
C GLU B 433 13.39 35.88 26.16
N ILE B 434 12.67 34.85 25.75
CA ILE B 434 11.81 34.90 24.53
C ILE B 434 10.53 35.64 24.89
N THR B 435 10.14 36.62 24.08
CA THR B 435 8.79 37.21 24.06
C THR B 435 8.12 36.81 22.76
N TYR B 436 6.82 36.50 22.79
CA TYR B 436 6.13 35.79 21.69
C TYR B 436 4.62 35.90 21.88
N ALA B 437 3.88 36.09 20.79
CA ALA B 437 2.40 36.18 20.76
C ALA B 437 1.94 35.53 19.47
N ILE B 438 0.67 35.13 19.39
CA ILE B 438 0.08 34.48 18.19
C ILE B 438 -1.10 35.36 17.76
N ASP B 439 -0.97 36.03 16.59
CA ASP B 439 -1.93 37.05 16.09
C ASP B 439 -3.13 36.36 15.44
N ASP B 440 -4.18 37.11 15.12
CA ASP B 440 -5.42 36.57 14.48
C ASP B 440 -5.11 36.00 13.09
N TYR B 441 -3.92 36.27 12.53
CA TYR B 441 -3.45 35.70 11.24
C TYR B 441 -3.55 34.17 11.35
N VAL B 442 -2.72 33.63 12.24
CA VAL B 442 -2.64 32.20 12.64
C VAL B 442 -3.99 31.68 13.16
N LYS B 443 -4.74 32.48 13.91
CA LYS B 443 -5.96 32.01 14.63
C LYS B 443 -7.11 31.84 13.64
N ARG B 444 -7.08 32.55 12.52
CA ARG B 444 -8.25 32.60 11.59
C ARG B 444 -8.14 31.39 10.67
N GLY B 445 -6.90 31.01 10.33
CA GLY B 445 -6.58 29.71 9.73
C GLY B 445 -7.03 28.56 10.63
N ALA B 446 -6.65 28.62 11.91
CA ALA B 446 -6.84 27.52 12.89
C ALA B 446 -8.32 27.25 13.09
N ALA B 447 -9.19 28.20 12.82
CA ALA B 447 -10.67 28.02 12.92
C ALA B 447 -11.13 27.10 11.79
N HIS B 448 -10.51 27.25 10.60
CA HIS B 448 -10.73 26.46 9.35
C HIS B 448 -10.02 25.11 9.47
N THR B 449 -8.74 25.09 9.85
CA THR B 449 -7.98 23.89 10.26
C THR B 449 -8.86 22.96 11.09
N ARG B 450 -9.64 23.54 11.98
CA ARG B 450 -10.52 22.81 12.93
C ARG B 450 -11.84 22.39 12.25
N GLU B 451 -12.20 22.91 11.07
CA GLU B 451 -13.38 22.42 10.32
C GLU B 451 -12.94 21.15 9.55
N VAL B 452 -11.73 21.18 9.00
CA VAL B 452 -11.09 20.01 8.33
C VAL B 452 -11.13 18.82 9.30
N TYR B 453 -10.60 19.00 10.54
CA TYR B 453 -10.62 18.00 11.66
C TYR B 453 -12.03 17.47 11.89
N ALA B 454 -12.99 18.37 12.08
CA ALA B 454 -14.42 18.00 12.29
C ALA B 454 -14.93 17.11 11.15
N THR B 455 -14.51 17.40 9.92
CA THR B 455 -14.93 16.64 8.70
C THR B 455 -14.23 15.27 8.76
N ALA B 456 -12.90 15.26 8.93
CA ALA B 456 -12.07 14.03 9.01
C ALA B 456 -12.72 13.08 10.02
N ALA B 457 -12.97 13.53 11.24
CA ALA B 457 -13.73 12.78 12.26
C ALA B 457 -14.95 12.08 11.64
N LYS B 458 -15.82 12.84 10.97
CA LYS B 458 -17.16 12.38 10.49
C LYS B 458 -16.97 11.30 9.39
N VAL B 459 -16.00 11.52 8.49
CA VAL B 459 -15.57 10.55 7.42
C VAL B 459 -15.26 9.20 8.08
N LEU B 460 -14.44 9.20 9.15
CA LEU B 460 -13.85 7.97 9.74
C LEU B 460 -14.70 7.38 10.88
N GLY B 461 -15.99 7.76 11.02
CA GLY B 461 -16.88 7.19 12.05
C GLY B 461 -16.49 7.65 13.44
N GLY B 462 -16.00 8.89 13.52
CA GLY B 462 -15.33 9.45 14.71
C GLY B 462 -16.18 9.42 15.98
N THR B 463 -15.64 8.82 17.03
CA THR B 463 -16.28 8.75 18.36
C THR B 463 -15.29 9.32 19.37
N ASP B 464 -15.80 9.94 20.45
CA ASP B 464 -14.99 10.62 21.47
C ASP B 464 -14.13 11.70 20.82
N VAL B 465 -14.75 12.60 20.05
CA VAL B 465 -13.99 13.63 19.29
C VAL B 465 -13.60 14.72 20.30
N VAL B 466 -12.30 14.94 20.47
CA VAL B 466 -11.74 16.05 21.29
C VAL B 466 -10.92 16.93 20.35
N PHE B 467 -11.17 18.23 20.37
CA PHE B 467 -10.34 19.22 19.63
C PHE B 467 -9.28 19.72 20.61
N ASN B 468 -8.03 19.73 20.17
CA ASN B 468 -6.87 20.28 20.89
C ASN B 468 -6.57 21.67 20.29
N ASP B 469 -7.19 22.73 20.84
CA ASP B 469 -7.18 24.09 20.26
C ASP B 469 -6.08 24.98 20.90
N GLU B 470 -5.32 24.48 21.87
CA GLU B 470 -4.16 25.25 22.41
C GLU B 470 -3.01 25.11 21.42
N PHE B 471 -2.45 26.22 20.97
CA PHE B 471 -1.31 26.24 20.03
C PHE B 471 -0.14 25.54 20.73
N ALA B 472 0.42 24.49 20.12
CA ALA B 472 1.56 23.71 20.65
C ALA B 472 2.85 24.14 19.98
N PRO B 473 3.98 24.11 20.71
CA PRO B 473 5.30 24.26 20.08
C PRO B 473 5.48 23.22 18.97
N ASN B 474 6.42 23.47 18.04
CA ASN B 474 6.76 22.53 16.92
C ASN B 474 8.26 22.62 16.56
N ASN B 475 9.09 23.25 17.40
CA ASN B 475 10.57 23.06 17.45
C ASN B 475 11.26 23.55 16.17
N HIS B 476 10.58 24.40 15.36
CA HIS B 476 11.11 25.07 14.14
C HIS B 476 11.52 26.50 14.47
N ILE B 477 12.67 26.62 15.11
CA ILE B 477 13.15 27.90 15.73
C ILE B 477 13.76 28.74 14.59
N THR B 478 12.94 29.58 13.97
CA THR B 478 13.21 30.18 12.65
C THR B 478 12.96 31.70 12.66
N GLY B 479 13.86 32.46 12.02
CA GLY B 479 13.70 33.90 11.72
C GLY B 479 14.67 34.80 12.47
N SER B 480 15.25 34.30 13.56
CA SER B 480 15.94 35.09 14.61
C SER B 480 17.10 35.94 14.05
N THR B 481 17.66 35.63 12.87
CA THR B 481 18.64 36.50 12.17
C THR B 481 18.25 36.65 10.68
N ILE B 482 17.08 37.24 10.43
CA ILE B 482 16.42 37.26 9.09
C ILE B 482 17.40 37.75 8.02
N MET B 483 17.46 37.03 6.90
CA MET B 483 18.26 37.37 5.68
C MET B 483 17.39 38.26 4.79
N GLY B 484 18.02 39.23 4.12
CA GLY B 484 17.29 40.16 3.25
C GLY B 484 18.19 40.97 2.34
N ALA B 485 17.57 41.99 1.72
CA ALA B 485 18.14 42.89 0.70
C ALA B 485 19.33 43.68 1.26
N ASP B 486 19.11 44.63 2.19
CA ASP B 486 20.16 45.51 2.76
C ASP B 486 20.03 45.60 4.29
N ALA B 487 21.13 45.97 4.96
CA ALA B 487 21.44 45.70 6.39
C ALA B 487 20.66 46.60 7.35
N ARG B 488 19.52 47.15 6.91
CA ARG B 488 18.73 48.16 7.67
C ARG B 488 17.29 47.66 7.78
N ASP B 489 17.22 46.35 7.96
CA ASP B 489 16.10 45.49 8.42
C ASP B 489 16.47 44.05 8.05
N SER B 490 17.75 43.67 8.19
CA SER B 490 18.31 42.34 7.88
C SER B 490 19.68 42.20 8.55
N VAL B 491 20.10 40.95 8.77
CA VAL B 491 21.34 40.57 9.54
C VAL B 491 22.34 39.93 8.57
N VAL B 492 21.82 39.29 7.51
CA VAL B 492 22.61 38.39 6.59
C VAL B 492 22.21 38.66 5.12
N ASP B 493 23.18 38.55 4.22
CA ASP B 493 23.00 38.68 2.74
C ASP B 493 22.41 37.36 2.22
N LYS B 494 21.94 37.36 0.97
CA LYS B 494 21.36 36.20 0.25
C LYS B 494 22.28 34.98 0.41
N ASP B 495 23.59 35.17 0.62
CA ASP B 495 24.60 34.09 0.81
C ASP B 495 24.68 33.59 2.26
N CYS B 496 23.83 34.12 3.14
CA CYS B 496 23.81 33.86 4.61
C CYS B 496 25.15 34.29 5.22
N ARG B 497 25.78 35.36 4.65
CA ARG B 497 26.92 36.12 5.24
C ARG B 497 26.37 37.40 5.91
N THR B 498 26.91 37.77 7.07
CA THR B 498 26.47 38.93 7.89
C THR B 498 26.91 40.23 7.23
N PHE B 499 25.96 41.12 6.96
CA PHE B 499 26.19 42.45 6.33
C PHE B 499 27.35 43.16 7.01
N ASP B 500 27.42 43.13 8.34
CA ASP B 500 28.52 43.79 9.11
C ASP B 500 29.83 43.04 8.89
N HIS B 501 29.95 41.80 9.37
CA HIS B 501 31.25 41.08 9.42
C HIS B 501 31.41 40.22 8.17
N PRO B 502 32.40 40.55 7.30
CA PRO B 502 32.54 39.85 6.03
C PRO B 502 32.98 38.39 6.20
N ASN B 503 33.56 38.01 7.33
CA ASN B 503 34.03 36.60 7.52
C ASN B 503 33.10 35.84 8.48
N LEU B 504 31.89 36.34 8.75
CA LEU B 504 30.88 35.66 9.60
C LEU B 504 29.65 35.25 8.77
N PHE B 505 29.31 33.95 8.86
CA PHE B 505 28.10 33.31 8.28
C PHE B 505 27.25 32.67 9.39
N ILE B 506 25.94 32.59 9.13
CA ILE B 506 24.93 31.95 10.03
C ILE B 506 24.31 30.74 9.31
N SER B 507 24.78 29.52 9.61
CA SER B 507 24.12 28.24 9.23
C SER B 507 23.06 27.86 10.27
N SER B 508 21.81 28.21 10.02
CA SER B 508 20.69 28.01 10.96
C SER B 508 19.41 28.53 10.31
N SER B 509 18.24 28.17 10.85
CA SER B 509 16.90 28.55 10.37
C SER B 509 16.60 29.98 10.80
N ALA B 510 17.49 30.50 11.64
CA ALA B 510 17.61 31.93 12.02
C ALA B 510 17.65 32.79 10.76
N THR B 511 18.38 32.31 9.73
CA THR B 511 18.58 33.00 8.42
C THR B 511 17.29 33.00 7.58
N MET B 512 16.20 32.35 7.98
CA MET B 512 15.03 32.13 7.09
C MET B 512 13.97 33.22 7.32
N PRO B 513 13.79 34.17 6.40
CA PRO B 513 12.68 35.14 6.50
C PRO B 513 11.25 34.61 6.55
N THR B 514 11.01 33.32 6.37
CA THR B 514 9.65 32.76 6.51
C THR B 514 9.77 31.33 7.02
N VAL B 515 8.77 30.90 7.80
CA VAL B 515 8.76 29.56 8.44
C VAL B 515 7.94 28.64 7.51
N GLY B 516 7.05 29.24 6.72
CA GLY B 516 6.28 28.48 5.74
C GLY B 516 5.36 27.51 6.46
N THR B 517 5.13 26.33 5.87
CA THR B 517 4.08 25.36 6.25
C THR B 517 4.62 23.95 6.52
N VAL B 518 5.95 23.80 6.68
CA VAL B 518 6.64 22.48 6.73
C VAL B 518 7.93 22.50 7.56
N ASN B 519 8.26 21.36 8.17
CA ASN B 519 9.55 21.12 8.87
C ASN B 519 10.67 21.71 8.00
N VAL B 520 11.52 22.51 8.64
CA VAL B 520 12.43 23.48 7.97
C VAL B 520 13.84 22.92 7.90
N THR B 521 14.13 21.75 8.45
CA THR B 521 15.54 21.29 8.57
C THR B 521 16.11 20.96 7.19
N LEU B 522 15.29 20.60 6.20
CA LEU B 522 15.82 20.25 4.85
C LEU B 522 16.45 21.53 4.25
N THR B 523 15.63 22.60 4.26
CA THR B 523 15.95 23.99 3.87
C THR B 523 17.21 24.49 4.59
N ILE B 524 17.38 24.12 5.86
CA ILE B 524 18.58 24.45 6.66
C ILE B 524 19.77 23.77 5.98
N ALA B 525 19.61 22.51 5.58
CA ALA B 525 20.69 21.72 4.96
C ALA B 525 20.94 22.29 3.55
N ALA B 526 19.90 22.70 2.81
CA ALA B 526 20.00 23.38 1.51
C ALA B 526 20.98 24.56 1.63
N LEU B 527 20.74 25.44 2.59
CA LEU B 527 21.54 26.68 2.76
C LEU B 527 22.93 26.30 3.27
N ALA B 528 23.04 25.25 4.09
CA ALA B 528 24.33 24.85 4.73
C ALA B 528 25.26 24.35 3.61
N LEU B 529 24.71 23.61 2.66
CA LEU B 529 25.44 23.14 1.44
C LEU B 529 25.75 24.35 0.54
N ARG B 530 24.76 25.22 0.31
CA ARG B 530 24.91 26.44 -0.54
C ARG B 530 26.00 27.35 0.01
N MET B 531 25.99 27.62 1.31
CA MET B 531 27.05 28.39 2.00
C MET B 531 28.40 27.71 1.83
N SER B 532 28.49 26.41 2.11
CA SER B 532 29.77 25.65 2.10
C SER B 532 30.46 25.83 0.74
N ASP B 533 29.65 25.90 -0.33
CA ASP B 533 30.05 26.16 -1.75
C ASP B 533 30.73 27.54 -1.84
N THR B 534 30.00 28.61 -1.51
CA THR B 534 30.49 30.00 -1.42
C THR B 534 31.84 30.07 -0.66
N LEU B 535 31.85 29.69 0.61
CA LEU B 535 33.06 29.77 1.49
C LEU B 535 34.23 29.02 0.84
N LYS B 536 34.00 27.88 0.16
CA LYS B 536 35.09 27.10 -0.52
C LYS B 536 35.83 28.00 -1.52
N LYS B 537 35.12 28.86 -2.25
CA LYS B 537 35.72 29.88 -3.15
C LYS B 537 36.72 30.72 -2.33
N GLU B 538 36.29 31.39 -1.25
CA GLU B 538 37.20 32.18 -0.35
C GLU B 538 38.35 31.29 0.12
N VAL B 539 39.59 31.77 -0.09
CA VAL B 539 40.89 31.09 0.21
C VAL B 539 40.77 30.40 1.59
N THR C 52 36.38 -34.21 -27.76
CA THR C 52 35.16 -34.06 -26.90
C THR C 52 33.92 -34.55 -27.68
N ALA C 53 32.70 -34.31 -27.17
CA ALA C 53 31.41 -34.80 -27.69
C ALA C 53 30.57 -33.63 -28.22
N PRO C 54 29.47 -33.89 -28.97
CA PRO C 54 28.57 -32.82 -29.40
C PRO C 54 28.08 -31.94 -28.24
N LEU C 55 27.89 -32.54 -27.06
CA LEU C 55 27.33 -31.85 -25.88
C LEU C 55 28.33 -30.84 -25.33
N ASP C 56 29.63 -31.15 -25.35
CA ASP C 56 30.73 -30.23 -24.94
C ASP C 56 30.78 -29.00 -25.84
N THR C 57 30.76 -29.18 -27.16
CA THR C 57 30.64 -28.07 -28.14
C THR C 57 29.45 -27.18 -27.77
N PHE C 58 28.29 -27.80 -27.58
CA PHE C 58 26.99 -27.12 -27.39
C PHE C 58 27.08 -26.26 -26.13
N MET C 59 27.63 -26.82 -25.05
CA MET C 59 27.58 -26.22 -23.70
C MET C 59 28.52 -25.01 -23.64
N THR C 60 29.73 -25.15 -24.19
CA THR C 60 30.71 -24.05 -24.42
C THR C 60 30.04 -22.89 -25.15
N LEU C 61 29.56 -23.16 -26.36
CA LEU C 61 28.89 -22.19 -27.25
C LEU C 61 27.76 -21.51 -26.47
N SER C 62 26.97 -22.32 -25.74
CA SER C 62 25.86 -21.87 -24.87
C SER C 62 26.37 -20.85 -23.82
N GLU C 63 27.41 -21.19 -23.06
CA GLU C 63 28.04 -20.33 -22.03
C GLU C 63 28.47 -18.98 -22.62
N SER C 64 29.15 -18.98 -23.78
CA SER C 64 29.60 -17.74 -24.48
C SER C 64 28.40 -16.90 -24.93
N LEU C 65 27.40 -17.51 -25.58
CA LEU C 65 26.19 -16.85 -26.16
C LEU C 65 25.30 -16.29 -25.03
N THR C 66 25.34 -16.93 -23.87
CA THR C 66 24.32 -16.80 -22.80
C THR C 66 24.91 -15.98 -21.64
N GLY C 67 26.22 -16.06 -21.44
CA GLY C 67 26.95 -15.26 -20.42
C GLY C 67 26.99 -15.94 -19.08
N LYS C 68 26.15 -16.96 -18.88
CA LYS C 68 25.97 -17.61 -17.55
C LYS C 68 27.04 -18.68 -17.41
N LYS C 69 27.44 -18.95 -16.18
CA LYS C 69 28.31 -20.10 -15.82
C LYS C 69 27.49 -21.05 -14.93
N GLY C 70 27.78 -22.35 -14.94
CA GLY C 70 27.04 -23.33 -14.11
C GLY C 70 25.84 -23.91 -14.86
N LEU C 71 25.48 -23.32 -16.00
CA LEU C 71 24.48 -23.87 -16.94
C LEU C 71 24.44 -25.39 -16.76
N SER C 72 23.24 -25.93 -16.47
CA SER C 72 22.94 -27.38 -16.30
C SER C 72 23.20 -28.15 -17.59
N ARG C 73 24.07 -29.16 -17.54
CA ARG C 73 24.32 -30.09 -18.67
C ARG C 73 23.24 -31.17 -18.69
N VAL C 74 22.48 -31.35 -17.62
CA VAL C 74 21.25 -32.20 -17.69
C VAL C 74 20.27 -31.47 -18.61
N ILE C 75 20.06 -30.16 -18.41
CA ILE C 75 19.14 -29.33 -19.24
C ILE C 75 19.70 -29.23 -20.67
N GLY C 76 20.97 -28.86 -20.81
CA GLY C 76 21.63 -28.60 -22.11
C GLY C 76 21.53 -29.77 -23.08
N GLU C 77 21.56 -31.00 -22.56
CA GLU C 77 21.52 -32.24 -23.38
C GLU C 77 20.09 -32.47 -23.85
N ARG C 78 19.10 -32.08 -23.04
CA ARG C 78 17.65 -32.10 -23.40
C ARG C 78 17.43 -31.09 -24.53
N LEU C 79 17.95 -29.87 -24.36
CA LEU C 79 17.93 -28.77 -25.37
C LEU C 79 18.63 -29.22 -26.65
N LEU C 80 19.85 -29.76 -26.55
CA LEU C 80 20.57 -30.35 -27.71
C LEU C 80 19.67 -31.41 -28.38
N GLN C 81 19.26 -32.47 -27.67
CA GLN C 81 18.43 -33.59 -28.21
C GLN C 81 17.28 -33.03 -29.05
N ALA C 82 16.62 -31.99 -28.54
CA ALA C 82 15.44 -31.34 -29.14
C ALA C 82 15.82 -30.50 -30.37
N LEU C 83 16.90 -29.72 -30.27
CA LEU C 83 17.39 -28.91 -31.41
C LEU C 83 17.81 -29.84 -32.54
N GLN C 84 18.44 -30.99 -32.21
CA GLN C 84 18.97 -31.94 -33.21
C GLN C 84 17.84 -32.36 -34.16
N LYS C 85 16.64 -32.59 -33.63
CA LYS C 85 15.44 -33.03 -34.41
C LYS C 85 15.35 -32.28 -35.75
N GLY C 86 15.11 -30.96 -35.75
CA GLY C 86 14.93 -30.20 -37.00
C GLY C 86 15.24 -28.71 -36.87
N SER C 87 16.37 -28.36 -36.26
CA SER C 87 16.79 -26.97 -36.05
C SER C 87 18.15 -26.71 -36.71
N PHE C 88 18.95 -27.76 -36.93
CA PHE C 88 20.33 -27.65 -37.45
C PHE C 88 20.34 -27.98 -38.94
N LYS C 89 20.93 -27.09 -39.74
CA LYS C 89 21.03 -27.23 -41.22
C LYS C 89 21.97 -28.38 -41.57
N THR C 90 23.12 -28.48 -40.87
CA THR C 90 24.24 -29.42 -41.19
C THR C 90 24.69 -30.15 -39.92
N ALA C 91 25.40 -31.27 -40.07
CA ALA C 91 26.15 -31.96 -38.99
C ALA C 91 27.16 -30.98 -38.39
N ASP C 92 27.85 -30.21 -39.24
CA ASP C 92 28.99 -29.33 -38.86
C ASP C 92 28.51 -27.92 -38.46
N SER C 93 27.20 -27.61 -38.51
CA SER C 93 26.68 -26.22 -38.37
C SER C 93 26.79 -25.69 -36.93
N LEU C 94 27.25 -26.52 -35.98
CA LEU C 94 27.36 -26.15 -34.53
C LEU C 94 28.79 -25.74 -34.19
N PRO C 95 29.86 -26.55 -34.49
CA PRO C 95 31.25 -26.09 -34.30
C PRO C 95 31.61 -24.91 -35.21
N GLN C 96 30.92 -24.77 -36.35
CA GLN C 96 31.07 -23.63 -37.30
C GLN C 96 30.39 -22.35 -36.78
N LEU C 97 29.39 -22.46 -35.91
CA LEU C 97 28.88 -21.28 -35.15
C LEU C 97 29.93 -20.92 -34.09
N ALA C 98 30.42 -21.92 -33.35
CA ALA C 98 31.48 -21.81 -32.33
C ALA C 98 32.63 -20.97 -32.89
N GLY C 99 33.24 -21.45 -33.98
CA GLY C 99 34.33 -20.76 -34.69
C GLY C 99 33.92 -19.35 -35.12
N ALA C 100 32.77 -19.21 -35.77
CA ALA C 100 32.30 -17.93 -36.36
C ALA C 100 32.18 -16.84 -35.28
N LEU C 101 31.86 -17.22 -34.03
CA LEU C 101 31.69 -16.28 -32.89
C LEU C 101 33.03 -15.61 -32.61
N ALA C 102 34.09 -16.42 -32.42
CA ALA C 102 35.48 -16.00 -32.14
C ALA C 102 35.97 -15.06 -33.26
N SER C 103 35.61 -15.35 -34.51
CA SER C 103 35.83 -14.49 -35.71
C SER C 103 35.21 -13.10 -35.46
N GLY C 104 34.02 -13.06 -34.87
CA GLY C 104 33.31 -11.82 -34.50
C GLY C 104 32.43 -11.33 -35.64
N SER C 105 32.26 -12.16 -36.69
CA SER C 105 31.31 -11.91 -37.81
C SER C 105 30.43 -13.14 -38.03
N LEU C 106 29.13 -12.90 -38.21
CA LEU C 106 28.08 -13.94 -38.27
C LEU C 106 27.15 -13.61 -39.45
N THR C 107 26.90 -14.59 -40.31
CA THR C 107 26.00 -14.42 -41.48
C THR C 107 24.57 -14.65 -40.99
N PRO C 108 23.56 -14.08 -41.67
CA PRO C 108 22.15 -14.23 -41.27
C PRO C 108 21.80 -15.65 -40.81
N GLU C 109 22.33 -16.64 -41.53
CA GLU C 109 22.20 -18.09 -41.22
C GLU C 109 22.67 -18.33 -39.78
N GLN C 110 23.87 -17.85 -39.43
CA GLN C 110 24.57 -18.16 -38.16
C GLN C 110 24.11 -17.25 -37.01
N GLU C 111 23.67 -16.04 -37.32
CA GLU C 111 23.01 -15.11 -36.37
C GLU C 111 21.66 -15.71 -35.97
N SER C 112 20.91 -16.27 -36.93
CA SER C 112 19.55 -16.83 -36.69
C SER C 112 19.64 -18.12 -35.90
N LEU C 113 20.70 -18.92 -36.13
CA LEU C 113 20.98 -20.20 -35.41
C LEU C 113 21.31 -19.87 -33.95
N ALA C 114 22.17 -18.86 -33.72
CA ALA C 114 22.65 -18.43 -32.39
C ALA C 114 21.46 -17.91 -31.59
N LEU C 115 20.56 -17.19 -32.26
CA LEU C 115 19.34 -16.61 -31.65
C LEU C 115 18.39 -17.76 -31.26
N THR C 116 18.45 -18.90 -31.97
CA THR C 116 17.58 -20.09 -31.75
C THR C 116 18.02 -20.84 -30.48
N ILE C 117 19.33 -20.95 -30.29
CA ILE C 117 20.01 -21.62 -29.16
C ILE C 117 19.78 -20.79 -27.90
N LEU C 118 20.15 -19.53 -27.95
CA LEU C 118 19.93 -18.54 -26.86
C LEU C 118 18.44 -18.49 -26.49
N GLU C 119 17.55 -18.57 -27.48
CA GLU C 119 16.08 -18.60 -27.26
C GLU C 119 15.73 -19.78 -26.37
N ALA C 120 16.19 -20.97 -26.75
CA ALA C 120 15.97 -22.27 -26.07
C ALA C 120 16.34 -22.17 -24.59
N TRP C 121 17.51 -21.60 -24.31
CA TRP C 121 18.00 -21.38 -22.92
C TRP C 121 17.12 -20.38 -22.15
N TYR C 122 16.83 -19.22 -22.72
CA TYR C 122 16.05 -18.16 -22.01
C TYR C 122 14.59 -18.59 -21.84
N LEU C 123 13.93 -19.03 -22.91
CA LEU C 123 12.48 -19.35 -22.90
C LEU C 123 12.25 -20.74 -22.33
N GLY C 124 13.26 -21.62 -22.42
CA GLY C 124 13.12 -23.03 -22.00
C GLY C 124 12.27 -23.83 -22.99
N ILE C 125 12.07 -23.31 -24.20
CA ILE C 125 11.16 -23.89 -25.23
C ILE C 125 11.93 -24.09 -26.52
N VAL C 126 11.79 -25.27 -27.12
CA VAL C 126 12.42 -25.60 -28.43
C VAL C 126 11.32 -26.17 -29.33
N ASP C 127 10.99 -25.45 -30.38
CA ASP C 127 10.06 -25.96 -31.41
C ASP C 127 8.69 -26.20 -30.74
N ASN C 128 8.25 -25.24 -29.94
CA ASN C 128 6.92 -25.22 -29.30
C ASN C 128 6.75 -26.48 -28.43
N VAL C 129 7.82 -26.86 -27.73
CA VAL C 129 7.81 -27.88 -26.63
C VAL C 129 8.59 -27.32 -25.44
N VAL C 130 7.97 -27.40 -24.25
CA VAL C 130 8.64 -27.08 -22.95
C VAL C 130 9.66 -28.17 -22.68
N ILE C 131 10.94 -27.82 -22.80
CA ILE C 131 12.12 -28.65 -22.40
C ILE C 131 12.36 -28.45 -20.91
N THR C 132 12.29 -27.19 -20.43
CA THR C 132 12.21 -26.85 -18.98
C THR C 132 11.38 -25.58 -18.77
N TYR C 133 10.83 -25.43 -17.56
CA TYR C 133 10.06 -24.24 -17.14
C TYR C 133 10.80 -23.58 -15.98
N GLU C 134 10.93 -24.28 -14.87
CA GLU C 134 11.69 -23.83 -13.66
C GLU C 134 13.10 -23.34 -14.04
N GLU C 135 13.82 -23.98 -14.96
CA GLU C 135 15.26 -23.69 -15.17
C GLU C 135 15.46 -22.73 -16.35
N ALA C 136 14.37 -22.23 -16.94
CA ALA C 136 14.39 -21.26 -18.06
C ALA C 136 15.16 -20.02 -17.62
N LEU C 137 16.22 -19.66 -18.35
CA LEU C 137 17.18 -18.59 -17.94
C LEU C 137 16.50 -17.24 -17.76
N MET C 138 15.40 -16.92 -18.45
CA MET C 138 14.76 -15.57 -18.33
C MET C 138 14.29 -15.29 -16.90
N PHE C 139 14.02 -16.31 -16.09
CA PHE C 139 13.50 -16.19 -14.71
C PHE C 139 14.64 -15.74 -13.79
N GLY C 140 15.84 -16.27 -13.97
CA GLY C 140 17.05 -15.90 -13.20
C GLY C 140 17.46 -14.44 -13.36
N VAL C 141 17.17 -13.84 -14.50
CA VAL C 141 17.53 -12.45 -14.84
C VAL C 141 16.74 -11.48 -13.96
N VAL C 142 15.56 -11.87 -13.50
CA VAL C 142 14.70 -11.01 -12.64
C VAL C 142 14.38 -11.71 -11.31
N SER C 143 15.00 -12.85 -10.98
CA SER C 143 14.52 -13.79 -9.91
C SER C 143 14.44 -13.11 -8.53
N ASP C 144 15.21 -12.03 -8.34
CA ASP C 144 15.36 -11.27 -7.07
C ASP C 144 14.25 -10.21 -6.93
N THR C 145 13.32 -10.14 -7.91
CA THR C 145 12.21 -9.16 -7.93
C THR C 145 10.86 -9.85 -8.28
N LEU C 146 10.82 -10.67 -9.34
CA LEU C 146 9.60 -11.36 -9.85
C LEU C 146 9.68 -12.88 -9.58
N VAL C 147 8.52 -13.52 -9.35
CA VAL C 147 8.41 -15.00 -9.08
C VAL C 147 8.10 -15.72 -10.41
N ILE C 148 8.26 -17.05 -10.45
CA ILE C 148 7.86 -17.92 -11.60
C ILE C 148 6.42 -18.38 -11.35
N ARG C 149 5.50 -18.08 -12.26
CA ARG C 149 4.05 -18.32 -12.06
C ARG C 149 3.85 -19.80 -11.68
N SER C 150 2.99 -20.07 -10.69
CA SER C 150 2.61 -21.43 -10.18
C SER C 150 3.55 -21.89 -9.06
N TYR C 151 4.60 -21.12 -8.73
CA TYR C 151 5.49 -21.33 -7.56
C TYR C 151 5.56 -20.07 -6.68
N CYS C 152 5.16 -20.10 -5.40
CA CYS C 152 5.25 -18.89 -4.55
C CYS C 152 6.52 -18.90 -3.71
N PRO C 153 7.09 -17.70 -3.48
CA PRO C 153 8.15 -17.53 -2.49
C PRO C 153 7.68 -17.94 -1.08
N ASN C 154 8.54 -17.73 -0.07
CA ASN C 154 8.31 -18.05 1.38
C ASN C 154 7.60 -16.90 2.09
N LYS C 155 7.27 -15.80 1.40
CA LYS C 155 7.02 -14.47 2.03
C LYS C 155 5.56 -14.05 1.88
N PRO C 156 5.08 -13.10 2.72
CA PRO C 156 3.66 -12.73 2.80
C PRO C 156 3.19 -11.90 1.60
N GLY C 157 2.33 -10.88 1.84
CA GLY C 157 2.12 -9.74 0.94
C GLY C 157 3.41 -9.02 0.59
N PHE C 158 4.51 -9.77 0.34
CA PHE C 158 5.87 -9.29 -0.03
C PHE C 158 5.85 -8.25 -1.15
N TRP C 159 4.72 -8.17 -1.86
CA TRP C 159 4.56 -7.47 -3.17
C TRP C 159 4.18 -6.00 -2.99
N ALA C 160 4.01 -5.54 -1.74
CA ALA C 160 3.76 -4.12 -1.40
C ALA C 160 5.03 -3.30 -1.66
N ASP C 161 6.18 -3.80 -1.20
CA ASP C 161 7.52 -3.18 -1.37
C ASP C 161 7.70 -2.82 -2.84
N LYS C 162 8.49 -1.79 -3.14
CA LYS C 162 9.03 -1.59 -4.51
C LYS C 162 10.30 -2.42 -4.58
N PRO C 163 10.54 -3.21 -5.65
CA PRO C 163 11.74 -4.04 -5.75
C PRO C 163 13.05 -3.24 -5.75
N ILE C 164 14.17 -3.89 -5.43
CA ILE C 164 15.47 -3.22 -5.22
C ILE C 164 16.50 -3.76 -6.24
N GLU C 165 17.27 -4.79 -5.91
CA GLU C 165 18.36 -5.36 -6.77
C GLU C 165 18.89 -6.66 -6.15
N ALA D 9 -34.31 -39.41 -8.59
CA ALA D 9 -34.34 -38.91 -7.18
C ALA D 9 -35.10 -37.58 -7.13
N ASP D 10 -35.07 -36.86 -6.02
CA ASP D 10 -35.85 -35.61 -5.78
C ASP D 10 -35.35 -34.50 -6.70
N VAL D 11 -34.06 -34.13 -6.61
CA VAL D 11 -33.49 -33.05 -7.48
C VAL D 11 -32.40 -33.61 -8.39
N VAL D 12 -32.38 -33.11 -9.62
CA VAL D 12 -31.42 -33.47 -10.71
C VAL D 12 -30.78 -32.19 -11.24
N VAL D 13 -29.49 -32.02 -10.94
CA VAL D 13 -28.74 -30.81 -11.33
C VAL D 13 -27.81 -31.23 -12.46
N VAL D 14 -27.73 -30.39 -13.50
CA VAL D 14 -26.93 -30.65 -14.74
C VAL D 14 -25.83 -29.59 -14.83
N GLY D 15 -24.61 -29.99 -14.45
CA GLY D 15 -23.43 -29.10 -14.36
C GLY D 15 -22.92 -29.10 -12.93
N SER D 16 -21.64 -29.38 -12.73
CA SER D 16 -20.96 -29.37 -11.41
C SER D 16 -20.04 -28.15 -11.32
N GLY D 17 -20.37 -27.05 -12.02
CA GLY D 17 -19.79 -25.71 -11.81
C GLY D 17 -20.25 -25.08 -10.50
N VAL D 18 -19.88 -23.83 -10.25
CA VAL D 18 -20.32 -23.14 -9.00
C VAL D 18 -21.85 -23.11 -8.96
N ALA D 19 -22.47 -22.72 -10.08
CA ALA D 19 -23.94 -22.52 -10.23
C ALA D 19 -24.70 -23.77 -9.83
N GLY D 20 -24.29 -24.92 -10.34
CA GLY D 20 -24.96 -26.20 -10.06
C GLY D 20 -24.59 -26.74 -8.68
N ALA D 21 -23.32 -26.60 -8.31
CA ALA D 21 -22.77 -27.22 -7.08
C ALA D 21 -23.40 -26.55 -5.85
N ILE D 22 -23.56 -25.23 -5.88
CA ILE D 22 -24.19 -24.48 -4.75
C ILE D 22 -25.59 -25.06 -4.57
N VAL D 23 -26.34 -25.12 -5.67
CA VAL D 23 -27.75 -25.60 -5.67
C VAL D 23 -27.74 -27.03 -5.14
N ALA D 24 -26.87 -27.89 -5.66
CA ALA D 24 -26.75 -29.31 -5.26
C ALA D 24 -26.47 -29.39 -3.76
N HIS D 25 -25.60 -28.51 -3.24
CA HIS D 25 -25.08 -28.51 -1.84
C HIS D 25 -26.18 -28.05 -0.87
N GLN D 26 -26.90 -26.99 -1.23
CA GLN D 26 -28.01 -26.42 -0.42
C GLN D 26 -29.09 -27.49 -0.22
N LEU D 27 -29.47 -28.18 -1.31
CA LEU D 27 -30.58 -29.17 -1.32
C LEU D 27 -30.16 -30.42 -0.52
N ALA D 28 -28.95 -30.93 -0.76
CA ALA D 28 -28.40 -32.16 -0.15
C ALA D 28 -28.32 -31.99 1.37
N MET D 29 -28.01 -30.77 1.83
CA MET D 29 -27.96 -30.45 3.28
C MET D 29 -29.39 -30.56 3.84
N ALA D 30 -30.38 -30.04 3.09
CA ALA D 30 -31.81 -29.91 3.48
C ALA D 30 -32.48 -31.28 3.62
N GLY D 31 -31.91 -32.32 3.02
CA GLY D 31 -32.36 -33.71 3.17
C GLY D 31 -32.81 -34.29 1.85
N LYS D 32 -32.84 -33.48 0.80
CA LYS D 32 -33.31 -33.87 -0.55
C LYS D 32 -32.23 -34.74 -1.23
N ALA D 33 -32.61 -35.91 -1.74
CA ALA D 33 -31.76 -36.81 -2.55
C ALA D 33 -31.45 -36.11 -3.87
N VAL D 34 -30.22 -35.60 -4.01
CA VAL D 34 -29.75 -34.94 -5.26
C VAL D 34 -28.88 -35.92 -6.02
N ILE D 35 -28.84 -35.75 -7.34
CA ILE D 35 -27.91 -36.40 -8.30
C ILE D 35 -27.39 -35.27 -9.18
N LEU D 36 -26.06 -35.20 -9.31
CA LEU D 36 -25.34 -34.12 -10.02
C LEU D 36 -24.71 -34.73 -11.27
N LEU D 37 -25.11 -34.26 -12.45
CA LEU D 37 -24.66 -34.87 -13.72
C LEU D 37 -23.63 -33.95 -14.37
N GLU D 38 -22.42 -34.48 -14.59
CA GLU D 38 -21.28 -33.69 -15.09
C GLU D 38 -20.83 -34.31 -16.42
N ALA D 39 -20.81 -33.48 -17.46
CA ALA D 39 -20.45 -33.87 -18.83
C ALA D 39 -19.00 -34.37 -18.84
N GLY D 40 -18.12 -33.70 -18.09
CA GLY D 40 -16.66 -33.94 -18.11
C GLY D 40 -16.20 -34.87 -16.99
N PRO D 41 -14.90 -35.21 -16.98
CA PRO D 41 -14.31 -36.07 -15.95
C PRO D 41 -13.93 -35.37 -14.65
N ARG D 42 -13.76 -36.12 -13.55
CA ARG D 42 -13.00 -35.66 -12.37
C ARG D 42 -11.58 -35.29 -12.81
N MET D 43 -11.05 -34.18 -12.31
CA MET D 43 -9.67 -33.71 -12.57
C MET D 43 -9.05 -33.27 -11.26
N PRO D 44 -7.94 -33.86 -10.78
CA PRO D 44 -7.30 -33.35 -9.57
C PRO D 44 -6.58 -32.03 -9.89
N ARG D 45 -6.64 -31.07 -8.97
CA ARG D 45 -5.95 -29.76 -9.07
C ARG D 45 -4.49 -29.99 -9.49
N TRP D 46 -3.78 -30.91 -8.83
CA TRP D 46 -2.36 -31.20 -9.13
C TRP D 46 -2.16 -31.56 -10.61
N GLU D 47 -3.10 -32.24 -11.27
CA GLU D 47 -3.01 -32.62 -12.70
C GLU D 47 -3.07 -31.37 -13.58
N ILE D 48 -3.94 -30.41 -13.26
CA ILE D 48 -4.10 -29.13 -14.01
C ILE D 48 -2.78 -28.36 -13.95
N VAL D 49 -2.20 -28.31 -12.75
CA VAL D 49 -0.93 -27.59 -12.46
C VAL D 49 0.18 -28.26 -13.25
N GLU D 50 0.16 -29.59 -13.34
CA GLU D 50 1.28 -30.31 -13.98
C GLU D 50 1.16 -30.11 -15.49
N ARG D 51 -0.07 -30.08 -16.02
CA ARG D 51 -0.35 -29.74 -17.46
C ARG D 51 0.12 -28.32 -17.74
N PHE D 52 -0.37 -27.36 -16.95
CA PHE D 52 -0.03 -25.92 -17.07
C PHE D 52 1.49 -25.73 -17.19
N ARG D 53 2.26 -26.37 -16.30
CA ARG D 53 3.75 -26.27 -16.26
C ARG D 53 4.38 -26.77 -17.56
N ASN D 54 3.74 -27.70 -18.29
CA ASN D 54 4.35 -28.34 -19.49
C ASN D 54 3.67 -27.83 -20.77
N GLN D 55 2.77 -26.85 -20.69
CA GLN D 55 2.12 -26.25 -21.88
C GLN D 55 3.01 -25.12 -22.41
N PRO D 56 3.22 -25.00 -23.74
CA PRO D 56 4.16 -24.02 -24.33
C PRO D 56 3.72 -22.55 -24.41
N ASP D 57 2.42 -22.27 -24.52
CA ASP D 57 1.84 -20.91 -24.48
C ASP D 57 1.13 -20.72 -23.13
N LYS D 58 1.81 -20.06 -22.20
CA LYS D 58 1.40 -20.03 -20.77
C LYS D 58 0.42 -18.87 -20.59
N MET D 59 0.06 -18.22 -21.70
CA MET D 59 -0.95 -17.13 -21.75
C MET D 59 -2.29 -17.68 -22.23
N ASP D 60 -2.42 -19.01 -22.42
CA ASP D 60 -3.60 -19.73 -23.00
C ASP D 60 -4.29 -20.49 -21.87
N PHE D 61 -5.45 -20.01 -21.45
CA PHE D 61 -6.06 -20.43 -20.16
C PHE D 61 -6.93 -21.68 -20.36
N MET D 62 -7.03 -22.22 -21.58
CA MET D 62 -7.84 -23.44 -21.85
C MET D 62 -6.93 -24.67 -22.07
N ALA D 63 -5.72 -24.43 -22.59
CA ALA D 63 -4.69 -25.46 -22.87
C ALA D 63 -4.59 -26.49 -21.76
N PRO D 64 -4.43 -26.12 -20.46
CA PRO D 64 -4.18 -27.09 -19.40
C PRO D 64 -5.43 -27.88 -19.01
N TYR D 65 -6.52 -27.76 -19.78
CA TYR D 65 -7.76 -28.54 -19.56
C TYR D 65 -8.04 -29.40 -20.79
N PRO D 66 -7.61 -30.69 -20.81
CA PRO D 66 -7.80 -31.54 -21.98
C PRO D 66 -9.29 -31.52 -22.34
N SER D 67 -9.61 -31.35 -23.62
CA SER D 67 -11.00 -31.29 -24.15
C SER D 67 -11.43 -32.69 -24.56
N SER D 68 -12.13 -33.41 -23.68
CA SER D 68 -12.56 -34.81 -23.92
C SER D 68 -13.40 -34.88 -25.19
N PRO D 69 -13.19 -35.92 -26.03
CA PRO D 69 -14.00 -36.11 -27.25
C PRO D 69 -15.49 -36.28 -26.94
N TRP D 70 -15.82 -36.88 -25.78
CA TRP D 70 -17.24 -37.07 -25.34
C TRP D 70 -17.85 -35.76 -24.84
N ALA D 71 -17.07 -34.82 -24.30
CA ALA D 71 -17.62 -33.61 -23.67
C ALA D 71 -16.72 -32.41 -23.94
N PRO D 72 -16.40 -32.12 -25.21
CA PRO D 72 -15.38 -31.13 -25.57
C PRO D 72 -15.69 -29.69 -25.10
N HIS D 73 -14.73 -28.79 -25.24
CA HIS D 73 -14.87 -27.36 -24.86
C HIS D 73 -13.93 -26.52 -25.74
N PRO D 74 -14.18 -25.22 -25.85
CA PRO D 74 -13.38 -24.38 -26.73
C PRO D 74 -11.88 -24.50 -26.45
N GLU D 75 -11.09 -24.68 -27.48
CA GLU D 75 -9.61 -24.55 -27.48
C GLU D 75 -9.25 -23.68 -28.68
N TYR D 76 -8.36 -22.70 -28.51
CA TYR D 76 -7.95 -21.77 -29.61
C TYR D 76 -6.43 -21.83 -29.87
N GLY D 77 -5.67 -22.70 -29.20
CA GLY D 77 -4.21 -22.81 -29.39
C GLY D 77 -3.67 -24.24 -29.30
N PRO D 78 -3.81 -25.10 -30.35
CA PRO D 78 -4.44 -24.72 -31.62
C PRO D 78 -5.97 -24.81 -31.56
N PRO D 79 -6.71 -24.21 -32.52
CA PRO D 79 -8.18 -24.29 -32.54
C PRO D 79 -8.67 -25.75 -32.69
N ASN D 80 -9.69 -26.15 -31.90
CA ASN D 80 -10.34 -27.48 -31.97
C ASN D 80 -11.63 -27.34 -32.79
N ASP D 81 -11.88 -26.14 -33.31
CA ASP D 81 -13.09 -25.77 -34.10
C ASP D 81 -14.35 -26.39 -33.47
N TYR D 82 -14.44 -26.47 -32.14
CA TYR D 82 -15.61 -27.07 -31.44
C TYR D 82 -16.83 -26.14 -31.60
N LEU D 83 -16.71 -24.86 -31.22
CA LEU D 83 -17.76 -23.83 -31.45
C LEU D 83 -17.64 -23.40 -32.91
N ILE D 84 -18.76 -23.32 -33.65
CA ILE D 84 -18.79 -22.70 -34.99
C ILE D 84 -19.31 -21.27 -34.79
N LEU D 85 -18.71 -20.32 -35.50
CA LEU D 85 -18.81 -18.85 -35.24
C LEU D 85 -19.10 -18.10 -36.55
N LYS D 86 -20.38 -17.76 -36.76
CA LYS D 86 -20.87 -16.84 -37.83
C LYS D 86 -21.33 -15.54 -37.15
N GLY D 87 -21.48 -14.47 -37.93
CA GLY D 87 -21.81 -13.12 -37.44
C GLY D 87 -20.74 -12.15 -37.89
N GLU D 88 -20.90 -10.86 -37.55
CA GLU D 88 -19.90 -9.81 -37.86
C GLU D 88 -18.65 -10.04 -36.99
N HIS D 89 -18.82 -10.65 -35.81
CA HIS D 89 -17.76 -10.86 -34.77
C HIS D 89 -17.82 -12.31 -34.26
N LYS D 90 -16.66 -12.89 -33.95
CA LYS D 90 -16.52 -14.28 -33.45
C LYS D 90 -16.74 -14.30 -31.92
N PHE D 91 -17.74 -15.05 -31.43
CA PHE D 91 -18.00 -15.30 -29.98
C PHE D 91 -17.03 -16.36 -29.44
N ASN D 92 -15.74 -16.03 -29.39
CA ASN D 92 -14.65 -17.00 -29.17
C ASN D 92 -14.40 -17.10 -27.66
N SER D 93 -15.47 -17.31 -26.89
CA SER D 93 -15.44 -17.36 -25.42
C SER D 93 -14.97 -18.74 -25.00
N GLN D 94 -14.48 -18.82 -23.76
CA GLN D 94 -13.92 -20.04 -23.15
C GLN D 94 -14.87 -20.50 -22.06
N TYR D 95 -15.14 -21.81 -21.98
CA TYR D 95 -15.67 -22.49 -20.77
C TYR D 95 -14.99 -23.84 -20.65
N ILE D 96 -15.10 -24.47 -19.48
CA ILE D 96 -14.44 -25.78 -19.22
C ILE D 96 -15.54 -26.77 -18.89
N ARG D 97 -15.39 -27.98 -19.41
CA ARG D 97 -16.29 -29.10 -19.10
C ARG D 97 -15.49 -30.12 -18.31
N ALA D 98 -15.60 -30.09 -16.98
CA ALA D 98 -14.95 -31.00 -16.01
C ALA D 98 -15.47 -30.73 -14.60
N VAL D 99 -15.62 -31.74 -13.76
CA VAL D 99 -16.16 -31.54 -12.39
C VAL D 99 -15.61 -30.24 -11.82
N GLY D 100 -16.44 -29.20 -11.71
CA GLY D 100 -16.06 -27.90 -11.09
C GLY D 100 -16.21 -26.75 -12.06
N GLY D 101 -16.30 -27.04 -13.34
CA GLY D 101 -16.65 -26.01 -14.34
C GLY D 101 -15.52 -25.01 -14.47
N THR D 102 -15.83 -23.82 -14.97
CA THR D 102 -14.83 -22.86 -15.49
C THR D 102 -14.15 -22.08 -14.36
N THR D 103 -14.72 -22.07 -13.14
CA THR D 103 -14.16 -21.39 -11.95
C THR D 103 -12.84 -22.07 -11.56
N TRP D 104 -12.51 -23.23 -12.13
CA TRP D 104 -11.14 -23.80 -12.07
C TRP D 104 -10.11 -22.83 -12.65
N HIS D 105 -10.46 -21.97 -13.60
CA HIS D 105 -9.45 -21.22 -14.40
C HIS D 105 -9.73 -19.72 -14.34
N TRP D 106 -10.72 -19.27 -13.56
CA TRP D 106 -11.07 -17.83 -13.52
C TRP D 106 -10.03 -17.00 -12.75
N ALA D 107 -10.23 -15.68 -12.71
CA ALA D 107 -9.42 -14.67 -11.99
C ALA D 107 -10.07 -14.32 -10.64
N ALA D 108 -11.24 -14.88 -10.37
CA ALA D 108 -11.93 -14.87 -9.05
C ALA D 108 -12.43 -13.47 -8.66
N SER D 109 -12.71 -12.59 -9.63
CA SER D 109 -13.38 -11.28 -9.37
C SER D 109 -14.82 -11.50 -8.92
N ALA D 110 -15.20 -11.01 -7.74
CA ALA D 110 -16.57 -11.17 -7.19
C ALA D 110 -17.20 -9.80 -6.96
N TRP D 111 -17.85 -9.27 -8.00
CA TRP D 111 -18.56 -7.96 -8.00
C TRP D 111 -20.07 -8.14 -7.90
N ARG D 112 -20.72 -7.25 -7.14
CA ARG D 112 -22.18 -7.01 -7.20
C ARG D 112 -22.48 -6.04 -8.36
N PHE D 113 -23.58 -6.29 -9.06
CA PHE D 113 -24.26 -5.32 -9.97
C PHE D 113 -24.76 -4.13 -9.13
N ILE D 114 -24.73 -2.90 -9.68
CA ILE D 114 -25.30 -1.66 -9.06
C ILE D 114 -26.79 -1.59 -9.32
N PRO D 115 -27.57 -0.79 -8.55
CA PRO D 115 -29.04 -0.80 -8.67
C PRO D 115 -29.59 -0.41 -10.06
N ASN D 116 -28.95 0.52 -10.76
CA ASN D 116 -29.38 1.00 -12.11
C ASN D 116 -29.18 -0.09 -13.17
N ASP D 117 -28.47 -1.19 -12.87
CA ASP D 117 -28.24 -2.30 -13.84
C ASP D 117 -29.57 -3.06 -14.04
N PHE D 118 -30.47 -3.06 -13.05
CA PHE D 118 -31.68 -3.92 -13.01
C PHE D 118 -32.87 -3.22 -13.69
N LYS D 119 -32.94 -1.91 -13.55
CA LYS D 119 -34.01 -1.05 -14.12
C LYS D 119 -33.37 -0.30 -15.30
N MET D 120 -32.88 -1.07 -16.28
CA MET D 120 -31.98 -0.61 -17.38
C MET D 120 -32.81 0.10 -18.47
N LYS D 121 -34.02 -0.44 -18.75
CA LYS D 121 -35.06 0.15 -19.64
C LYS D 121 -35.58 1.43 -18.99
N SER D 122 -36.22 1.31 -17.81
CA SER D 122 -36.72 2.43 -16.98
C SER D 122 -35.69 3.57 -16.96
N VAL D 123 -34.53 3.40 -16.34
CA VAL D 123 -33.60 4.55 -16.11
C VAL D 123 -33.12 5.12 -17.45
N TYR D 124 -32.53 4.29 -18.33
CA TYR D 124 -31.73 4.75 -19.50
C TYR D 124 -32.45 4.53 -20.85
N GLY D 125 -33.60 3.82 -20.85
CA GLY D 125 -34.44 3.59 -22.03
C GLY D 125 -33.72 2.76 -23.08
N VAL D 126 -32.91 1.80 -22.62
CA VAL D 126 -32.12 0.84 -23.47
C VAL D 126 -32.26 -0.56 -22.85
N GLY D 127 -31.94 -1.61 -23.61
CA GLY D 127 -32.06 -3.02 -23.18
C GLY D 127 -33.41 -3.30 -22.52
N ARG D 128 -33.43 -4.13 -21.47
CA ARG D 128 -34.65 -4.54 -20.73
C ARG D 128 -34.45 -4.40 -19.22
N ASP D 129 -35.50 -4.72 -18.46
CA ASP D 129 -35.59 -4.55 -16.99
C ASP D 129 -35.64 -5.94 -16.36
N TRP D 130 -34.83 -6.20 -15.35
CA TRP D 130 -34.98 -7.40 -14.49
C TRP D 130 -36.35 -7.32 -13.83
N PRO D 131 -37.08 -8.44 -13.69
CA PRO D 131 -38.30 -8.48 -12.88
C PRO D 131 -38.01 -8.42 -11.37
N ILE D 132 -36.86 -7.84 -11.00
CA ILE D 132 -36.39 -7.66 -9.60
C ILE D 132 -35.44 -6.44 -9.58
N GLN D 133 -35.09 -5.94 -8.40
CA GLN D 133 -34.13 -4.81 -8.22
C GLN D 133 -32.98 -5.23 -7.28
N TYR D 134 -31.90 -4.43 -7.28
CA TYR D 134 -30.64 -4.71 -6.53
C TYR D 134 -30.97 -5.21 -5.13
N ASP D 135 -31.99 -4.61 -4.51
CA ASP D 135 -32.32 -4.83 -3.07
C ASP D 135 -32.84 -6.26 -2.90
N ASP D 136 -33.25 -6.93 -3.99
CA ASP D 136 -33.82 -8.30 -3.94
C ASP D 136 -32.70 -9.33 -3.74
N LEU D 137 -31.54 -9.10 -4.35
CA LEU D 137 -30.36 -10.02 -4.36
C LEU D 137 -29.47 -9.76 -3.16
N GLU D 138 -29.42 -8.50 -2.67
CA GLU D 138 -28.41 -7.98 -1.70
C GLU D 138 -28.19 -9.00 -0.58
N PRO D 139 -29.24 -9.48 0.13
CA PRO D 139 -29.03 -10.44 1.21
C PRO D 139 -28.29 -11.70 0.73
N TYR D 140 -28.47 -12.07 -0.55
CA TYR D 140 -27.90 -13.30 -1.17
C TYR D 140 -26.51 -12.99 -1.72
N TYR D 141 -26.29 -11.80 -2.28
CA TYR D 141 -24.92 -11.33 -2.60
C TYR D 141 -24.03 -11.61 -1.39
N GLN D 142 -24.46 -11.15 -0.20
CA GLN D 142 -23.74 -11.32 1.08
C GLN D 142 -23.48 -12.81 1.29
N ARG D 143 -24.50 -13.66 1.27
CA ARG D 143 -24.34 -15.11 1.57
C ARG D 143 -23.32 -15.76 0.62
N ALA D 144 -23.29 -15.31 -0.64
CA ALA D 144 -22.38 -15.84 -1.67
C ALA D 144 -20.95 -15.37 -1.38
N GLU D 145 -20.80 -14.11 -0.99
CA GLU D 145 -19.52 -13.48 -0.57
C GLU D 145 -18.89 -14.28 0.59
N GLU D 146 -19.73 -14.95 1.39
CA GLU D 146 -19.32 -15.77 2.56
C GLU D 146 -19.06 -17.23 2.14
N GLU D 147 -19.86 -17.77 1.21
CA GLU D 147 -19.68 -19.14 0.66
C GLU D 147 -18.38 -19.21 -0.18
N LEU D 148 -18.12 -18.22 -1.03
CA LEU D 148 -16.89 -18.19 -1.88
C LEU D 148 -15.70 -17.65 -1.06
N GLY D 149 -15.94 -16.84 -0.04
CA GLY D 149 -14.85 -16.20 0.71
C GLY D 149 -14.28 -15.08 -0.12
N VAL D 150 -15.03 -14.00 -0.18
CA VAL D 150 -14.71 -12.79 -0.98
C VAL D 150 -14.05 -11.77 -0.06
N TRP D 151 -12.89 -11.26 -0.45
CA TRP D 151 -12.19 -10.17 0.27
C TRP D 151 -12.58 -8.87 -0.45
N GLY D 152 -12.62 -7.73 0.23
CA GLY D 152 -13.07 -6.47 -0.39
C GLY D 152 -12.73 -5.27 0.47
N PRO D 153 -12.83 -4.03 -0.05
CA PRO D 153 -12.32 -2.86 0.65
C PRO D 153 -13.41 -2.53 1.66
N GLY D 154 -13.16 -1.51 2.47
CA GLY D 154 -14.11 -1.03 3.48
C GLY D 154 -14.69 0.32 3.09
N PRO D 155 -15.41 0.96 4.04
CA PRO D 155 -15.99 2.27 3.84
C PRO D 155 -15.06 3.28 3.12
N GLU D 156 -13.75 3.10 3.16
CA GLU D 156 -12.80 4.07 2.55
C GLU D 156 -13.02 4.21 1.03
N GLU D 157 -13.85 3.36 0.40
CA GLU D 157 -14.07 3.28 -1.07
C GLU D 157 -15.49 2.79 -1.37
N ASP D 158 -16.27 3.57 -2.12
CA ASP D 158 -17.67 3.22 -2.46
C ASP D 158 -17.64 2.37 -3.74
N LEU D 159 -18.01 1.08 -3.65
CA LEU D 159 -18.04 0.15 -4.81
C LEU D 159 -19.35 0.38 -5.59
N TYR D 160 -20.28 1.11 -4.95
CA TYR D 160 -21.55 1.67 -5.49
C TYR D 160 -22.64 0.61 -5.45
N SER D 161 -22.44 -0.44 -4.67
CA SER D 161 -23.46 -1.49 -4.45
C SER D 161 -23.87 -1.47 -2.99
N PRO D 162 -24.80 -0.56 -2.58
CA PRO D 162 -25.20 -0.43 -1.17
C PRO D 162 -25.15 -1.71 -0.33
N ARG D 163 -24.12 -1.82 0.53
CA ARG D 163 -23.85 -3.00 1.40
C ARG D 163 -24.56 -2.86 2.75
N LYS D 164 -25.03 -3.95 3.34
CA LYS D 164 -25.54 -4.00 4.72
C LYS D 164 -24.48 -4.54 5.69
N GLN D 165 -23.51 -5.32 5.19
CA GLN D 165 -22.53 -6.07 6.03
C GLN D 165 -21.14 -5.90 5.42
N PRO D 166 -20.06 -5.73 6.22
CA PRO D 166 -18.71 -5.59 5.66
C PRO D 166 -18.27 -6.93 5.03
N TYR D 167 -17.32 -6.89 4.09
CA TYR D 167 -16.77 -8.09 3.40
C TYR D 167 -16.26 -9.12 4.41
N PRO D 168 -16.50 -10.42 4.18
CA PRO D 168 -16.00 -11.46 5.06
C PRO D 168 -14.50 -11.31 5.37
N MET D 169 -13.69 -10.76 4.46
CA MET D 169 -12.28 -10.40 4.80
C MET D 169 -11.84 -9.16 4.05
N PRO D 170 -10.74 -8.51 4.52
CA PRO D 170 -10.16 -7.36 3.85
C PRO D 170 -9.15 -7.69 2.76
N PRO D 171 -8.79 -6.74 1.89
CA PRO D 171 -7.82 -7.00 0.83
C PRO D 171 -6.47 -7.39 1.45
N LEU D 172 -5.61 -8.09 0.72
CA LEU D 172 -4.16 -8.02 0.96
C LEU D 172 -3.68 -6.70 0.39
N PRO D 173 -2.52 -6.19 0.84
CA PRO D 173 -1.98 -4.93 0.34
C PRO D 173 -1.84 -5.03 -1.19
N LEU D 174 -2.02 -3.91 -1.89
CA LEU D 174 -1.90 -3.89 -3.37
C LEU D 174 -0.42 -3.97 -3.70
N SER D 175 -0.09 -4.44 -4.90
CA SER D 175 1.28 -4.40 -5.47
C SER D 175 1.71 -2.94 -5.61
N PHE D 176 3.01 -2.68 -5.55
CA PHE D 176 3.57 -1.33 -5.84
C PHE D 176 3.05 -0.89 -7.21
N ASN D 177 2.96 -1.84 -8.16
CA ASN D 177 2.42 -1.62 -9.53
C ASN D 177 1.00 -1.07 -9.42
N GLU D 178 0.12 -1.75 -8.70
CA GLU D 178 -1.34 -1.44 -8.72
C GLU D 178 -1.66 -0.26 -7.82
N GLN D 179 -0.88 -0.04 -6.76
CA GLN D 179 -1.13 1.06 -5.79
C GLN D 179 -0.60 2.35 -6.43
N THR D 180 0.56 2.27 -7.08
CA THR D 180 1.22 3.46 -7.65
C THR D 180 0.28 4.03 -8.72
N ILE D 181 -0.28 3.20 -9.58
CA ILE D 181 -1.22 3.62 -10.66
C ILE D 181 -2.54 4.06 -10.03
N LYS D 182 -3.00 3.45 -8.94
CA LYS D 182 -4.25 3.85 -8.22
C LYS D 182 -4.11 5.29 -7.71
N THR D 183 -3.00 5.58 -7.03
CA THR D 183 -2.60 6.95 -6.65
C THR D 183 -2.57 7.79 -7.94
N ALA D 184 -1.64 7.53 -8.86
CA ALA D 184 -1.39 8.31 -10.11
C ALA D 184 -2.69 8.72 -10.81
N LEU D 185 -3.56 7.75 -11.07
CA LEU D 185 -4.79 7.92 -11.89
C LEU D 185 -5.82 8.70 -11.06
N ASN D 186 -6.08 8.31 -9.82
CA ASN D 186 -7.12 8.98 -8.99
C ASN D 186 -6.74 10.44 -8.74
N ASN D 187 -5.43 10.73 -8.63
CA ASN D 187 -4.85 12.11 -8.43
C ASN D 187 -5.19 12.97 -9.66
N TYR D 188 -4.94 12.47 -10.88
CA TYR D 188 -5.21 13.17 -12.16
C TYR D 188 -6.69 13.52 -12.23
N ASP D 189 -7.56 12.51 -12.13
CA ASP D 189 -9.02 12.65 -12.31
C ASP D 189 -9.77 11.75 -11.32
N PRO D 190 -10.34 12.32 -10.24
CA PRO D 190 -11.03 11.53 -9.23
C PRO D 190 -12.28 10.80 -9.71
N LYS D 191 -12.76 11.09 -10.92
CA LYS D 191 -14.04 10.55 -11.45
C LYS D 191 -13.76 9.15 -11.98
N PHE D 192 -12.50 8.87 -12.35
CA PHE D 192 -11.98 7.55 -12.80
C PHE D 192 -12.31 6.47 -11.76
N HIS D 193 -11.95 6.76 -10.51
CA HIS D 193 -12.30 6.01 -9.27
C HIS D 193 -11.76 4.58 -9.33
N VAL D 194 -10.44 4.47 -9.47
CA VAL D 194 -9.67 3.21 -9.25
C VAL D 194 -9.95 2.78 -7.80
N VAL D 195 -10.55 1.60 -7.61
CA VAL D 195 -10.81 0.99 -6.27
C VAL D 195 -10.09 -0.36 -6.18
N THR D 196 -10.06 -0.95 -4.98
CA THR D 196 -9.51 -2.31 -4.77
C THR D 196 -10.65 -3.24 -5.15
N GLU D 197 -10.34 -4.38 -5.75
CA GLU D 197 -11.35 -5.23 -6.43
C GLU D 197 -11.82 -6.30 -5.45
N PRO D 198 -13.14 -6.49 -5.28
CA PRO D 198 -13.62 -7.56 -4.44
C PRO D 198 -13.27 -8.83 -5.24
N VAL D 199 -12.78 -9.88 -4.57
CA VAL D 199 -12.25 -11.13 -5.22
C VAL D 199 -12.45 -12.31 -4.29
N ALA D 200 -12.75 -13.47 -4.84
CA ALA D 200 -12.96 -14.71 -4.06
C ALA D 200 -11.59 -15.36 -3.79
N ARG D 201 -10.84 -14.77 -2.84
CA ARG D 201 -9.39 -14.99 -2.67
C ARG D 201 -9.08 -14.78 -1.19
N ASN D 202 -8.10 -15.51 -0.63
CA ASN D 202 -7.86 -15.54 0.83
C ASN D 202 -6.81 -14.48 1.24
N SER D 203 -7.17 -13.64 2.21
CA SER D 203 -6.25 -12.70 2.90
C SER D 203 -5.86 -13.28 4.25
N ARG D 204 -6.67 -14.20 4.75
CA ARG D 204 -6.38 -15.03 5.95
C ARG D 204 -6.82 -16.45 5.64
N PRO D 205 -6.37 -17.48 6.39
CA PRO D 205 -6.84 -18.83 6.18
C PRO D 205 -8.35 -18.80 6.44
N TYR D 206 -9.14 -19.36 5.52
CA TYR D 206 -10.63 -19.21 5.44
C TYR D 206 -11.27 -20.47 4.85
N ASP D 207 -12.29 -21.00 5.52
CA ASP D 207 -13.11 -22.17 5.08
C ASP D 207 -12.19 -23.33 4.64
N GLY D 208 -11.19 -23.67 5.47
CA GLY D 208 -10.28 -24.81 5.27
C GLY D 208 -9.26 -24.58 4.18
N ARG D 209 -9.09 -23.33 3.71
CA ARG D 209 -8.24 -23.01 2.53
C ARG D 209 -7.21 -21.95 2.92
N PRO D 210 -6.01 -21.93 2.31
CA PRO D 210 -4.93 -21.04 2.75
C PRO D 210 -4.92 -19.62 2.19
N THR D 211 -4.03 -18.80 2.73
CA THR D 211 -3.76 -17.40 2.30
C THR D 211 -3.13 -17.42 0.90
N CYS D 212 -3.51 -16.50 0.02
CA CYS D 212 -2.83 -16.21 -1.27
C CYS D 212 -1.34 -15.91 -1.00
N CYS D 213 -0.41 -16.52 -1.76
CA CYS D 213 1.07 -16.35 -1.61
C CYS D 213 1.70 -15.59 -2.79
N GLY D 214 0.92 -15.13 -3.76
CA GLY D 214 1.41 -14.37 -4.93
C GLY D 214 2.08 -15.24 -5.98
N ASN D 215 1.51 -16.42 -6.24
CA ASN D 215 1.80 -17.33 -7.39
C ASN D 215 1.51 -16.66 -8.74
N ASN D 216 0.61 -15.68 -8.78
CA ASN D 216 0.36 -14.84 -9.97
C ASN D 216 -0.08 -15.75 -11.11
N ASN D 217 -0.90 -16.77 -10.80
CA ASN D 217 -1.32 -17.80 -11.79
C ASN D 217 -2.80 -18.14 -11.62
N CYS D 218 -3.57 -17.16 -11.11
CA CYS D 218 -5.02 -17.30 -10.80
C CYS D 218 -5.74 -17.86 -12.04
N MET D 219 -5.45 -17.24 -13.19
CA MET D 219 -5.64 -17.80 -14.55
C MET D 219 -4.35 -18.48 -15.01
N PRO D 220 -4.35 -19.77 -15.43
CA PRO D 220 -5.52 -20.66 -15.36
C PRO D 220 -5.60 -21.69 -14.22
N ILE D 221 -4.72 -21.63 -13.22
CA ILE D 221 -4.79 -22.57 -12.07
C ILE D 221 -3.97 -22.08 -10.86
N CYS D 222 -4.67 -21.78 -9.78
CA CYS D 222 -4.06 -21.59 -8.45
C CYS D 222 -3.53 -22.93 -8.00
N PRO D 223 -2.24 -23.08 -7.62
CA PRO D 223 -1.70 -24.37 -7.21
C PRO D 223 -2.11 -24.81 -5.80
N ILE D 224 -2.64 -23.91 -4.96
CA ILE D 224 -2.85 -24.12 -3.49
C ILE D 224 -4.31 -23.80 -3.07
N GLY D 225 -5.22 -23.48 -3.99
CA GLY D 225 -6.64 -23.23 -3.64
C GLY D 225 -6.84 -22.03 -2.72
N ALA D 226 -6.00 -21.02 -2.85
CA ALA D 226 -6.07 -19.73 -2.12
C ALA D 226 -7.31 -18.95 -2.58
N MET D 227 -7.53 -18.91 -3.89
CA MET D 227 -8.79 -18.39 -4.48
C MET D 227 -9.80 -19.53 -4.51
N TYR D 228 -11.08 -19.18 -4.60
CA TYR D 228 -12.22 -20.13 -4.67
C TYR D 228 -12.24 -20.82 -6.04
N ASN D 229 -12.68 -22.07 -6.09
CA ASN D 229 -12.94 -22.81 -7.35
C ASN D 229 -14.15 -23.72 -7.11
N GLY D 230 -15.01 -23.86 -8.12
CA GLY D 230 -16.29 -24.57 -8.03
C GLY D 230 -16.13 -25.90 -7.33
N ILE D 231 -14.96 -26.53 -7.48
CA ILE D 231 -14.71 -27.88 -6.89
C ILE D 231 -15.06 -27.86 -5.39
N VAL D 232 -14.90 -26.70 -4.75
CA VAL D 232 -15.09 -26.50 -3.28
C VAL D 232 -16.48 -26.98 -2.89
N HIS D 233 -17.51 -26.52 -3.62
CA HIS D 233 -18.96 -26.79 -3.36
C HIS D 233 -19.36 -28.16 -3.94
N VAL D 234 -18.66 -28.66 -4.97
CA VAL D 234 -18.84 -30.06 -5.45
C VAL D 234 -18.56 -30.96 -4.26
N GLU D 235 -17.37 -30.86 -3.66
CA GLU D 235 -16.93 -31.71 -2.53
C GLU D 235 -17.88 -31.51 -1.33
N LYS D 236 -18.40 -30.29 -1.16
CA LYS D 236 -19.32 -29.94 -0.06
C LYS D 236 -20.64 -30.66 -0.31
N ALA D 237 -21.13 -30.55 -1.56
CA ALA D 237 -22.35 -31.22 -2.05
C ALA D 237 -22.19 -32.71 -1.78
N GLU D 238 -21.17 -33.31 -2.36
CA GLU D 238 -20.79 -34.73 -2.16
C GLU D 238 -20.90 -35.07 -0.66
N ARG D 239 -20.43 -34.20 0.21
CA ARG D 239 -20.32 -34.52 1.66
C ARG D 239 -21.67 -34.40 2.34
N ALA D 240 -22.69 -33.86 1.68
CA ALA D 240 -24.05 -33.72 2.25
C ALA D 240 -24.91 -34.93 1.83
N GLY D 241 -24.42 -35.74 0.88
CA GLY D 241 -25.12 -36.93 0.38
C GLY D 241 -25.38 -36.86 -1.12
N ALA D 242 -25.29 -35.65 -1.73
CA ALA D 242 -25.37 -35.44 -3.19
C ALA D 242 -24.51 -36.49 -3.90
N LYS D 243 -25.01 -37.03 -5.01
CA LYS D 243 -24.36 -38.15 -5.74
C LYS D 243 -23.88 -37.60 -7.09
N LEU D 244 -22.57 -37.60 -7.27
CA LEU D 244 -21.88 -37.04 -8.46
C LEU D 244 -21.68 -38.17 -9.47
N ILE D 245 -22.24 -38.03 -10.67
CA ILE D 245 -21.95 -38.93 -11.83
C ILE D 245 -21.23 -38.09 -12.86
N GLU D 246 -19.96 -38.39 -13.12
CA GLU D 246 -19.15 -37.64 -14.12
C GLU D 246 -19.26 -38.36 -15.47
N ASN D 247 -18.76 -37.73 -16.54
CA ASN D 247 -18.83 -38.25 -17.93
C ASN D 247 -20.28 -38.61 -18.21
N ALA D 248 -21.17 -37.63 -18.14
CA ALA D 248 -22.63 -37.81 -18.18
C ALA D 248 -23.19 -36.62 -18.96
N VAL D 249 -22.88 -36.60 -20.26
CA VAL D 249 -23.23 -35.49 -21.19
C VAL D 249 -24.75 -35.55 -21.40
N VAL D 250 -25.49 -34.58 -20.89
CA VAL D 250 -26.95 -34.46 -21.14
C VAL D 250 -27.15 -33.89 -22.57
N TYR D 251 -28.06 -34.48 -23.36
CA TYR D 251 -28.34 -34.08 -24.78
C TYR D 251 -29.82 -33.74 -24.96
N LYS D 252 -30.67 -34.07 -23.99
CA LYS D 252 -32.15 -33.92 -24.14
C LYS D 252 -32.87 -34.05 -22.79
N LEU D 253 -33.80 -33.12 -22.57
CA LEU D 253 -34.83 -33.20 -21.50
C LEU D 253 -36.10 -33.78 -22.12
N GLU D 254 -36.84 -34.59 -21.34
CA GLU D 254 -38.04 -35.35 -21.79
C GLU D 254 -39.30 -34.70 -21.20
N THR D 255 -40.11 -34.07 -22.07
CA THR D 255 -41.43 -33.45 -21.73
C THR D 255 -42.37 -34.56 -21.22
N GLY D 256 -43.21 -34.22 -20.24
CA GLY D 256 -44.20 -35.13 -19.66
C GLY D 256 -45.61 -34.88 -20.21
N PRO D 257 -46.64 -35.55 -19.64
CA PRO D 257 -48.03 -35.37 -20.08
C PRO D 257 -48.57 -33.94 -19.84
N ASP D 258 -48.15 -33.33 -18.73
CA ASP D 258 -48.68 -32.06 -18.17
C ASP D 258 -47.69 -30.92 -18.37
N LYS D 259 -46.73 -31.05 -19.29
CA LYS D 259 -45.66 -30.06 -19.59
C LYS D 259 -44.58 -30.06 -18.49
N ARG D 260 -44.77 -30.79 -17.38
CA ARG D 260 -43.69 -31.06 -16.40
C ARG D 260 -42.58 -31.81 -17.12
N ILE D 261 -41.34 -31.72 -16.61
CA ILE D 261 -40.17 -32.54 -17.07
C ILE D 261 -40.15 -33.86 -16.28
N VAL D 262 -39.94 -34.97 -16.97
CA VAL D 262 -40.01 -36.35 -16.39
C VAL D 262 -38.59 -36.92 -16.30
N ALA D 263 -37.71 -36.61 -17.27
CA ALA D 263 -36.35 -37.18 -17.34
C ALA D 263 -35.38 -36.34 -18.17
N ALA D 264 -34.09 -36.51 -17.88
CA ALA D 264 -32.94 -36.02 -18.66
C ALA D 264 -32.25 -37.21 -19.33
N LEU D 265 -31.98 -37.09 -20.62
CA LEU D 265 -31.23 -38.12 -21.38
C LEU D 265 -29.76 -37.69 -21.45
N TYR D 266 -28.84 -38.56 -21.01
CA TYR D 266 -27.38 -38.35 -21.09
C TYR D 266 -26.68 -39.54 -21.76
N LYS D 267 -25.65 -39.24 -22.55
CA LYS D 267 -24.69 -40.23 -23.14
C LYS D 267 -23.42 -40.29 -22.26
N ASP D 268 -22.92 -41.50 -21.96
CA ASP D 268 -21.64 -41.71 -21.24
C ASP D 268 -20.46 -41.55 -22.22
N LYS D 269 -19.25 -41.91 -21.79
CA LYS D 269 -17.98 -41.59 -22.51
C LYS D 269 -17.81 -42.47 -23.76
N THR D 270 -18.55 -43.58 -23.88
CA THR D 270 -18.60 -44.45 -25.09
C THR D 270 -19.61 -43.91 -26.10
N GLY D 271 -20.70 -43.26 -25.63
CA GLY D 271 -21.82 -42.77 -26.48
C GLY D 271 -23.13 -43.46 -26.13
N ALA D 272 -23.07 -44.52 -25.31
CA ALA D 272 -24.22 -45.22 -24.66
C ALA D 272 -25.16 -44.19 -24.06
N GLU D 273 -26.47 -44.41 -24.21
CA GLU D 273 -27.54 -43.53 -23.69
C GLU D 273 -27.98 -44.11 -22.33
N HIS D 274 -28.35 -43.22 -21.42
CA HIS D 274 -28.92 -43.46 -20.07
C HIS D 274 -29.93 -42.34 -19.79
N ARG D 275 -30.97 -42.61 -19.00
CA ARG D 275 -32.00 -41.59 -18.65
C ARG D 275 -32.01 -41.45 -17.14
N VAL D 276 -32.19 -40.22 -16.65
CA VAL D 276 -32.33 -39.93 -15.20
C VAL D 276 -33.67 -39.23 -14.94
N GLU D 277 -34.31 -39.66 -13.86
CA GLU D 277 -35.70 -39.31 -13.48
C GLU D 277 -35.63 -38.52 -12.18
N GLY D 278 -36.31 -37.35 -12.14
CA GLY D 278 -36.41 -36.51 -10.94
C GLY D 278 -37.73 -35.76 -10.87
N LYS D 279 -38.18 -35.42 -9.65
CA LYS D 279 -39.31 -34.48 -9.40
C LYS D 279 -38.86 -33.08 -9.80
N TYR D 280 -37.62 -32.68 -9.53
CA TYR D 280 -37.12 -31.32 -9.86
C TYR D 280 -35.84 -31.39 -10.68
N PHE D 281 -35.67 -30.40 -11.57
CA PHE D 281 -34.59 -30.36 -12.60
C PHE D 281 -33.99 -28.95 -12.71
N VAL D 282 -32.69 -28.84 -12.48
CA VAL D 282 -31.95 -27.55 -12.61
C VAL D 282 -30.92 -27.70 -13.73
N LEU D 283 -30.88 -26.76 -14.67
CA LEU D 283 -29.83 -26.70 -15.73
C LEU D 283 -28.79 -25.66 -15.30
N ALA D 284 -27.53 -26.10 -15.10
CA ALA D 284 -26.42 -25.33 -14.50
C ALA D 284 -25.17 -25.47 -15.39
N ALA D 285 -25.39 -25.62 -16.70
CA ALA D 285 -24.40 -26.15 -17.66
C ALA D 285 -23.70 -25.02 -18.43
N ASN D 286 -23.70 -23.81 -17.88
CA ASN D 286 -23.17 -22.57 -18.54
C ASN D 286 -24.16 -22.08 -19.61
N GLY D 287 -23.89 -20.89 -20.16
CA GLY D 287 -24.84 -20.11 -20.96
C GLY D 287 -24.82 -20.46 -22.43
N ILE D 288 -24.05 -21.48 -22.84
CA ILE D 288 -24.02 -21.96 -24.25
C ILE D 288 -24.44 -23.42 -24.31
N GLU D 289 -24.20 -24.18 -23.25
CA GLU D 289 -24.53 -25.62 -23.22
C GLU D 289 -25.94 -25.78 -22.68
N THR D 290 -26.43 -24.79 -21.92
CA THR D 290 -27.79 -24.83 -21.31
C THR D 290 -28.86 -24.56 -22.37
N PRO D 291 -28.75 -23.46 -23.17
CA PRO D 291 -29.61 -23.26 -24.34
C PRO D 291 -29.50 -24.34 -25.43
N LYS D 292 -28.31 -24.92 -25.65
CA LYS D 292 -28.09 -26.05 -26.61
C LYS D 292 -28.87 -27.30 -26.15
N ILE D 293 -28.99 -27.56 -24.85
CA ILE D 293 -29.75 -28.74 -24.36
C ILE D 293 -31.25 -28.49 -24.59
N LEU D 294 -31.71 -27.24 -24.51
CA LEU D 294 -33.16 -26.90 -24.63
C LEU D 294 -33.59 -26.97 -26.11
N LEU D 295 -33.02 -26.14 -26.99
CA LEU D 295 -33.19 -26.21 -28.48
C LEU D 295 -33.12 -27.64 -29.02
N MET D 296 -32.44 -28.57 -28.32
CA MET D 296 -32.16 -29.96 -28.78
C MET D 296 -33.16 -30.97 -28.19
N SER D 297 -34.13 -30.56 -27.39
CA SER D 297 -35.13 -31.49 -26.78
C SER D 297 -36.48 -31.37 -27.50
N ALA D 298 -36.51 -30.48 -28.51
CA ALA D 298 -37.71 -29.94 -29.22
C ALA D 298 -38.57 -31.08 -29.75
N ASN D 299 -39.44 -31.68 -28.92
CA ASN D 299 -40.49 -32.63 -29.39
C ASN D 299 -41.68 -31.82 -29.92
N ARG D 300 -42.72 -32.53 -30.43
CA ARG D 300 -43.90 -31.98 -31.15
C ARG D 300 -44.67 -31.02 -30.25
N ASP D 301 -44.71 -31.32 -28.96
CA ASP D 301 -45.35 -30.50 -27.88
C ASP D 301 -44.71 -29.11 -27.91
N PHE D 302 -43.40 -28.99 -28.21
CA PHE D 302 -42.63 -27.72 -28.28
C PHE D 302 -41.73 -27.71 -29.51
N PRO D 303 -42.31 -27.47 -30.71
CA PRO D 303 -41.59 -27.65 -31.98
C PRO D 303 -40.31 -26.81 -32.12
N ASN D 304 -40.10 -25.80 -31.26
CA ASN D 304 -38.91 -24.91 -31.32
C ASN D 304 -38.03 -25.14 -30.09
N GLY D 305 -38.32 -26.17 -29.28
CA GLY D 305 -37.49 -26.59 -28.14
C GLY D 305 -38.19 -26.39 -26.81
N VAL D 306 -38.01 -27.30 -25.84
CA VAL D 306 -38.56 -27.13 -24.45
C VAL D 306 -38.16 -25.72 -23.96
N ALA D 307 -39.11 -25.05 -23.29
CA ALA D 307 -38.96 -23.70 -22.72
C ALA D 307 -38.92 -22.62 -23.79
N ASN D 308 -39.05 -22.95 -25.09
CA ASN D 308 -38.87 -21.94 -26.18
C ASN D 308 -40.22 -21.42 -26.74
N SER D 309 -41.35 -21.51 -26.01
CA SER D 309 -42.60 -20.80 -26.39
C SER D 309 -42.27 -19.32 -26.64
N SER D 310 -41.18 -18.83 -26.06
CA SER D 310 -40.68 -17.45 -26.24
C SER D 310 -40.04 -17.25 -27.63
N ASP D 311 -39.43 -18.31 -28.19
CA ASP D 311 -38.39 -18.32 -29.27
C ASP D 311 -37.09 -17.62 -28.82
N MET D 312 -36.88 -17.46 -27.50
CA MET D 312 -35.78 -16.64 -26.92
C MET D 312 -34.61 -17.51 -26.40
N VAL D 313 -34.88 -18.76 -25.97
CA VAL D 313 -33.82 -19.78 -25.70
C VAL D 313 -32.66 -19.59 -26.69
N GLY D 314 -31.43 -19.40 -26.20
CA GLY D 314 -30.23 -19.23 -27.03
C GLY D 314 -30.15 -17.88 -27.75
N ARG D 315 -31.16 -17.01 -27.58
CA ARG D 315 -31.19 -15.63 -28.15
C ARG D 315 -30.74 -14.63 -27.08
N ASN D 316 -30.37 -13.41 -27.50
CA ASN D 316 -29.98 -12.29 -26.60
C ASN D 316 -28.62 -12.58 -25.93
N LEU D 317 -27.75 -13.34 -26.59
CA LEU D 317 -26.43 -13.77 -26.09
C LEU D 317 -25.61 -12.53 -25.78
N MET D 318 -25.05 -12.47 -24.57
CA MET D 318 -24.30 -11.31 -24.06
C MET D 318 -22.94 -11.75 -23.48
N ASP D 319 -21.91 -10.96 -23.79
CA ASP D 319 -20.54 -11.00 -23.24
C ASP D 319 -20.12 -9.54 -23.01
N HIS D 320 -18.92 -9.31 -22.50
CA HIS D 320 -18.32 -7.96 -22.36
C HIS D 320 -17.31 -7.78 -23.49
N PRO D 321 -17.73 -7.22 -24.64
CA PRO D 321 -16.76 -6.82 -25.64
C PRO D 321 -15.64 -6.05 -24.95
N GLY D 322 -14.40 -6.53 -25.08
CA GLY D 322 -13.26 -5.94 -24.34
C GLY D 322 -12.27 -5.27 -25.26
N THR D 323 -11.92 -4.04 -24.94
CA THR D 323 -10.86 -3.27 -25.65
C THR D 323 -9.74 -2.99 -24.63
N GLY D 324 -8.52 -2.73 -25.09
CA GLY D 324 -7.36 -2.60 -24.19
C GLY D 324 -6.30 -1.65 -24.72
N VAL D 325 -5.26 -1.42 -23.93
CA VAL D 325 -4.07 -0.62 -24.32
C VAL D 325 -2.87 -1.24 -23.62
N SER D 326 -1.67 -0.90 -24.08
CA SER D 326 -0.39 -1.39 -23.52
C SER D 326 0.70 -0.37 -23.86
N PHE D 327 1.65 -0.18 -22.95
CA PHE D 327 2.77 0.77 -23.16
C PHE D 327 3.91 0.41 -22.22
N TYR D 328 4.95 1.22 -22.22
CA TYR D 328 6.03 1.17 -21.21
C TYR D 328 6.04 2.54 -20.51
N ALA D 329 5.66 2.55 -19.22
CA ALA D 329 5.65 3.74 -18.35
C ALA D 329 7.10 4.18 -18.17
N SER D 330 7.34 5.44 -17.79
CA SER D 330 8.71 5.96 -17.55
C SER D 330 9.28 5.24 -16.33
N GLU D 331 8.41 4.95 -15.36
CA GLU D 331 8.74 4.36 -14.03
C GLU D 331 8.59 2.84 -14.09
N LYS D 332 9.60 2.11 -13.63
CA LYS D 332 9.51 0.69 -13.24
C LYS D 332 8.30 0.45 -12.32
N LEU D 333 7.46 -0.53 -12.61
CA LEU D 333 6.30 -0.90 -11.76
C LEU D 333 6.32 -2.37 -11.34
N TRP D 334 6.84 -3.28 -12.18
CA TRP D 334 7.03 -4.73 -11.91
C TRP D 334 5.69 -5.42 -11.75
N PRO D 335 4.89 -5.51 -12.83
CA PRO D 335 3.66 -6.31 -12.78
C PRO D 335 4.11 -7.76 -12.61
N GLY D 336 3.34 -8.57 -11.87
CA GLY D 336 3.58 -10.02 -11.72
C GLY D 336 3.90 -10.43 -10.29
N ARG D 337 3.54 -9.57 -9.32
CA ARG D 337 3.81 -9.76 -7.87
C ARG D 337 2.46 -9.68 -7.15
N GLY D 338 2.00 -10.82 -6.61
CA GLY D 338 0.67 -10.99 -6.02
C GLY D 338 -0.35 -11.50 -7.04
N PRO D 339 -1.65 -11.33 -6.75
CA PRO D 339 -2.71 -11.63 -7.71
C PRO D 339 -2.53 -10.99 -9.10
N GLN D 340 -3.17 -11.59 -10.11
CA GLN D 340 -3.09 -11.16 -11.53
C GLN D 340 -3.90 -9.88 -11.73
N GLU D 341 -4.80 -9.58 -10.80
CA GLU D 341 -5.73 -8.42 -10.85
C GLU D 341 -6.26 -8.15 -9.43
N MET D 342 -5.92 -6.96 -8.89
CA MET D 342 -6.30 -6.50 -7.52
C MET D 342 -7.16 -5.22 -7.57
N THR D 343 -6.95 -4.35 -8.57
CA THR D 343 -7.70 -3.08 -8.76
C THR D 343 -8.60 -3.13 -10.02
N SER D 344 -9.35 -2.05 -10.22
CA SER D 344 -10.38 -1.87 -11.26
C SER D 344 -10.82 -0.40 -11.21
N LEU D 345 -11.12 0.17 -12.37
CA LEU D 345 -11.53 1.58 -12.58
C LEU D 345 -13.05 1.58 -12.81
N ILE D 346 -13.84 1.96 -11.81
CA ILE D 346 -15.33 1.81 -11.84
C ILE D 346 -15.99 3.18 -12.03
N GLY D 347 -15.23 4.18 -12.50
CA GLY D 347 -15.74 5.55 -12.77
C GLY D 347 -16.92 5.58 -13.74
N PHE D 348 -16.78 4.93 -14.89
CA PHE D 348 -17.71 4.98 -16.03
C PHE D 348 -18.64 3.76 -15.99
N ARG D 349 -18.81 3.13 -14.83
CA ARG D 349 -19.69 1.94 -14.66
C ARG D 349 -21.13 2.37 -14.81
N ASP D 350 -21.38 3.66 -14.51
CA ASP D 350 -22.75 4.25 -14.48
C ASP D 350 -22.69 5.77 -14.71
N GLY D 351 -23.81 6.35 -15.17
CA GLY D 351 -23.90 7.77 -15.56
C GLY D 351 -24.98 7.97 -16.62
N PRO D 352 -25.53 9.20 -16.75
CA PRO D 352 -26.64 9.46 -17.66
C PRO D 352 -26.33 9.02 -19.10
N PHE D 353 -25.06 9.09 -19.54
CA PHE D 353 -24.57 8.75 -20.92
C PHE D 353 -24.96 7.32 -21.33
N ARG D 354 -25.60 6.55 -20.45
CA ARG D 354 -25.86 5.11 -20.66
C ARG D 354 -27.11 4.89 -21.52
N ALA D 355 -27.82 5.95 -21.92
CA ALA D 355 -28.94 5.88 -22.90
C ALA D 355 -28.38 5.91 -24.32
N THR D 356 -27.23 6.55 -24.53
CA THR D 356 -26.59 6.80 -25.84
C THR D 356 -25.44 5.81 -26.10
N GLU D 357 -24.51 5.60 -25.15
CA GLU D 357 -23.31 4.72 -25.34
C GLU D 357 -23.23 3.69 -24.22
N ALA D 358 -22.21 2.81 -24.26
CA ALA D 358 -22.05 1.68 -23.32
C ALA D 358 -21.16 2.08 -22.14
N ALA D 359 -21.52 1.55 -20.98
CA ALA D 359 -20.75 1.61 -19.71
C ALA D 359 -19.59 0.59 -19.78
N LYS D 360 -18.66 0.70 -18.84
CA LYS D 360 -17.43 -0.14 -18.79
C LYS D 360 -16.99 -0.34 -17.34
N LYS D 361 -16.21 -1.40 -17.11
CA LYS D 361 -15.19 -1.46 -16.04
C LYS D 361 -13.84 -1.59 -16.73
N ILE D 362 -12.93 -0.65 -16.50
CA ILE D 362 -11.50 -0.78 -16.93
C ILE D 362 -10.74 -1.43 -15.77
N HIS D 363 -9.74 -2.28 -16.04
CA HIS D 363 -8.89 -2.91 -15.00
C HIS D 363 -7.46 -3.03 -15.46
N LEU D 364 -6.54 -2.61 -14.59
CA LEU D 364 -5.09 -2.84 -14.74
C LEU D 364 -4.76 -4.30 -14.42
N SER D 365 -3.86 -4.87 -15.22
CA SER D 365 -3.26 -6.22 -15.09
C SER D 365 -1.96 -6.12 -14.31
N ASN D 366 -1.77 -7.03 -13.34
CA ASN D 366 -0.53 -7.21 -12.53
C ASN D 366 0.01 -8.59 -12.88
N LEU D 367 -0.37 -9.12 -14.05
CA LEU D 367 0.14 -10.40 -14.62
C LEU D 367 1.62 -10.26 -15.00
N SER D 368 2.43 -11.26 -14.69
CA SER D 368 3.89 -11.30 -14.99
C SER D 368 4.07 -11.24 -16.50
N ARG D 369 5.05 -10.49 -17.00
CA ARG D 369 5.24 -10.34 -18.47
C ARG D 369 6.67 -10.71 -18.86
N ILE D 370 7.35 -11.56 -18.08
CA ILE D 370 8.73 -12.02 -18.40
C ILE D 370 8.74 -12.82 -19.71
N ASP D 371 7.78 -13.72 -19.96
CA ASP D 371 7.76 -14.57 -21.19
C ASP D 371 7.54 -13.63 -22.39
N GLN D 372 6.45 -12.88 -22.35
CA GLN D 372 6.00 -11.99 -23.45
C GLN D 372 7.11 -11.05 -23.89
N GLU D 373 7.77 -10.39 -22.93
CA GLU D 373 8.78 -9.33 -23.21
C GLU D 373 10.09 -9.96 -23.67
N THR D 374 10.38 -11.18 -23.22
CA THR D 374 11.58 -11.95 -23.63
C THR D 374 11.33 -12.41 -25.09
N GLN D 375 10.13 -12.88 -25.42
CA GLN D 375 9.77 -13.29 -26.81
C GLN D 375 9.93 -12.08 -27.75
N LYS D 376 9.33 -10.94 -27.44
CA LYS D 376 9.40 -9.72 -28.29
C LYS D 376 10.85 -9.44 -28.68
N ILE D 377 11.77 -9.46 -27.74
CA ILE D 377 13.20 -9.12 -27.97
C ILE D 377 13.78 -10.12 -28.98
N PHE D 378 13.51 -11.42 -28.82
CA PHE D 378 14.04 -12.50 -29.71
C PHE D 378 13.36 -12.43 -31.08
N LYS D 379 12.12 -11.92 -31.15
CA LYS D 379 11.44 -11.66 -32.44
C LYS D 379 12.16 -10.52 -33.19
N ALA D 380 12.90 -9.65 -32.49
CA ALA D 380 13.69 -8.53 -33.11
C ALA D 380 14.65 -9.06 -34.20
N GLY D 381 15.18 -10.28 -34.03
CA GLY D 381 16.13 -10.92 -34.96
C GLY D 381 17.57 -10.54 -34.64
N LYS D 382 17.76 -9.65 -33.64
CA LYS D 382 19.07 -9.03 -33.32
C LYS D 382 19.73 -9.81 -32.17
N LEU D 383 20.84 -10.50 -32.45
CA LEU D 383 21.68 -11.14 -31.41
C LEU D 383 22.49 -10.08 -30.66
N MET D 384 22.03 -9.66 -29.49
CA MET D 384 22.80 -8.72 -28.62
C MET D 384 23.63 -9.50 -27.61
N LYS D 385 24.62 -8.85 -27.02
CA LYS D 385 25.55 -9.44 -26.01
C LYS D 385 24.75 -9.83 -24.77
N PRO D 386 25.14 -10.91 -24.06
CA PRO D 386 24.42 -11.32 -22.84
C PRO D 386 23.92 -10.13 -22.01
N ASP D 387 24.81 -9.21 -21.64
CA ASP D 387 24.52 -8.18 -20.60
C ASP D 387 23.45 -7.22 -21.11
N GLU D 388 23.48 -6.89 -22.40
CA GLU D 388 22.46 -6.01 -23.04
C GLU D 388 21.08 -6.67 -22.93
N LEU D 389 21.03 -7.98 -23.13
CA LEU D 389 19.75 -8.74 -23.25
C LEU D 389 19.09 -8.75 -21.89
N ASP D 390 19.85 -9.12 -20.86
CA ASP D 390 19.35 -9.24 -19.47
C ASP D 390 18.79 -7.87 -19.08
N ALA D 391 19.61 -6.82 -19.23
CA ALA D 391 19.23 -5.41 -19.01
C ALA D 391 17.86 -5.12 -19.67
N GLN D 392 17.76 -5.36 -20.99
CA GLN D 392 16.54 -5.14 -21.80
C GLN D 392 15.36 -5.94 -21.23
N ILE D 393 15.58 -7.20 -20.83
CA ILE D 393 14.51 -8.05 -20.24
C ILE D 393 13.97 -7.35 -18.99
N ARG D 394 14.86 -6.98 -18.05
CA ARG D 394 14.49 -6.32 -16.78
C ARG D 394 13.72 -5.04 -17.09
N ASP D 395 14.27 -4.20 -17.96
CA ASP D 395 13.65 -2.89 -18.32
C ASP D 395 12.22 -3.11 -18.84
N ARG D 396 12.02 -3.87 -19.91
CA ARG D 396 10.68 -4.07 -20.52
C ARG D 396 9.74 -4.76 -19.52
N SER D 397 10.19 -5.81 -18.82
CA SER D 397 9.34 -6.57 -17.87
C SER D 397 8.89 -5.62 -16.76
N ALA D 398 9.79 -4.76 -16.29
CA ALA D 398 9.52 -3.77 -15.21
C ALA D 398 8.54 -2.69 -15.69
N ARG D 399 8.66 -2.17 -16.92
CA ARG D 399 7.91 -0.95 -17.34
C ARG D 399 6.62 -1.34 -18.04
N TYR D 400 6.47 -2.58 -18.46
CA TYR D 400 5.24 -2.97 -19.18
C TYR D 400 4.01 -2.57 -18.35
N VAL D 401 3.02 -1.99 -19.01
CA VAL D 401 1.69 -1.65 -18.44
C VAL D 401 0.60 -2.02 -19.44
N GLN D 402 -0.51 -2.57 -18.97
CA GLN D 402 -1.61 -2.99 -19.85
C GLN D 402 -2.92 -2.89 -19.08
N PHE D 403 -3.88 -2.10 -19.58
CA PHE D 403 -5.28 -2.02 -19.10
C PHE D 403 -6.07 -2.90 -20.04
N ASP D 404 -7.28 -3.26 -19.64
CA ASP D 404 -8.22 -4.07 -20.44
C ASP D 404 -9.57 -3.75 -19.84
N CYS D 405 -10.68 -3.91 -20.58
CA CYS D 405 -11.98 -3.51 -20.02
C CYS D 405 -13.11 -4.44 -20.43
N PHE D 406 -14.21 -4.28 -19.72
CA PHE D 406 -15.54 -4.81 -20.09
C PHE D 406 -16.27 -3.62 -20.72
N HIS D 407 -17.25 -3.94 -21.56
CA HIS D 407 -18.30 -3.03 -22.05
C HIS D 407 -19.60 -3.81 -21.90
N GLU D 408 -20.68 -3.17 -21.49
CA GLU D 408 -22.04 -3.76 -21.52
C GLU D 408 -22.47 -3.87 -22.98
N ILE D 409 -23.21 -4.92 -23.29
CA ILE D 409 -23.88 -5.12 -24.61
C ILE D 409 -25.31 -5.51 -24.25
N LEU D 410 -26.28 -4.83 -24.86
CA LEU D 410 -27.69 -4.88 -24.41
C LEU D 410 -28.28 -6.12 -25.05
N PRO D 411 -29.26 -6.82 -24.44
CA PRO D 411 -29.80 -8.05 -25.00
C PRO D 411 -30.43 -7.77 -26.38
N GLN D 412 -30.16 -8.64 -27.37
CA GLN D 412 -30.52 -8.50 -28.80
C GLN D 412 -30.82 -9.87 -29.39
N PRO D 413 -32.01 -10.12 -30.01
CA PRO D 413 -32.34 -11.46 -30.52
C PRO D 413 -31.51 -11.99 -31.71
N GLU D 414 -30.83 -11.12 -32.46
CA GLU D 414 -29.99 -11.48 -33.65
C GLU D 414 -28.65 -12.11 -33.19
N ASN D 415 -28.30 -11.97 -31.90
CA ASN D 415 -27.13 -12.58 -31.20
C ASN D 415 -27.59 -13.87 -30.51
N ARG D 416 -27.17 -15.03 -31.02
CA ARG D 416 -27.79 -16.31 -30.61
C ARG D 416 -26.89 -17.52 -30.92
N ILE D 417 -27.22 -18.64 -30.27
CA ILE D 417 -26.49 -19.95 -30.34
C ILE D 417 -27.55 -21.03 -30.55
N VAL D 418 -27.32 -21.87 -31.57
CA VAL D 418 -28.24 -22.96 -32.00
C VAL D 418 -27.41 -24.24 -32.05
N PRO D 419 -28.02 -25.41 -31.75
CA PRO D 419 -27.41 -26.70 -32.08
C PRO D 419 -27.23 -26.72 -33.60
N SER D 420 -26.04 -27.07 -34.11
CA SER D 420 -25.70 -27.04 -35.58
C SER D 420 -26.56 -28.07 -36.31
N LYS D 421 -27.02 -27.68 -37.51
CA LYS D 421 -27.88 -28.49 -38.40
C LYS D 421 -27.02 -29.62 -38.99
N THR D 422 -25.74 -29.32 -39.21
CA THR D 422 -24.77 -30.10 -40.03
C THR D 422 -23.71 -30.71 -39.10
N ALA D 423 -23.07 -29.90 -38.23
CA ALA D 423 -21.82 -30.23 -37.47
C ALA D 423 -22.14 -30.97 -36.15
N THR D 424 -21.35 -32.01 -35.88
CA THR D 424 -21.54 -32.95 -34.75
C THR D 424 -20.21 -33.05 -33.97
N ASP D 425 -20.23 -33.61 -32.76
CA ASP D 425 -19.01 -33.92 -31.98
C ASP D 425 -18.86 -35.43 -32.00
N ALA D 426 -17.90 -35.98 -31.26
CA ALA D 426 -17.43 -37.39 -31.40
C ALA D 426 -18.47 -38.37 -30.86
N ILE D 427 -19.48 -37.91 -30.11
CA ILE D 427 -20.59 -38.81 -29.67
C ILE D 427 -21.92 -38.39 -30.31
N GLY D 428 -21.85 -37.71 -31.47
CA GLY D 428 -23.03 -37.40 -32.31
C GLY D 428 -23.94 -36.34 -31.74
N ILE D 429 -23.52 -35.61 -30.69
CA ILE D 429 -24.25 -34.41 -30.19
C ILE D 429 -23.87 -33.24 -31.09
N PRO D 430 -24.85 -32.44 -31.55
CA PRO D 430 -24.56 -31.26 -32.36
C PRO D 430 -23.73 -30.21 -31.59
N ARG D 431 -22.98 -29.39 -32.33
CA ARG D 431 -21.98 -28.45 -31.77
C ARG D 431 -22.58 -27.05 -31.69
N PRO D 432 -22.18 -26.22 -30.70
CA PRO D 432 -22.66 -24.84 -30.67
C PRO D 432 -22.35 -24.09 -31.97
N GLU D 433 -23.40 -23.57 -32.60
CA GLU D 433 -23.31 -22.59 -33.71
C GLU D 433 -23.77 -21.25 -33.13
N ILE D 434 -22.89 -20.25 -33.15
CA ILE D 434 -23.12 -18.95 -32.44
C ILE D 434 -23.05 -17.82 -33.48
N THR D 435 -24.11 -17.02 -33.59
CA THR D 435 -24.10 -15.78 -34.41
C THR D 435 -24.05 -14.56 -33.50
N TYR D 436 -23.09 -13.66 -33.77
CA TYR D 436 -22.71 -12.52 -32.90
C TYR D 436 -22.25 -11.32 -33.75
N ALA D 437 -22.91 -10.19 -33.55
CA ALA D 437 -22.47 -8.85 -34.03
C ALA D 437 -22.47 -7.89 -32.83
N ILE D 438 -21.69 -6.82 -32.96
CA ILE D 438 -21.49 -5.80 -31.89
C ILE D 438 -22.02 -4.45 -32.40
N ASP D 439 -23.16 -4.05 -31.82
CA ASP D 439 -23.78 -2.69 -31.82
C ASP D 439 -22.81 -1.56 -32.16
N ASP D 440 -23.40 -0.41 -32.49
CA ASP D 440 -22.72 0.92 -32.57
C ASP D 440 -22.65 1.48 -31.14
N TYR D 441 -23.67 1.20 -30.31
CA TYR D 441 -23.74 1.43 -28.83
C TYR D 441 -22.37 1.16 -28.19
N VAL D 442 -21.94 -0.11 -28.31
CA VAL D 442 -20.66 -0.61 -27.74
C VAL D 442 -19.52 0.20 -28.38
N LYS D 443 -19.59 0.44 -29.69
CA LYS D 443 -18.51 1.17 -30.44
C LYS D 443 -18.37 2.61 -29.92
N ARG D 444 -19.49 3.22 -29.51
CA ARG D 444 -19.53 4.64 -29.05
C ARG D 444 -18.76 4.70 -27.72
N GLY D 445 -19.17 3.89 -26.74
CA GLY D 445 -18.44 3.69 -25.48
C GLY D 445 -16.96 3.48 -25.76
N ALA D 446 -16.66 2.48 -26.59
CA ALA D 446 -15.29 1.98 -26.88
C ALA D 446 -14.39 3.12 -27.34
N ALA D 447 -14.96 4.09 -28.07
CA ALA D 447 -14.24 5.27 -28.60
C ALA D 447 -13.88 6.24 -27.47
N HIS D 448 -14.67 6.26 -26.38
CA HIS D 448 -14.43 7.09 -25.16
C HIS D 448 -13.41 6.36 -24.28
N THR D 449 -13.62 5.06 -24.04
CA THR D 449 -12.59 4.16 -23.45
C THR D 449 -11.21 4.47 -24.04
N ARG D 450 -11.13 4.57 -25.36
CA ARG D 450 -9.85 4.79 -26.10
C ARG D 450 -9.22 6.13 -25.66
N GLU D 451 -10.03 7.11 -25.24
CA GLU D 451 -9.54 8.42 -24.74
C GLU D 451 -8.93 8.21 -23.35
N VAL D 452 -9.71 7.66 -22.43
CA VAL D 452 -9.24 7.21 -21.08
C VAL D 452 -7.87 6.51 -21.21
N TYR D 453 -7.75 5.50 -22.08
CA TYR D 453 -6.48 4.74 -22.32
C TYR D 453 -5.34 5.69 -22.70
N ALA D 454 -5.62 6.68 -23.55
CA ALA D 454 -4.62 7.68 -24.03
C ALA D 454 -4.29 8.61 -22.86
N THR D 455 -5.31 8.95 -22.05
CA THR D 455 -5.15 9.73 -20.80
C THR D 455 -4.20 8.97 -19.86
N ALA D 456 -4.51 7.70 -19.58
CA ALA D 456 -3.74 6.79 -18.70
C ALA D 456 -2.29 6.73 -19.19
N ALA D 457 -2.12 6.58 -20.49
CA ALA D 457 -0.83 6.57 -21.22
C ALA D 457 -0.02 7.85 -20.91
N LYS D 458 -0.68 9.00 -20.89
CA LYS D 458 0.00 10.32 -20.80
C LYS D 458 0.40 10.56 -19.35
N VAL D 459 -0.50 10.27 -18.41
CA VAL D 459 -0.26 10.32 -16.94
C VAL D 459 0.97 9.48 -16.64
N LEU D 460 0.95 8.20 -17.00
CA LEU D 460 1.96 7.19 -16.60
C LEU D 460 3.24 7.35 -17.43
N GLY D 461 3.20 8.21 -18.46
CA GLY D 461 4.37 8.69 -19.21
C GLY D 461 4.89 7.64 -20.18
N GLY D 462 4.01 7.08 -21.00
CA GLY D 462 4.24 5.78 -21.65
C GLY D 462 4.66 5.90 -23.10
N THR D 463 5.78 5.27 -23.44
CA THR D 463 6.27 5.04 -24.84
C THR D 463 5.64 3.74 -25.39
N ASP D 464 6.09 3.31 -26.59
CA ASP D 464 5.59 2.20 -27.45
C ASP D 464 4.08 1.98 -27.28
N VAL D 465 3.28 3.02 -27.07
CA VAL D 465 1.81 2.87 -26.84
C VAL D 465 1.23 2.07 -27.98
N VAL D 466 0.42 1.05 -27.66
CA VAL D 466 -0.31 0.21 -28.65
C VAL D 466 -1.76 0.07 -28.18
N PHE D 467 -2.71 0.56 -28.96
CA PHE D 467 -4.16 0.36 -28.69
C PHE D 467 -4.52 -1.03 -29.19
N ASN D 468 -5.64 -1.58 -28.69
CA ASN D 468 -6.21 -2.89 -29.11
C ASN D 468 -7.71 -2.69 -29.25
N ASP D 469 -8.18 -2.30 -30.44
CA ASP D 469 -9.58 -1.87 -30.65
C ASP D 469 -10.42 -3.06 -31.15
N GLU D 470 -9.77 -4.21 -31.37
CA GLU D 470 -10.47 -5.47 -31.72
C GLU D 470 -11.09 -6.06 -30.44
N PHE D 471 -12.42 -6.14 -30.40
CA PHE D 471 -13.21 -6.54 -29.21
C PHE D 471 -12.86 -7.98 -28.84
N ALA D 472 -12.17 -8.15 -27.71
CA ALA D 472 -11.80 -9.48 -27.15
C ALA D 472 -13.03 -10.11 -26.48
N PRO D 473 -13.03 -11.44 -26.27
CA PRO D 473 -14.09 -12.10 -25.50
C PRO D 473 -13.75 -12.01 -24.01
N ASN D 474 -14.74 -12.13 -23.12
CA ASN D 474 -14.51 -12.04 -21.65
C ASN D 474 -15.35 -13.12 -20.96
N ASN D 475 -15.64 -14.20 -21.66
CA ASN D 475 -16.10 -15.48 -21.09
C ASN D 475 -17.29 -15.30 -20.15
N HIS D 476 -17.98 -14.15 -20.19
CA HIS D 476 -19.20 -13.87 -19.37
C HIS D 476 -20.44 -14.12 -20.23
N ILE D 477 -20.92 -15.36 -20.24
CA ILE D 477 -21.83 -15.91 -21.29
C ILE D 477 -23.27 -15.75 -20.80
N THR D 478 -23.94 -14.68 -21.19
CA THR D 478 -25.14 -14.17 -20.47
C THR D 478 -26.37 -14.08 -21.38
N GLY D 479 -27.57 -14.30 -20.81
CA GLY D 479 -28.87 -13.90 -21.37
C GLY D 479 -29.39 -14.85 -22.44
N SER D 480 -29.08 -16.14 -22.32
CA SER D 480 -29.38 -17.22 -23.29
C SER D 480 -30.76 -17.81 -22.98
N THR D 481 -31.12 -17.89 -21.70
CA THR D 481 -32.50 -18.20 -21.26
C THR D 481 -33.01 -16.99 -20.47
N ILE D 482 -33.10 -15.85 -21.15
CA ILE D 482 -33.36 -14.49 -20.56
C ILE D 482 -34.56 -14.56 -19.60
N MET D 483 -34.45 -13.80 -18.50
CA MET D 483 -35.41 -13.79 -17.37
C MET D 483 -36.28 -12.57 -17.58
N GLY D 484 -37.56 -12.62 -17.19
CA GLY D 484 -38.43 -11.46 -17.48
C GLY D 484 -39.80 -11.48 -16.85
N ALA D 485 -40.61 -10.54 -17.34
CA ALA D 485 -41.97 -10.20 -16.89
C ALA D 485 -42.98 -11.24 -17.39
N ASP D 486 -42.96 -11.60 -18.69
CA ASP D 486 -44.00 -12.46 -19.32
C ASP D 486 -43.39 -13.37 -20.42
N ALA D 487 -44.06 -14.51 -20.66
CA ALA D 487 -43.60 -15.72 -21.38
C ALA D 487 -43.54 -15.55 -22.91
N ARG D 488 -43.46 -14.31 -23.39
CA ARG D 488 -43.63 -13.95 -24.83
C ARG D 488 -42.30 -13.41 -25.38
N ASP D 489 -41.48 -12.78 -24.53
CA ASP D 489 -40.13 -12.26 -24.87
C ASP D 489 -39.12 -12.74 -23.81
N SER D 490 -39.44 -13.82 -23.08
CA SER D 490 -38.69 -14.29 -21.89
C SER D 490 -38.92 -15.79 -21.60
N VAL D 491 -37.85 -16.49 -21.15
CA VAL D 491 -37.71 -17.98 -21.00
C VAL D 491 -38.00 -18.41 -19.55
N VAL D 492 -37.67 -17.53 -18.59
CA VAL D 492 -37.71 -17.82 -17.12
C VAL D 492 -38.39 -16.62 -16.40
N ASP D 493 -39.19 -16.96 -15.38
CA ASP D 493 -39.85 -16.02 -14.43
C ASP D 493 -38.76 -15.41 -13.54
N LYS D 494 -39.14 -14.76 -12.44
CA LYS D 494 -38.19 -14.02 -11.57
C LYS D 494 -37.61 -14.96 -10.51
N ASP D 495 -38.16 -16.18 -10.35
CA ASP D 495 -37.68 -17.19 -9.38
C ASP D 495 -36.68 -18.14 -10.08
N CYS D 496 -36.25 -17.75 -11.28
CA CYS D 496 -35.29 -18.50 -12.13
C CYS D 496 -35.88 -19.85 -12.54
N ARG D 497 -37.14 -19.84 -12.96
CA ARG D 497 -37.94 -21.04 -13.30
C ARG D 497 -38.50 -20.86 -14.70
N THR D 498 -38.58 -21.95 -15.45
CA THR D 498 -39.13 -21.94 -16.84
C THR D 498 -40.64 -21.73 -16.75
N PHE D 499 -41.15 -20.77 -17.52
CA PHE D 499 -42.60 -20.56 -17.74
C PHE D 499 -43.24 -21.90 -18.16
N ASP D 500 -42.88 -22.40 -19.36
CA ASP D 500 -43.52 -23.56 -20.04
C ASP D 500 -43.60 -24.81 -19.14
N HIS D 501 -42.62 -25.04 -18.26
CA HIS D 501 -42.56 -26.22 -17.34
C HIS D 501 -42.32 -25.72 -15.91
N PRO D 502 -43.27 -25.94 -14.97
CA PRO D 502 -43.07 -25.54 -13.57
C PRO D 502 -42.18 -26.51 -12.79
N ASN D 503 -41.33 -27.26 -13.51
CA ASN D 503 -40.44 -28.30 -12.93
C ASN D 503 -38.96 -27.92 -13.09
N LEU D 504 -38.70 -26.91 -13.91
CA LEU D 504 -37.41 -26.71 -14.61
C LEU D 504 -36.86 -25.33 -14.25
N PHE D 505 -35.67 -25.30 -13.65
CA PHE D 505 -34.95 -24.10 -13.20
C PHE D 505 -33.64 -23.99 -13.98
N ILE D 506 -33.19 -22.75 -14.21
CA ILE D 506 -31.92 -22.41 -14.90
C ILE D 506 -31.05 -21.66 -13.87
N SER D 507 -29.89 -22.22 -13.52
CA SER D 507 -28.84 -21.58 -12.67
C SER D 507 -27.63 -21.26 -13.53
N SER D 508 -27.59 -20.07 -14.11
CA SER D 508 -26.60 -19.70 -15.14
C SER D 508 -26.70 -18.22 -15.43
N SER D 509 -25.61 -17.59 -15.87
CA SER D 509 -25.68 -16.21 -16.40
C SER D 509 -26.64 -16.19 -17.61
N ALA D 510 -27.07 -17.37 -18.07
CA ALA D 510 -28.18 -17.53 -19.03
C ALA D 510 -29.38 -16.66 -18.61
N THR D 511 -29.80 -16.75 -17.35
CA THR D 511 -31.03 -16.13 -16.79
C THR D 511 -30.92 -14.61 -16.68
N MET D 512 -29.76 -14.00 -16.91
CA MET D 512 -29.57 -12.54 -16.64
C MET D 512 -30.01 -11.71 -17.84
N PRO D 513 -30.97 -10.78 -17.67
CA PRO D 513 -31.30 -9.81 -18.71
C PRO D 513 -30.19 -8.80 -19.03
N THR D 514 -29.56 -8.18 -18.04
CA THR D 514 -28.40 -7.28 -18.30
C THR D 514 -27.11 -8.06 -17.96
N VAL D 515 -26.01 -7.71 -18.62
CA VAL D 515 -24.68 -8.34 -18.44
C VAL D 515 -23.83 -7.39 -17.59
N GLY D 516 -24.29 -6.15 -17.42
CA GLY D 516 -23.67 -5.17 -16.50
C GLY D 516 -22.27 -4.83 -16.97
N THR D 517 -21.46 -4.15 -16.14
CA THR D 517 -20.06 -3.76 -16.47
C THR D 517 -19.04 -4.61 -15.69
N VAL D 518 -19.46 -5.76 -15.15
CA VAL D 518 -18.62 -6.57 -14.20
C VAL D 518 -18.82 -8.07 -14.39
N ASN D 519 -17.72 -8.81 -14.19
CA ASN D 519 -17.68 -10.27 -13.94
C ASN D 519 -19.00 -10.75 -13.31
N VAL D 520 -19.62 -11.74 -13.92
CA VAL D 520 -21.07 -12.09 -13.75
C VAL D 520 -21.24 -13.17 -12.68
N THR D 521 -20.15 -13.82 -12.24
CA THR D 521 -20.26 -15.11 -11.52
C THR D 521 -20.75 -14.91 -10.10
N LEU D 522 -20.38 -13.82 -9.43
CA LEU D 522 -20.89 -13.55 -8.06
C LEU D 522 -22.43 -13.58 -8.12
N THR D 523 -23.03 -12.83 -9.06
CA THR D 523 -24.51 -12.79 -9.29
C THR D 523 -25.05 -14.21 -9.53
N ILE D 524 -24.34 -15.03 -10.33
CA ILE D 524 -24.72 -16.45 -10.57
C ILE D 524 -24.83 -17.15 -9.22
N ALA D 525 -23.91 -16.90 -8.29
CA ALA D 525 -23.84 -17.61 -6.98
C ALA D 525 -25.00 -17.11 -6.11
N ALA D 526 -25.32 -15.81 -6.25
CA ALA D 526 -26.43 -15.14 -5.55
C ALA D 526 -27.75 -15.77 -6.00
N LEU D 527 -27.99 -15.82 -7.32
CA LEU D 527 -29.24 -16.37 -7.91
C LEU D 527 -29.38 -17.84 -7.54
N ALA D 528 -28.31 -18.62 -7.69
CA ALA D 528 -28.17 -20.02 -7.22
C ALA D 528 -28.67 -20.17 -5.79
N LEU D 529 -28.30 -19.24 -4.91
CA LEU D 529 -28.63 -19.38 -3.47
C LEU D 529 -30.09 -19.02 -3.29
N ARG D 530 -30.55 -18.00 -4.04
CA ARG D 530 -31.95 -17.51 -4.03
C ARG D 530 -32.91 -18.63 -4.46
N MET D 531 -32.76 -19.08 -5.70
CA MET D 531 -33.48 -20.26 -6.27
C MET D 531 -33.45 -21.45 -5.30
N SER D 532 -32.30 -21.74 -4.67
CA SER D 532 -32.10 -22.87 -3.74
C SER D 532 -33.13 -22.83 -2.59
N ASP D 533 -33.47 -21.64 -2.12
CA ASP D 533 -34.42 -21.42 -0.99
C ASP D 533 -35.85 -21.58 -1.52
N THR D 534 -36.17 -20.77 -2.55
CA THR D 534 -37.37 -20.86 -3.41
C THR D 534 -37.74 -22.34 -3.62
N LEU D 535 -36.76 -23.22 -3.84
CA LEU D 535 -36.93 -24.63 -4.27
C LEU D 535 -36.96 -25.59 -3.07
N LYS D 536 -36.24 -25.28 -1.99
CA LYS D 536 -36.25 -26.09 -0.74
C LYS D 536 -37.68 -26.18 -0.19
N LYS D 537 -38.47 -25.11 -0.40
CA LYS D 537 -39.89 -24.99 0.03
C LYS D 537 -40.75 -26.04 -0.68
N GLU D 538 -40.75 -26.01 -2.03
CA GLU D 538 -41.53 -26.91 -2.91
C GLU D 538 -41.15 -28.38 -2.68
N VAL D 539 -40.75 -28.73 -1.44
CA VAL D 539 -40.57 -30.12 -0.92
C VAL D 539 -39.71 -30.94 -1.91
#